data_2YU0
#
_entry.id   2YU0
#
_entity_poly.entity_id   1
_entity_poly.type   'polypeptide(L)'
_entity_poly.pdbx_seq_one_letter_code
;GSSGSSGIVLLRGLECINKHYFSLFKSLLARDLNLERDNQEQYTTIQIANMMEEKFPADSGLGKLIEFCEEVPALRKRAE
ILKKERSESGPSSG
;
_entity_poly.pdbx_strand_id   A
#
# COMPACT_ATOMS: atom_id res chain seq x y z
N GLY A 1 -7.85 19.33 -22.15
CA GLY A 1 -7.47 18.55 -20.99
C GLY A 1 -6.59 19.32 -20.03
N SER A 2 -6.91 19.24 -18.75
CA SER A 2 -6.14 19.95 -17.72
C SER A 2 -4.88 19.16 -17.35
N SER A 3 -4.03 19.77 -16.53
CA SER A 3 -2.80 19.14 -16.10
C SER A 3 -2.68 19.17 -14.58
N GLY A 4 -1.62 18.53 -14.07
CA GLY A 4 -1.41 18.48 -12.63
C GLY A 4 -1.79 17.15 -12.02
N SER A 5 -2.12 17.15 -10.73
CA SER A 5 -2.50 15.93 -10.04
C SER A 5 -1.28 15.03 -9.85
N SER A 6 -0.15 15.61 -9.49
CA SER A 6 1.07 14.85 -9.28
C SER A 6 1.43 14.80 -7.80
N GLY A 7 0.42 14.61 -6.95
CA GLY A 7 0.65 14.53 -5.53
C GLY A 7 0.57 13.11 -5.00
N ILE A 8 1.43 12.24 -5.54
CA ILE A 8 1.45 10.84 -5.12
C ILE A 8 2.56 10.59 -4.11
N VAL A 9 2.30 9.73 -3.14
CA VAL A 9 3.29 9.40 -2.11
C VAL A 9 3.35 7.90 -1.88
N LEU A 10 4.55 7.40 -1.63
CA LEU A 10 4.77 5.97 -1.40
C LEU A 10 3.78 5.46 -0.34
N LEU A 11 3.27 6.36 0.47
CA LEU A 11 2.32 6.00 1.53
C LEU A 11 0.89 6.05 1.00
N ARG A 12 0.60 7.05 0.18
CA ARG A 12 -0.73 7.21 -0.39
C ARG A 12 -1.21 5.91 -1.03
N GLY A 13 -0.27 5.02 -1.33
CA GLY A 13 -0.62 3.75 -1.93
C GLY A 13 -1.81 3.09 -1.26
N LEU A 14 -2.07 3.48 -0.02
CA LEU A 14 -3.18 2.91 0.74
C LEU A 14 -4.42 3.79 0.61
N GLU A 15 -4.30 5.05 1.03
CA GLU A 15 -5.41 5.99 0.96
C GLU A 15 -6.02 6.02 -0.44
N CYS A 16 -5.21 5.65 -1.43
CA CYS A 16 -5.66 5.63 -2.82
C CYS A 16 -6.88 4.73 -2.99
N ILE A 17 -6.75 3.49 -2.50
CA ILE A 17 -7.84 2.52 -2.59
C ILE A 17 -8.95 2.85 -1.61
N ASN A 18 -10.14 2.33 -1.87
CA ASN A 18 -11.30 2.56 -1.01
C ASN A 18 -11.26 1.63 0.21
N LYS A 19 -11.69 2.14 1.35
CA LYS A 19 -11.71 1.36 2.58
C LYS A 19 -12.07 -0.09 2.29
N HIS A 20 -13.00 -0.30 1.36
CA HIS A 20 -13.43 -1.64 0.98
C HIS A 20 -12.23 -2.54 0.72
N TYR A 21 -11.49 -2.24 -0.34
CA TYR A 21 -10.31 -3.02 -0.70
C TYR A 21 -9.29 -3.05 0.44
N PHE A 22 -9.10 -1.89 1.06
CA PHE A 22 -8.15 -1.76 2.17
C PHE A 22 -8.32 -2.91 3.15
N SER A 23 -9.55 -3.14 3.59
CA SER A 23 -9.85 -4.20 4.54
C SER A 23 -9.12 -5.49 4.16
N LEU A 24 -9.18 -5.84 2.89
CA LEU A 24 -8.52 -7.05 2.38
C LEU A 24 -7.02 -6.99 2.64
N PHE A 25 -6.42 -5.84 2.34
CA PHE A 25 -4.98 -5.66 2.54
C PHE A 25 -4.59 -6.00 3.97
N LYS A 26 -5.37 -5.51 4.93
CA LYS A 26 -5.09 -5.76 6.34
C LYS A 26 -5.17 -7.26 6.65
N SER A 27 -6.05 -7.95 5.95
CA SER A 27 -6.23 -9.39 6.15
C SER A 27 -5.00 -10.16 5.66
N LEU A 28 -4.50 -9.77 4.49
CA LEU A 28 -3.33 -10.42 3.91
C LEU A 28 -2.08 -10.15 4.75
N LEU A 29 -2.10 -9.06 5.51
CA LEU A 29 -0.97 -8.69 6.35
C LEU A 29 -1.22 -9.13 7.80
N ALA A 30 -2.47 -9.41 8.12
CA ALA A 30 -2.84 -9.83 9.46
C ALA A 30 -1.82 -10.83 10.02
N ARG A 31 -1.34 -11.73 9.16
CA ARG A 31 -0.37 -12.73 9.57
C ARG A 31 1.00 -12.09 9.81
N ASP A 32 1.45 -11.30 8.84
CA ASP A 32 2.74 -10.63 8.95
C ASP A 32 2.74 -9.60 10.08
N LEU A 33 1.88 -8.59 9.96
CA LEU A 33 1.77 -7.54 10.97
C LEU A 33 1.20 -8.10 12.27
N ASN A 34 0.61 -9.28 12.19
CA ASN A 34 0.02 -9.92 13.36
C ASN A 34 -1.17 -9.13 13.88
N LEU A 35 -1.93 -8.54 12.96
CA LEU A 35 -3.10 -7.76 13.32
C LEU A 35 -4.06 -8.57 14.17
N GLU A 36 -5.14 -7.93 14.60
CA GLU A 36 -6.15 -8.61 15.43
C GLU A 36 -6.92 -9.65 14.61
N ARG A 37 -7.82 -10.36 15.27
CA ARG A 37 -8.62 -11.39 14.61
C ARG A 37 -9.97 -10.83 14.17
N ASP A 38 -10.51 -9.92 14.97
CA ASP A 38 -11.80 -9.31 14.68
C ASP A 38 -11.71 -7.79 14.76
N ASN A 39 -10.54 -7.29 15.13
CA ASN A 39 -10.33 -5.85 15.25
C ASN A 39 -9.45 -5.33 14.12
N GLN A 40 -9.61 -5.91 12.94
CA GLN A 40 -8.84 -5.50 11.76
C GLN A 40 -9.51 -4.33 11.05
N GLU A 41 -10.75 -4.03 11.45
CA GLU A 41 -11.49 -2.93 10.83
C GLU A 41 -11.29 -1.65 11.61
N GLN A 42 -11.15 -1.77 12.93
CA GLN A 42 -10.95 -0.61 13.80
C GLN A 42 -9.65 0.11 13.45
N TYR A 43 -8.81 -0.55 12.66
CA TYR A 43 -7.52 0.02 12.27
C TYR A 43 -7.70 1.02 11.13
N THR A 44 -6.64 1.76 10.82
CA THR A 44 -6.67 2.75 9.75
C THR A 44 -5.36 2.76 8.97
N THR A 45 -5.44 3.12 7.69
CA THR A 45 -4.27 3.17 6.84
C THR A 45 -3.06 3.74 7.59
N ILE A 46 -3.34 4.59 8.57
CA ILE A 46 -2.28 5.20 9.36
C ILE A 46 -1.59 4.17 10.26
N GLN A 47 -2.33 3.67 11.25
CA GLN A 47 -1.79 2.67 12.16
C GLN A 47 -1.12 1.54 11.41
N ILE A 48 -1.69 1.17 10.27
CA ILE A 48 -1.13 0.10 9.44
C ILE A 48 0.13 0.55 8.73
N ALA A 49 0.14 1.80 8.29
CA ALA A 49 1.29 2.36 7.59
C ALA A 49 2.55 2.28 8.46
N ASN A 50 2.49 2.89 9.64
CA ASN A 50 3.62 2.88 10.57
C ASN A 50 4.11 1.46 10.81
N MET A 51 3.17 0.53 10.97
CA MET A 51 3.51 -0.86 11.21
C MET A 51 4.39 -1.41 10.09
N MET A 52 4.04 -1.08 8.86
CA MET A 52 4.80 -1.55 7.70
C MET A 52 6.15 -0.83 7.62
N GLU A 53 6.15 0.46 7.92
CA GLU A 53 7.37 1.25 7.88
C GLU A 53 8.52 0.53 8.59
N GLU A 54 8.30 0.15 9.84
CA GLU A 54 9.31 -0.56 10.62
C GLU A 54 9.49 -1.98 10.12
N LYS A 55 8.38 -2.72 10.03
CA LYS A 55 8.42 -4.10 9.56
C LYS A 55 9.15 -4.20 8.23
N PHE A 56 8.56 -3.62 7.18
CA PHE A 56 9.16 -3.64 5.86
C PHE A 56 9.71 -2.27 5.48
N PRO A 57 10.94 -1.98 5.95
CA PRO A 57 11.60 -0.70 5.68
C PRO A 57 12.03 -0.57 4.23
N ALA A 58 11.93 -1.67 3.48
CA ALA A 58 12.30 -1.67 2.07
C ALA A 58 11.42 -0.72 1.26
N ASP A 59 10.11 -0.94 1.33
CA ASP A 59 9.17 -0.11 0.60
C ASP A 59 8.17 0.56 1.57
N SER A 60 8.13 0.05 2.79
CA SER A 60 7.23 0.58 3.81
C SER A 60 5.78 0.22 3.49
N GLY A 61 5.59 -0.92 2.83
CA GLY A 61 4.26 -1.36 2.48
C GLY A 61 3.94 -1.15 1.02
N LEU A 62 4.54 -0.11 0.43
CA LEU A 62 4.31 0.20 -0.98
C LEU A 62 4.29 -1.07 -1.82
N GLY A 63 5.33 -1.89 -1.69
CA GLY A 63 5.42 -3.12 -2.44
C GLY A 63 4.30 -4.08 -2.09
N LYS A 64 4.25 -4.49 -0.83
CA LYS A 64 3.24 -5.43 -0.36
C LYS A 64 1.85 -5.02 -0.89
N LEU A 65 1.62 -3.72 -0.97
CA LEU A 65 0.34 -3.20 -1.46
C LEU A 65 0.23 -3.36 -2.98
N ILE A 66 1.19 -2.81 -3.70
CA ILE A 66 1.20 -2.89 -5.16
C ILE A 66 0.64 -4.23 -5.63
N GLU A 67 1.12 -5.32 -5.03
CA GLU A 67 0.66 -6.65 -5.39
C GLU A 67 -0.84 -6.79 -5.15
N PHE A 68 -1.28 -6.44 -3.95
CA PHE A 68 -2.69 -6.52 -3.60
C PHE A 68 -3.57 -5.90 -4.68
N CYS A 69 -3.00 -4.95 -5.41
CA CYS A 69 -3.73 -4.28 -6.48
C CYS A 69 -3.67 -5.09 -7.77
N GLU A 70 -2.53 -5.71 -8.02
CA GLU A 70 -2.33 -6.51 -9.23
C GLU A 70 -3.39 -7.61 -9.32
N GLU A 71 -3.60 -8.32 -8.22
CA GLU A 71 -4.58 -9.40 -8.17
C GLU A 71 -5.95 -8.91 -8.62
N VAL A 72 -6.30 -7.69 -8.19
CA VAL A 72 -7.59 -7.11 -8.55
C VAL A 72 -7.51 -6.38 -9.88
N PRO A 73 -8.49 -6.64 -10.77
CA PRO A 73 -8.56 -6.02 -12.09
C PRO A 73 -8.88 -4.52 -12.01
N ALA A 74 -9.59 -4.14 -10.95
CA ALA A 74 -9.97 -2.73 -10.76
C ALA A 74 -8.85 -1.95 -10.11
N LEU A 75 -7.79 -2.65 -9.71
CA LEU A 75 -6.65 -2.02 -9.07
C LEU A 75 -5.39 -2.15 -9.93
N ARG A 76 -5.42 -3.11 -10.86
CA ARG A 76 -4.29 -3.34 -11.74
C ARG A 76 -3.84 -2.04 -12.41
N LYS A 77 -4.80 -1.19 -12.73
CA LYS A 77 -4.52 0.10 -13.37
C LYS A 77 -3.65 0.97 -12.46
N ARG A 78 -3.85 0.85 -11.16
CA ARG A 78 -3.09 1.63 -10.19
C ARG A 78 -1.77 0.93 -9.86
N ALA A 79 -1.82 -0.39 -9.70
CA ALA A 79 -0.63 -1.17 -9.39
C ALA A 79 0.56 -0.72 -10.23
N GLU A 80 0.33 -0.61 -11.54
CA GLU A 80 1.39 -0.19 -12.46
C GLU A 80 1.84 1.24 -12.16
N ILE A 81 0.89 2.07 -11.78
CA ILE A 81 1.18 3.46 -11.47
C ILE A 81 2.02 3.58 -10.19
N LEU A 82 1.73 2.72 -9.23
CA LEU A 82 2.47 2.72 -7.96
C LEU A 82 3.90 2.24 -8.16
N LYS A 83 4.05 1.10 -8.82
CA LYS A 83 5.37 0.53 -9.08
C LYS A 83 6.33 1.59 -9.59
N LYS A 84 5.93 2.28 -10.66
CA LYS A 84 6.76 3.33 -11.25
C LYS A 84 7.43 4.17 -10.16
N GLU A 85 6.67 4.54 -9.14
CA GLU A 85 7.19 5.34 -8.04
C GLU A 85 8.12 4.50 -7.17
N ARG A 86 7.73 3.26 -6.92
CA ARG A 86 8.54 2.36 -6.09
C ARG A 86 9.99 2.35 -6.56
N SER A 87 10.19 1.95 -7.81
CA SER A 87 11.54 1.88 -8.38
C SER A 87 12.17 3.27 -8.45
N GLU A 88 13.49 3.32 -8.33
CA GLU A 88 14.21 4.60 -8.38
C GLU A 88 15.37 4.51 -9.37
N SER A 89 16.28 3.58 -9.13
CA SER A 89 17.45 3.40 -9.99
C SER A 89 17.41 2.04 -10.67
N GLY A 90 16.22 1.61 -11.06
CA GLY A 90 16.07 0.31 -11.72
C GLY A 90 16.18 -0.84 -10.75
N PRO A 91 15.33 -1.86 -10.96
CA PRO A 91 15.32 -3.05 -10.10
C PRO A 91 16.56 -3.92 -10.28
N SER A 92 16.66 -4.98 -9.49
CA SER A 92 17.80 -5.88 -9.55
C SER A 92 17.56 -7.01 -10.56
N SER A 93 17.77 -6.70 -11.84
CA SER A 93 17.56 -7.68 -12.89
C SER A 93 18.65 -8.76 -12.85
N GLY A 94 18.23 -9.99 -12.58
CA GLY A 94 19.17 -11.10 -12.52
C GLY A 94 18.66 -12.34 -13.22
N GLY A 1 -5.63 16.13 1.31
CA GLY A 1 -4.59 16.73 2.14
C GLY A 1 -4.77 18.23 2.29
N SER A 2 -4.83 18.71 3.53
CA SER A 2 -5.00 20.12 3.80
C SER A 2 -4.00 20.96 3.00
N SER A 3 -4.48 21.61 1.96
CA SER A 3 -3.63 22.44 1.11
C SER A 3 -2.25 21.82 0.97
N GLY A 4 -2.20 20.50 0.79
CA GLY A 4 -0.93 19.82 0.66
C GLY A 4 -0.63 19.47 -0.78
N SER A 5 0.03 20.38 -1.49
CA SER A 5 0.38 20.16 -2.89
C SER A 5 1.43 19.06 -3.03
N SER A 6 1.38 18.35 -4.15
CA SER A 6 2.34 17.26 -4.40
C SER A 6 2.49 16.38 -3.16
N GLY A 7 1.37 16.13 -2.48
CA GLY A 7 1.41 15.31 -1.28
C GLY A 7 1.25 13.83 -1.59
N ILE A 8 2.03 13.34 -2.54
CA ILE A 8 1.97 11.94 -2.94
C ILE A 8 3.18 11.17 -2.41
N VAL A 9 2.93 10.02 -1.81
CA VAL A 9 3.99 9.19 -1.27
C VAL A 9 3.69 7.70 -1.46
N LEU A 10 4.74 6.90 -1.58
CA LEU A 10 4.58 5.46 -1.78
C LEU A 10 3.57 4.89 -0.79
N LEU A 11 3.49 5.49 0.40
CA LEU A 11 2.57 5.04 1.43
C LEU A 11 1.12 5.37 1.03
N ARG A 12 0.95 6.50 0.38
CA ARG A 12 -0.38 6.94 -0.04
C ARG A 12 -1.16 5.77 -0.66
N GLY A 13 -0.44 4.78 -1.14
CA GLY A 13 -1.07 3.62 -1.74
C GLY A 13 -2.18 3.05 -0.88
N LEU A 14 -2.03 3.20 0.43
CA LEU A 14 -3.04 2.69 1.37
C LEU A 14 -4.32 3.51 1.30
N GLU A 15 -4.17 4.84 1.38
CA GLU A 15 -5.31 5.73 1.33
C GLU A 15 -5.92 5.77 -0.07
N CYS A 16 -5.09 5.53 -1.08
CA CYS A 16 -5.54 5.53 -2.47
C CYS A 16 -6.75 4.62 -2.64
N ILE A 17 -6.59 3.35 -2.28
CA ILE A 17 -7.67 2.37 -2.39
C ILE A 17 -8.81 2.70 -1.43
N ASN A 18 -10.02 2.30 -1.81
CA ASN A 18 -11.20 2.56 -0.97
C ASN A 18 -11.16 1.71 0.29
N LYS A 19 -11.83 2.17 1.33
CA LYS A 19 -11.88 1.45 2.61
C LYS A 19 -12.28 0.00 2.39
N HIS A 20 -13.17 -0.24 1.42
CA HIS A 20 -13.64 -1.58 1.11
C HIS A 20 -12.46 -2.52 0.85
N TYR A 21 -11.62 -2.14 -0.10
CA TYR A 21 -10.45 -2.95 -0.45
C TYR A 21 -9.43 -2.96 0.69
N PHE A 22 -9.33 -1.84 1.39
CA PHE A 22 -8.39 -1.72 2.51
C PHE A 22 -8.57 -2.88 3.49
N SER A 23 -9.82 -3.25 3.74
CA SER A 23 -10.12 -4.35 4.65
C SER A 23 -9.37 -5.62 4.26
N LEU A 24 -9.42 -5.94 2.97
CA LEU A 24 -8.75 -7.13 2.45
C LEU A 24 -7.26 -7.06 2.71
N PHE A 25 -6.64 -5.94 2.37
CA PHE A 25 -5.21 -5.75 2.57
C PHE A 25 -4.81 -6.09 4.00
N LYS A 26 -5.59 -5.61 4.96
CA LYS A 26 -5.32 -5.86 6.38
C LYS A 26 -5.38 -7.36 6.67
N SER A 27 -6.13 -8.09 5.86
CA SER A 27 -6.28 -9.53 6.04
C SER A 27 -5.01 -10.26 5.59
N LEU A 28 -4.44 -9.81 4.47
CA LEU A 28 -3.23 -10.42 3.94
C LEU A 28 -2.00 -10.04 4.77
N LEU A 29 -2.10 -8.89 5.43
CA LEU A 29 -1.00 -8.41 6.27
C LEU A 29 -1.19 -8.83 7.72
N ALA A 30 -2.43 -9.15 8.08
CA ALA A 30 -2.75 -9.57 9.44
C ALA A 30 -1.67 -10.50 9.99
N ARG A 31 -1.16 -11.38 9.14
CA ARG A 31 -0.12 -12.32 9.54
C ARG A 31 1.21 -11.61 9.77
N ASP A 32 1.60 -10.78 8.81
CA ASP A 32 2.85 -10.04 8.89
C ASP A 32 2.78 -9.02 10.03
N LEU A 33 1.88 -8.05 9.90
CA LEU A 33 1.72 -7.02 10.91
C LEU A 33 1.16 -7.60 12.20
N ASN A 34 0.82 -8.88 12.17
CA ASN A 34 0.27 -9.56 13.35
C ASN A 34 -0.92 -8.79 13.91
N LEU A 35 -1.85 -8.43 13.04
CA LEU A 35 -3.04 -7.69 13.44
C LEU A 35 -4.02 -8.61 14.17
N GLU A 36 -5.05 -8.01 14.76
CA GLU A 36 -6.06 -8.77 15.48
C GLU A 36 -7.26 -9.09 14.59
N ARG A 37 -7.29 -10.30 14.06
CA ARG A 37 -8.38 -10.72 13.19
C ARG A 37 -9.72 -10.22 13.72
N ASP A 38 -9.79 -9.99 15.02
CA ASP A 38 -11.03 -9.51 15.65
C ASP A 38 -11.03 -8.00 15.73
N ASN A 39 -9.85 -7.40 15.92
CA ASN A 39 -9.72 -5.95 16.03
C ASN A 39 -8.98 -5.39 14.82
N GLN A 40 -9.34 -5.87 13.63
CA GLN A 40 -8.71 -5.41 12.40
C GLN A 40 -9.40 -4.16 11.86
N GLU A 41 -10.66 -3.96 12.27
CA GLU A 41 -11.42 -2.80 11.83
C GLU A 41 -10.95 -1.53 12.54
N GLN A 42 -10.82 -1.61 13.86
CA GLN A 42 -10.38 -0.48 14.65
C GLN A 42 -9.15 0.20 14.01
N TYR A 43 -8.36 -0.60 13.31
CA TYR A 43 -7.16 -0.09 12.66
C TYR A 43 -7.52 0.72 11.41
N THR A 44 -6.68 1.70 11.09
CA THR A 44 -6.91 2.55 9.93
C THR A 44 -5.66 2.66 9.07
N THR A 45 -5.82 3.16 7.85
CA THR A 45 -4.70 3.32 6.93
C THR A 45 -3.49 3.92 7.65
N ILE A 46 -3.74 4.65 8.72
CA ILE A 46 -2.68 5.28 9.48
C ILE A 46 -1.92 4.26 10.32
N GLN A 47 -2.59 3.72 11.33
CA GLN A 47 -1.96 2.73 12.20
C GLN A 47 -1.23 1.66 11.38
N ILE A 48 -1.95 1.04 10.46
CA ILE A 48 -1.38 0.01 9.61
C ILE A 48 -0.15 0.53 8.88
N ALA A 49 -0.24 1.75 8.36
CA ALA A 49 0.87 2.36 7.65
C ALA A 49 2.12 2.42 8.51
N ASN A 50 1.93 2.53 9.81
CA ASN A 50 3.05 2.61 10.75
C ASN A 50 3.70 1.24 10.92
N MET A 51 2.92 0.26 11.36
CA MET A 51 3.42 -1.09 11.55
C MET A 51 4.30 -1.53 10.37
N MET A 52 3.81 -1.27 9.16
CA MET A 52 4.54 -1.63 7.96
C MET A 52 5.82 -0.83 7.84
N GLU A 53 5.69 0.49 7.91
CA GLU A 53 6.86 1.38 7.82
C GLU A 53 8.03 0.83 8.60
N GLU A 54 7.74 0.06 9.66
CA GLU A 54 8.77 -0.52 10.49
C GLU A 54 9.11 -1.93 10.02
N LYS A 55 8.09 -2.77 9.85
CA LYS A 55 8.29 -4.14 9.40
C LYS A 55 9.21 -4.19 8.18
N PHE A 56 8.77 -3.56 7.10
CA PHE A 56 9.56 -3.53 5.88
C PHE A 56 10.16 -2.15 5.64
N PRO A 57 11.31 -1.89 6.28
CA PRO A 57 12.02 -0.61 6.16
C PRO A 57 12.62 -0.41 4.78
N ALA A 58 12.42 -1.38 3.90
CA ALA A 58 12.95 -1.32 2.55
C ALA A 58 11.92 -0.74 1.58
N ASP A 59 10.74 -1.35 1.55
CA ASP A 59 9.66 -0.89 0.69
C ASP A 59 8.59 -0.15 1.48
N SER A 60 8.57 -0.38 2.78
CA SER A 60 7.59 0.27 3.66
C SER A 60 6.17 -0.15 3.28
N GLY A 61 6.03 -1.36 2.75
CA GLY A 61 4.74 -1.85 2.35
C GLY A 61 4.41 -1.52 0.91
N LEU A 62 5.32 -0.85 0.23
CA LEU A 62 5.13 -0.47 -1.17
C LEU A 62 4.90 -1.71 -2.03
N GLY A 63 5.95 -2.49 -2.23
CA GLY A 63 5.85 -3.69 -3.04
C GLY A 63 4.69 -4.58 -2.61
N LYS A 64 4.50 -4.70 -1.29
CA LYS A 64 3.44 -5.53 -0.75
C LYS A 64 2.07 -5.04 -1.24
N LEU A 65 1.88 -3.73 -1.25
CA LEU A 65 0.62 -3.13 -1.69
C LEU A 65 0.41 -3.39 -3.18
N ILE A 66 1.43 -3.09 -3.98
CA ILE A 66 1.35 -3.29 -5.43
C ILE A 66 0.70 -4.62 -5.77
N GLU A 67 1.20 -5.69 -5.15
CA GLU A 67 0.66 -7.03 -5.39
C GLU A 67 -0.84 -7.07 -5.12
N PHE A 68 -1.24 -6.64 -3.93
CA PHE A 68 -2.65 -6.62 -3.55
C PHE A 68 -3.51 -6.09 -4.68
N CYS A 69 -2.99 -5.08 -5.39
CA CYS A 69 -3.72 -4.48 -6.50
C CYS A 69 -3.63 -5.36 -7.75
N GLU A 70 -2.47 -5.96 -7.96
CA GLU A 70 -2.26 -6.83 -9.11
C GLU A 70 -3.36 -7.87 -9.23
N GLU A 71 -3.62 -8.57 -8.12
CA GLU A 71 -4.65 -9.60 -8.09
C GLU A 71 -6.00 -9.03 -8.55
N VAL A 72 -6.35 -7.86 -8.02
CA VAL A 72 -7.61 -7.22 -8.36
C VAL A 72 -7.48 -6.43 -9.67
N PRO A 73 -8.32 -6.78 -10.65
CA PRO A 73 -8.33 -6.12 -11.95
C PRO A 73 -8.86 -4.68 -11.88
N ALA A 74 -9.30 -4.29 -10.69
CA ALA A 74 -9.82 -2.94 -10.49
C ALA A 74 -8.77 -2.04 -9.86
N LEU A 75 -7.79 -2.64 -9.20
CA LEU A 75 -6.73 -1.89 -8.54
C LEU A 75 -5.45 -1.92 -9.38
N ARG A 76 -5.39 -2.85 -10.32
CA ARG A 76 -4.22 -2.99 -11.18
C ARG A 76 -3.80 -1.64 -11.75
N LYS A 77 -4.79 -0.78 -12.01
CA LYS A 77 -4.52 0.54 -12.55
C LYS A 77 -3.48 1.28 -11.70
N ARG A 78 -3.73 1.35 -10.40
CA ARG A 78 -2.82 2.02 -9.48
C ARG A 78 -1.49 1.26 -9.38
N ALA A 79 -1.58 -0.06 -9.33
CA ALA A 79 -0.39 -0.90 -9.23
C ALA A 79 0.67 -0.47 -10.24
N GLU A 80 0.28 -0.42 -11.50
CA GLU A 80 1.20 -0.03 -12.57
C GLU A 80 1.78 1.36 -12.30
N ILE A 81 1.03 2.16 -11.55
CA ILE A 81 1.46 3.52 -11.22
C ILE A 81 2.46 3.51 -10.06
N LEU A 82 2.19 2.68 -9.06
CA LEU A 82 3.06 2.58 -7.90
C LEU A 82 4.44 2.06 -8.29
N LYS A 83 4.49 1.27 -9.36
CA LYS A 83 5.75 0.71 -9.84
C LYS A 83 6.60 1.79 -10.52
N LYS A 84 6.01 2.46 -11.50
CA LYS A 84 6.71 3.52 -12.23
C LYS A 84 7.58 4.35 -11.28
N GLU A 85 6.96 4.82 -10.20
CA GLU A 85 7.68 5.62 -9.21
C GLU A 85 8.76 4.79 -8.50
N ARG A 86 8.38 3.57 -8.12
CA ARG A 86 9.31 2.68 -7.44
C ARG A 86 10.61 2.53 -8.22
N SER A 87 10.50 2.03 -9.44
CA SER A 87 11.67 1.82 -10.29
C SER A 87 11.61 2.73 -11.52
N GLU A 88 12.74 3.34 -11.84
CA GLU A 88 12.82 4.23 -12.99
C GLU A 88 14.02 3.90 -13.87
N SER A 89 13.83 2.94 -14.77
CA SER A 89 14.90 2.51 -15.67
C SER A 89 16.21 2.33 -14.91
N GLY A 90 16.12 1.74 -13.72
CA GLY A 90 17.31 1.51 -12.91
C GLY A 90 18.33 0.65 -13.62
N PRO A 91 19.59 0.74 -13.16
CA PRO A 91 20.70 -0.04 -13.74
C PRO A 91 20.58 -1.53 -13.44
N SER A 92 20.89 -2.35 -14.44
CA SER A 92 20.80 -3.80 -14.28
C SER A 92 21.70 -4.27 -13.14
N SER A 93 21.12 -5.00 -12.19
CA SER A 93 21.85 -5.51 -11.05
C SER A 93 23.18 -6.13 -11.49
N GLY A 94 24.21 -5.94 -10.68
CA GLY A 94 25.52 -6.50 -11.00
C GLY A 94 26.32 -6.86 -9.77
N GLY A 1 -4.64 17.06 4.72
CA GLY A 1 -5.32 17.90 3.74
C GLY A 1 -5.40 19.34 4.17
N SER A 2 -4.24 19.91 4.52
CA SER A 2 -4.18 21.30 4.96
C SER A 2 -3.41 22.16 3.96
N SER A 3 -4.14 22.76 3.01
CA SER A 3 -3.53 23.60 2.00
C SER A 3 -2.39 22.86 1.29
N GLY A 4 -2.63 21.59 0.96
CA GLY A 4 -1.62 20.79 0.29
C GLY A 4 -2.13 20.15 -0.98
N SER A 5 -2.25 20.94 -2.03
CA SER A 5 -2.73 20.44 -3.32
C SER A 5 -1.95 19.21 -3.75
N SER A 6 -0.63 19.29 -3.66
CA SER A 6 0.23 18.18 -4.05
C SER A 6 0.56 17.30 -2.85
N GLY A 7 -0.47 16.88 -2.13
CA GLY A 7 -0.27 16.04 -0.96
C GLY A 7 -0.31 14.56 -1.30
N ILE A 8 0.78 14.07 -1.89
CA ILE A 8 0.88 12.66 -2.27
C ILE A 8 2.16 12.03 -1.72
N VAL A 9 2.05 10.78 -1.28
CA VAL A 9 3.21 10.06 -0.76
C VAL A 9 3.09 8.57 -1.04
N LEU A 10 4.23 7.87 -0.92
CA LEU A 10 4.26 6.43 -1.16
C LEU A 10 3.28 5.70 -0.25
N LEU A 11 3.00 6.30 0.91
CA LEU A 11 2.07 5.70 1.87
C LEU A 11 0.63 5.91 1.43
N ARG A 12 0.40 6.91 0.59
CA ARG A 12 -0.94 7.21 0.09
C ARG A 12 -1.58 5.96 -0.52
N GLY A 13 -0.74 5.07 -1.04
CA GLY A 13 -1.25 3.84 -1.64
C GLY A 13 -2.35 3.20 -0.82
N LEU A 14 -2.23 3.31 0.51
CA LEU A 14 -3.21 2.72 1.41
C LEU A 14 -4.55 3.46 1.30
N GLU A 15 -4.54 4.73 1.69
CA GLU A 15 -5.75 5.54 1.64
C GLU A 15 -6.35 5.54 0.24
N CYS A 16 -5.49 5.40 -0.77
CA CYS A 16 -5.94 5.39 -2.15
C CYS A 16 -7.10 4.41 -2.34
N ILE A 17 -6.86 3.15 -1.99
CA ILE A 17 -7.88 2.12 -2.12
C ILE A 17 -9.06 2.39 -1.19
N ASN A 18 -10.27 2.21 -1.70
CA ASN A 18 -11.48 2.44 -0.92
C ASN A 18 -11.53 1.51 0.29
N LYS A 19 -12.08 2.01 1.39
CA LYS A 19 -12.18 1.21 2.61
C LYS A 19 -12.52 -0.23 2.30
N HIS A 20 -13.45 -0.45 1.37
CA HIS A 20 -13.85 -1.79 0.98
C HIS A 20 -12.64 -2.66 0.72
N TYR A 21 -11.72 -2.16 -0.10
CA TYR A 21 -10.50 -2.91 -0.43
C TYR A 21 -9.53 -2.93 0.74
N PHE A 22 -9.26 -1.75 1.30
CA PHE A 22 -8.35 -1.63 2.43
C PHE A 22 -8.57 -2.77 3.42
N SER A 23 -9.83 -3.01 3.77
CA SER A 23 -10.17 -4.07 4.71
C SER A 23 -9.45 -5.37 4.36
N LEU A 24 -9.42 -5.69 3.07
CA LEU A 24 -8.76 -6.91 2.60
C LEU A 24 -7.27 -6.87 2.90
N PHE A 25 -6.60 -5.83 2.40
CA PHE A 25 -5.16 -5.68 2.62
C PHE A 25 -4.78 -6.09 4.05
N LYS A 26 -5.51 -5.56 5.02
CA LYS A 26 -5.26 -5.88 6.42
C LYS A 26 -5.27 -7.38 6.66
N SER A 27 -6.26 -8.06 6.08
CA SER A 27 -6.40 -9.51 6.23
C SER A 27 -5.22 -10.22 5.58
N LEU A 28 -4.70 -9.64 4.51
CA LEU A 28 -3.57 -10.23 3.79
C LEU A 28 -2.25 -9.94 4.52
N LEU A 29 -2.23 -8.86 5.28
CA LEU A 29 -1.03 -8.46 6.02
C LEU A 29 -1.14 -8.92 7.47
N ALA A 30 -2.35 -9.24 7.92
CA ALA A 30 -2.58 -9.68 9.28
C ALA A 30 -1.45 -10.58 9.77
N ARG A 31 -1.11 -11.58 8.97
CA ARG A 31 -0.05 -12.52 9.31
C ARG A 31 1.26 -11.78 9.54
N ASP A 32 1.74 -11.09 8.51
CA ASP A 32 2.99 -10.35 8.59
C ASP A 32 2.93 -9.32 9.73
N LEU A 33 2.01 -8.36 9.60
CA LEU A 33 1.85 -7.32 10.61
C LEU A 33 1.47 -7.92 11.95
N ASN A 34 0.94 -9.14 11.93
CA ASN A 34 0.52 -9.84 13.14
C ASN A 34 -0.74 -9.20 13.72
N LEU A 35 -1.65 -8.80 12.84
CA LEU A 35 -2.90 -8.19 13.26
C LEU A 35 -3.86 -9.23 13.82
N GLU A 36 -4.90 -8.76 14.51
CA GLU A 36 -5.88 -9.65 15.11
C GLU A 36 -7.04 -9.92 14.14
N ARG A 37 -6.97 -11.06 13.45
CA ARG A 37 -8.00 -11.44 12.49
C ARG A 37 -9.38 -11.06 13.00
N ASP A 38 -9.52 -10.99 14.32
CA ASP A 38 -10.78 -10.65 14.94
C ASP A 38 -10.87 -9.15 15.22
N ASN A 39 -9.75 -8.56 15.60
CA ASN A 39 -9.69 -7.13 15.90
C ASN A 39 -8.94 -6.38 14.81
N GLN A 40 -9.27 -6.68 13.55
CA GLN A 40 -8.62 -6.03 12.41
C GLN A 40 -9.31 -4.72 12.07
N GLU A 41 -10.57 -4.59 12.49
CA GLU A 41 -11.35 -3.39 12.22
C GLU A 41 -10.76 -2.19 12.96
N GLN A 42 -10.55 -2.34 14.26
CA GLN A 42 -10.00 -1.27 15.08
C GLN A 42 -8.81 -0.60 14.39
N TYR A 43 -8.11 -1.38 13.56
CA TYR A 43 -6.95 -0.87 12.84
C TYR A 43 -7.38 0.01 11.67
N THR A 44 -6.63 1.07 11.42
CA THR A 44 -6.93 1.99 10.32
C THR A 44 -5.75 2.11 9.37
N THR A 45 -6.01 2.72 8.20
CA THR A 45 -4.96 2.89 7.20
C THR A 45 -3.72 3.54 7.81
N ILE A 46 -3.91 4.29 8.89
CA ILE A 46 -2.80 4.95 9.56
C ILE A 46 -2.02 3.97 10.43
N GLN A 47 -2.65 3.52 11.52
CA GLN A 47 -2.01 2.58 12.43
C GLN A 47 -1.30 1.47 11.66
N ILE A 48 -1.89 1.05 10.55
CA ILE A 48 -1.32 0.00 9.73
C ILE A 48 -0.12 0.51 8.95
N ALA A 49 -0.16 1.79 8.58
CA ALA A 49 0.93 2.41 7.84
C ALA A 49 2.23 2.37 8.62
N ASN A 50 2.25 3.05 9.77
CA ASN A 50 3.44 3.09 10.61
C ASN A 50 4.04 1.69 10.78
N MET A 51 3.22 0.74 11.24
CA MET A 51 3.66 -0.62 11.45
C MET A 51 4.48 -1.11 10.26
N MET A 52 3.94 -0.92 9.06
CA MET A 52 4.63 -1.35 7.84
C MET A 52 5.94 -0.58 7.66
N GLU A 53 5.87 0.74 7.73
CA GLU A 53 7.05 1.58 7.58
C GLU A 53 8.23 0.98 8.32
N GLU A 54 7.96 0.32 9.43
CA GLU A 54 9.01 -0.31 10.24
C GLU A 54 9.21 -1.77 9.83
N LYS A 55 8.13 -2.41 9.41
CA LYS A 55 8.18 -3.80 8.99
C LYS A 55 9.07 -3.98 7.76
N PHE A 56 8.76 -3.25 6.71
CA PHE A 56 9.53 -3.31 5.47
C PHE A 56 10.19 -1.98 5.17
N PRO A 57 11.36 -1.74 5.78
CA PRO A 57 12.11 -0.49 5.59
C PRO A 57 12.72 -0.39 4.20
N ALA A 58 12.47 -1.41 3.38
CA ALA A 58 12.99 -1.43 2.01
C ALA A 58 12.08 -0.64 1.07
N ASP A 59 10.79 -0.98 1.08
CA ASP A 59 9.83 -0.30 0.22
C ASP A 59 8.70 0.31 1.05
N SER A 60 8.85 0.25 2.38
CA SER A 60 7.84 0.78 3.28
C SER A 60 6.46 0.24 2.94
N GLY A 61 6.43 -0.94 2.34
CA GLY A 61 5.17 -1.56 1.97
C GLY A 61 4.77 -1.26 0.54
N LEU A 62 5.35 -0.22 -0.04
CA LEU A 62 5.06 0.17 -1.41
C LEU A 62 4.91 -1.07 -2.30
N GLY A 63 5.74 -2.08 -2.05
CA GLY A 63 5.69 -3.29 -2.83
C GLY A 63 4.50 -4.17 -2.45
N LYS A 64 4.45 -4.58 -1.19
CA LYS A 64 3.36 -5.42 -0.70
C LYS A 64 2.02 -4.91 -1.17
N LEU A 65 1.88 -3.59 -1.23
CA LEU A 65 0.64 -2.96 -1.67
C LEU A 65 0.38 -3.23 -3.15
N ILE A 66 1.38 -2.96 -3.98
CA ILE A 66 1.27 -3.17 -5.41
C ILE A 66 0.58 -4.48 -5.72
N GLU A 67 1.15 -5.58 -5.23
CA GLU A 67 0.58 -6.90 -5.45
C GLU A 67 -0.92 -6.90 -5.21
N PHE A 68 -1.33 -6.49 -4.00
CA PHE A 68 -2.73 -6.45 -3.63
C PHE A 68 -3.58 -5.92 -4.79
N CYS A 69 -3.13 -4.83 -5.41
CA CYS A 69 -3.84 -4.25 -6.53
C CYS A 69 -3.79 -5.16 -7.76
N GLU A 70 -2.59 -5.58 -8.13
CA GLU A 70 -2.41 -6.45 -9.29
C GLU A 70 -3.53 -7.48 -9.36
N GLU A 71 -3.67 -8.26 -8.29
CA GLU A 71 -4.71 -9.29 -8.24
C GLU A 71 -6.06 -8.74 -8.69
N VAL A 72 -6.43 -7.58 -8.15
CA VAL A 72 -7.70 -6.95 -8.50
C VAL A 72 -7.55 -6.10 -9.77
N PRO A 73 -8.44 -6.34 -10.74
CA PRO A 73 -8.43 -5.60 -12.01
C PRO A 73 -8.85 -4.14 -11.84
N ALA A 74 -9.58 -3.86 -10.77
CA ALA A 74 -10.04 -2.50 -10.49
C ALA A 74 -8.95 -1.69 -9.80
N LEU A 75 -7.86 -2.35 -9.44
CA LEU A 75 -6.75 -1.69 -8.76
C LEU A 75 -5.47 -1.81 -9.58
N ARG A 76 -5.43 -2.79 -10.48
CA ARG A 76 -4.27 -3.00 -11.32
C ARG A 76 -3.74 -1.67 -11.88
N LYS A 77 -4.62 -0.70 -12.00
CA LYS A 77 -4.25 0.62 -12.50
C LYS A 77 -3.28 1.31 -11.56
N ARG A 78 -3.55 1.22 -10.26
CA ARG A 78 -2.70 1.83 -9.25
C ARG A 78 -1.40 1.05 -9.09
N ALA A 79 -1.49 -0.27 -9.24
CA ALA A 79 -0.31 -1.13 -9.11
C ALA A 79 0.80 -0.69 -10.05
N GLU A 80 0.55 -0.83 -11.35
CA GLU A 80 1.54 -0.44 -12.36
C GLU A 80 2.11 0.93 -12.06
N ILE A 81 1.23 1.92 -11.92
CA ILE A 81 1.65 3.29 -11.64
C ILE A 81 2.68 3.32 -10.52
N LEU A 82 2.44 2.53 -9.48
CA LEU A 82 3.35 2.47 -8.33
C LEU A 82 4.70 1.90 -8.75
N LYS A 83 4.68 0.70 -9.33
CA LYS A 83 5.90 0.04 -9.78
C LYS A 83 6.84 1.04 -10.47
N LYS A 84 6.25 1.97 -11.21
CA LYS A 84 7.02 2.98 -11.92
C LYS A 84 7.86 3.81 -10.95
N GLU A 85 7.25 4.21 -9.85
CA GLU A 85 7.94 5.01 -8.83
C GLU A 85 8.98 4.18 -8.11
N ARG A 86 8.58 3.00 -7.63
CA ARG A 86 9.48 2.12 -6.92
C ARG A 86 10.87 2.12 -7.55
N SER A 87 10.92 1.83 -8.85
CA SER A 87 12.18 1.80 -9.57
C SER A 87 12.65 3.22 -9.91
N GLU A 88 13.96 3.42 -9.94
CA GLU A 88 14.54 4.71 -10.27
C GLU A 88 15.15 4.71 -11.66
N SER A 89 14.35 5.09 -12.65
CA SER A 89 14.82 5.13 -14.03
C SER A 89 15.81 4.01 -14.30
N GLY A 90 15.53 2.83 -13.76
CA GLY A 90 16.41 1.69 -13.95
C GLY A 90 16.16 0.98 -15.26
N PRO A 91 17.23 0.44 -15.86
CA PRO A 91 17.14 -0.28 -17.14
C PRO A 91 16.42 -1.61 -17.00
N SER A 92 15.14 -1.63 -17.35
CA SER A 92 14.34 -2.85 -17.26
C SER A 92 14.61 -3.58 -15.96
N SER A 93 14.64 -2.83 -14.86
CA SER A 93 14.89 -3.41 -13.54
C SER A 93 13.58 -3.66 -12.80
N GLY A 94 12.60 -4.21 -13.51
CA GLY A 94 11.32 -4.49 -12.89
C GLY A 94 10.25 -3.51 -13.32
N GLY A 1 12.00 27.89 0.86
CA GLY A 1 10.76 27.64 1.57
C GLY A 1 10.65 26.19 2.00
N SER A 2 9.81 25.43 1.30
CA SER A 2 9.60 24.02 1.62
C SER A 2 9.51 23.18 0.35
N SER A 3 10.13 22.01 0.39
CA SER A 3 10.13 21.10 -0.76
C SER A 3 8.87 20.24 -0.76
N GLY A 4 8.66 19.52 -1.87
CA GLY A 4 7.49 18.65 -1.98
C GLY A 4 6.71 18.90 -3.25
N SER A 5 7.40 18.84 -4.38
CA SER A 5 6.76 19.07 -5.68
C SER A 5 5.65 18.06 -5.91
N SER A 6 5.96 16.78 -5.74
CA SER A 6 4.99 15.71 -5.93
C SER A 6 4.19 15.47 -4.66
N GLY A 7 4.90 15.40 -3.54
CA GLY A 7 4.24 15.16 -2.26
C GLY A 7 3.94 13.70 -2.02
N ILE A 8 3.44 13.02 -3.05
CA ILE A 8 3.11 11.60 -2.94
C ILE A 8 4.17 10.85 -2.14
N VAL A 9 3.73 10.05 -1.18
CA VAL A 9 4.63 9.27 -0.35
C VAL A 9 4.40 7.78 -0.53
N LEU A 10 5.49 7.02 -0.50
CA LEU A 10 5.41 5.57 -0.66
C LEU A 10 4.20 5.01 0.09
N LEU A 11 3.88 5.61 1.23
CA LEU A 11 2.75 5.17 2.03
C LEU A 11 1.43 5.43 1.32
N ARG A 12 1.34 6.58 0.66
CA ARG A 12 0.13 6.96 -0.06
C ARG A 12 -0.52 5.74 -0.70
N GLY A 13 0.31 4.79 -1.14
CA GLY A 13 -0.20 3.59 -1.77
C GLY A 13 -1.43 3.05 -1.06
N LEU A 14 -1.37 2.96 0.25
CA LEU A 14 -2.51 2.47 1.05
C LEU A 14 -3.74 3.32 0.81
N GLU A 15 -3.66 4.59 1.19
CA GLU A 15 -4.79 5.52 1.03
C GLU A 15 -5.37 5.42 -0.38
N CYS A 16 -4.48 5.28 -1.36
CA CYS A 16 -4.90 5.18 -2.75
C CYS A 16 -6.16 4.32 -2.89
N ILE A 17 -6.07 3.07 -2.41
CA ILE A 17 -7.19 2.16 -2.47
C ILE A 17 -8.26 2.50 -1.42
N ASN A 18 -9.51 2.52 -1.84
CA ASN A 18 -10.61 2.84 -0.94
C ASN A 18 -10.66 1.85 0.22
N LYS A 19 -11.25 2.29 1.34
CA LYS A 19 -11.36 1.43 2.51
C LYS A 19 -11.83 0.04 2.14
N HIS A 20 -12.83 -0.04 1.27
CA HIS A 20 -13.36 -1.32 0.83
C HIS A 20 -12.23 -2.33 0.59
N TYR A 21 -11.38 -2.02 -0.38
CA TYR A 21 -10.25 -2.89 -0.71
C TYR A 21 -9.27 -2.98 0.44
N PHE A 22 -8.96 -1.83 1.04
CA PHE A 22 -8.04 -1.79 2.17
C PHE A 22 -8.30 -2.94 3.14
N SER A 23 -9.57 -3.17 3.45
CA SER A 23 -9.95 -4.23 4.37
C SER A 23 -9.27 -5.54 4.00
N LEU A 24 -9.20 -5.83 2.71
CA LEU A 24 -8.57 -7.05 2.23
C LEU A 24 -7.06 -7.01 2.45
N PHE A 25 -6.49 -5.82 2.30
CA PHE A 25 -5.04 -5.65 2.49
C PHE A 25 -4.63 -6.02 3.91
N LYS A 26 -5.38 -5.53 4.89
CA LYS A 26 -5.10 -5.80 6.29
C LYS A 26 -5.11 -7.31 6.56
N SER A 27 -6.01 -8.02 5.89
CA SER A 27 -6.12 -9.46 6.06
C SER A 27 -4.84 -10.16 5.61
N LEU A 28 -4.31 -9.74 4.47
CA LEU A 28 -3.09 -10.32 3.93
C LEU A 28 -1.90 -10.02 4.83
N LEU A 29 -1.95 -8.87 5.51
CA LEU A 29 -0.88 -8.46 6.40
C LEU A 29 -1.11 -9.01 7.80
N ALA A 30 -2.37 -9.27 8.13
CA ALA A 30 -2.72 -9.79 9.45
C ALA A 30 -1.62 -10.70 9.99
N ARG A 31 -1.23 -11.69 9.18
CA ARG A 31 -0.18 -12.63 9.57
C ARG A 31 1.13 -11.91 9.86
N ASP A 32 1.59 -11.12 8.89
CA ASP A 32 2.83 -10.37 9.05
C ASP A 32 2.75 -9.41 10.22
N LEU A 33 1.83 -8.45 10.13
CA LEU A 33 1.65 -7.46 11.19
C LEU A 33 0.97 -8.09 12.41
N ASN A 34 0.72 -9.39 12.33
CA ASN A 34 0.07 -10.11 13.42
C ASN A 34 -1.15 -9.33 13.93
N LEU A 35 -1.91 -8.78 13.01
CA LEU A 35 -3.11 -8.02 13.37
C LEU A 35 -4.08 -8.88 14.17
N GLU A 36 -5.18 -8.27 14.61
CA GLU A 36 -6.19 -8.98 15.40
C GLU A 36 -6.94 -10.00 14.54
N ARG A 37 -7.63 -10.92 15.19
CA ARG A 37 -8.39 -11.94 14.48
C ARG A 37 -9.72 -11.38 13.98
N ASP A 38 -10.28 -10.44 14.73
CA ASP A 38 -11.55 -9.82 14.36
C ASP A 38 -11.44 -8.30 14.35
N ASN A 39 -10.57 -7.77 15.20
CA ASN A 39 -10.36 -6.33 15.30
C ASN A 39 -9.44 -5.84 14.19
N GLN A 40 -9.68 -6.31 12.97
CA GLN A 40 -8.87 -5.91 11.83
C GLN A 40 -9.41 -4.64 11.19
N GLU A 41 -10.74 -4.53 11.12
CA GLU A 41 -11.38 -3.36 10.54
C GLU A 41 -11.13 -2.12 11.41
N GLN A 42 -11.27 -2.28 12.71
CA GLN A 42 -11.06 -1.18 13.64
C GLN A 42 -9.79 -0.40 13.30
N TYR A 43 -8.85 -1.08 12.66
CA TYR A 43 -7.58 -0.47 12.27
C TYR A 43 -7.78 0.49 11.09
N THR A 44 -6.80 1.35 10.86
CA THR A 44 -6.86 2.32 9.78
C THR A 44 -5.53 2.40 9.03
N THR A 45 -5.58 2.89 7.80
CA THR A 45 -4.38 3.02 6.99
C THR A 45 -3.23 3.60 7.80
N ILE A 46 -3.55 4.52 8.71
CA ILE A 46 -2.55 5.15 9.55
C ILE A 46 -1.85 4.12 10.44
N GLN A 47 -2.60 3.60 11.42
CA GLN A 47 -2.06 2.61 12.34
C GLN A 47 -1.37 1.48 11.59
N ILE A 48 -2.02 1.01 10.53
CA ILE A 48 -1.47 -0.08 9.72
C ILE A 48 -0.16 0.34 9.06
N ALA A 49 -0.11 1.58 8.59
CA ALA A 49 1.09 2.11 7.94
C ALA A 49 2.29 2.04 8.87
N ASN A 50 2.26 2.82 9.94
CA ASN A 50 3.36 2.85 10.90
C ASN A 50 3.95 1.45 11.09
N MET A 51 3.08 0.46 11.28
CA MET A 51 3.52 -0.91 11.47
C MET A 51 4.33 -1.39 10.26
N MET A 52 3.84 -1.09 9.07
CA MET A 52 4.53 -1.48 7.84
C MET A 52 5.85 -0.74 7.69
N GLU A 53 5.84 0.54 8.04
CA GLU A 53 7.05 1.36 7.94
C GLU A 53 8.24 0.68 8.61
N GLU A 54 7.99 0.07 9.76
CA GLU A 54 9.04 -0.63 10.51
C GLU A 54 9.16 -2.07 10.04
N LYS A 55 8.03 -2.74 9.86
CA LYS A 55 8.01 -4.13 9.42
C LYS A 55 8.72 -4.28 8.08
N PHE A 56 8.19 -3.61 7.07
CA PHE A 56 8.77 -3.66 5.72
C PHE A 56 9.43 -2.34 5.36
N PRO A 57 10.68 -2.17 5.82
CA PRO A 57 11.45 -0.95 5.56
C PRO A 57 11.86 -0.82 4.09
N ALA A 58 11.71 -1.91 3.34
CA ALA A 58 12.06 -1.92 1.93
C ALA A 58 11.23 -0.91 1.15
N ASP A 59 9.91 -1.06 1.20
CA ASP A 59 9.01 -0.16 0.49
C ASP A 59 8.09 0.55 1.49
N SER A 60 8.15 0.15 2.74
CA SER A 60 7.32 0.75 3.78
C SER A 60 5.85 0.39 3.57
N GLY A 61 5.61 -0.74 2.90
CA GLY A 61 4.25 -1.17 2.65
C GLY A 61 3.85 -1.01 1.19
N LEU A 62 4.32 0.07 0.58
CA LEU A 62 3.99 0.34 -0.82
C LEU A 62 4.01 -0.94 -1.64
N GLY A 63 5.12 -1.68 -1.57
CA GLY A 63 5.23 -2.93 -2.31
C GLY A 63 4.10 -3.89 -2.01
N LYS A 64 4.07 -4.39 -0.78
CA LYS A 64 3.01 -5.32 -0.36
C LYS A 64 1.65 -4.87 -0.89
N LEU A 65 1.44 -3.56 -0.93
CA LEU A 65 0.17 -3.01 -1.41
C LEU A 65 0.05 -3.16 -2.92
N ILE A 66 1.08 -2.71 -3.64
CA ILE A 66 1.09 -2.80 -5.09
C ILE A 66 0.54 -4.14 -5.56
N GLU A 67 1.11 -5.22 -5.05
CA GLU A 67 0.68 -6.57 -5.41
C GLU A 67 -0.80 -6.76 -5.11
N PHE A 68 -1.21 -6.40 -3.90
CA PHE A 68 -2.60 -6.54 -3.47
C PHE A 68 -3.54 -5.98 -4.54
N CYS A 69 -3.06 -5.00 -5.30
CA CYS A 69 -3.86 -4.39 -6.35
C CYS A 69 -3.90 -5.26 -7.59
N GLU A 70 -2.76 -5.88 -7.91
CA GLU A 70 -2.65 -6.75 -9.08
C GLU A 70 -3.81 -7.74 -9.12
N GLU A 71 -3.89 -8.59 -8.10
CA GLU A 71 -4.93 -9.60 -8.01
C GLU A 71 -6.26 -9.04 -8.53
N VAL A 72 -6.53 -7.78 -8.23
CA VAL A 72 -7.76 -7.13 -8.67
C VAL A 72 -7.58 -6.47 -10.03
N PRO A 73 -8.50 -6.76 -10.96
CA PRO A 73 -8.46 -6.21 -12.32
C PRO A 73 -8.77 -4.71 -12.33
N ALA A 74 -9.53 -4.26 -11.34
CA ALA A 74 -9.90 -2.85 -11.25
C ALA A 74 -8.77 -2.03 -10.62
N LEU A 75 -7.92 -2.69 -9.86
CA LEU A 75 -6.80 -2.03 -9.19
C LEU A 75 -5.53 -2.14 -10.03
N ARG A 76 -5.43 -3.21 -10.80
CA ARG A 76 -4.27 -3.43 -11.65
C ARG A 76 -3.73 -2.10 -12.20
N LYS A 77 -4.56 -1.40 -12.94
CA LYS A 77 -4.18 -0.12 -13.52
C LYS A 77 -3.46 0.76 -12.48
N ARG A 78 -4.01 0.79 -11.28
CA ARG A 78 -3.42 1.58 -10.20
C ARG A 78 -2.06 1.03 -9.81
N ALA A 79 -1.95 -0.29 -9.74
CA ALA A 79 -0.70 -0.94 -9.37
C ALA A 79 0.44 -0.46 -10.25
N GLU A 80 0.34 -0.76 -11.55
CA GLU A 80 1.37 -0.36 -12.50
C GLU A 80 1.79 1.09 -12.29
N ILE A 81 0.81 1.93 -11.95
CA ILE A 81 1.07 3.34 -11.72
C ILE A 81 1.99 3.55 -10.52
N LEU A 82 1.72 2.80 -9.45
CA LEU A 82 2.52 2.90 -8.24
C LEU A 82 3.96 2.50 -8.51
N LYS A 83 4.15 1.34 -9.13
CA LYS A 83 5.48 0.84 -9.45
C LYS A 83 6.30 1.91 -10.15
N LYS A 84 5.68 2.58 -11.13
CA LYS A 84 6.36 3.63 -11.88
C LYS A 84 7.26 4.47 -10.97
N GLU A 85 6.71 4.88 -9.83
CA GLU A 85 7.45 5.68 -8.87
C GLU A 85 8.43 4.81 -8.08
N ARG A 86 7.94 3.71 -7.55
CA ARG A 86 8.76 2.80 -6.77
C ARG A 86 10.18 2.74 -7.33
N SER A 87 10.29 2.54 -8.64
CA SER A 87 11.59 2.46 -9.28
C SER A 87 12.37 3.75 -9.10
N GLU A 88 13.38 3.71 -8.23
CA GLU A 88 14.21 4.89 -7.96
C GLU A 88 15.62 4.69 -8.49
N SER A 89 16.14 3.47 -8.33
CA SER A 89 17.49 3.15 -8.79
C SER A 89 17.44 2.27 -10.04
N GLY A 90 16.61 1.24 -9.99
CA GLY A 90 16.48 0.34 -11.13
C GLY A 90 15.84 -0.98 -10.75
N PRO A 91 15.29 -1.68 -11.75
CA PRO A 91 14.63 -2.97 -11.54
C PRO A 91 15.62 -4.07 -11.18
N SER A 92 16.80 -4.03 -11.81
CA SER A 92 17.83 -5.03 -11.56
C SER A 92 19.11 -4.38 -11.03
N SER A 93 19.80 -5.07 -10.14
CA SER A 93 21.04 -4.56 -9.55
C SER A 93 22.21 -5.49 -9.85
N GLY A 94 23.11 -5.03 -10.72
CA GLY A 94 24.26 -5.84 -11.08
C GLY A 94 25.47 -4.98 -11.43
N GLY A 1 8.32 24.99 9.19
CA GLY A 1 8.00 24.47 7.87
C GLY A 1 6.57 23.94 7.79
N SER A 2 6.43 22.62 7.87
CA SER A 2 5.12 22.00 7.80
C SER A 2 4.39 22.41 6.52
N SER A 3 5.09 22.33 5.40
CA SER A 3 4.51 22.70 4.11
C SER A 3 4.89 21.70 3.03
N GLY A 4 3.90 21.01 2.49
CA GLY A 4 4.14 20.03 1.45
C GLY A 4 3.82 20.56 0.07
N SER A 5 4.55 20.05 -0.94
CA SER A 5 4.33 20.48 -2.31
C SER A 5 4.05 19.28 -3.22
N SER A 6 4.90 18.26 -3.13
CA SER A 6 4.74 17.07 -3.94
C SER A 6 3.47 16.31 -3.55
N GLY A 7 3.07 16.44 -2.28
CA GLY A 7 1.87 15.78 -1.81
C GLY A 7 1.99 14.26 -1.86
N ILE A 8 1.67 13.69 -3.02
CA ILE A 8 1.75 12.25 -3.21
C ILE A 8 2.91 11.66 -2.43
N VAL A 9 2.70 10.48 -1.85
CA VAL A 9 3.74 9.80 -1.09
C VAL A 9 3.53 8.29 -1.09
N LEU A 10 4.63 7.55 -1.16
CA LEU A 10 4.56 6.09 -1.18
C LEU A 10 3.56 5.58 -0.15
N LEU A 11 3.41 6.31 0.95
CA LEU A 11 2.47 5.94 2.00
C LEU A 11 1.04 6.01 1.50
N ARG A 12 0.70 7.12 0.84
CA ARG A 12 -0.64 7.31 0.32
C ARG A 12 -1.15 6.04 -0.37
N GLY A 13 -0.22 5.24 -0.88
CA GLY A 13 -0.59 4.01 -1.55
C GLY A 13 -1.78 3.32 -0.90
N LEU A 14 -1.92 3.52 0.41
CA LEU A 14 -3.02 2.93 1.16
C LEU A 14 -4.30 3.76 1.03
N GLU A 15 -4.17 5.06 1.27
CA GLU A 15 -5.31 5.97 1.19
C GLU A 15 -5.92 5.93 -0.21
N CYS A 16 -5.11 5.56 -1.20
CA CYS A 16 -5.57 5.49 -2.58
C CYS A 16 -6.80 4.60 -2.69
N ILE A 17 -6.64 3.33 -2.31
CA ILE A 17 -7.74 2.37 -2.37
C ILE A 17 -8.85 2.74 -1.39
N ASN A 18 -10.04 2.19 -1.62
CA ASN A 18 -11.19 2.47 -0.75
C ASN A 18 -11.21 1.50 0.43
N LYS A 19 -11.62 2.01 1.59
CA LYS A 19 -11.70 1.19 2.80
C LYS A 19 -12.10 -0.24 2.46
N HIS A 20 -13.07 -0.39 1.56
CA HIS A 20 -13.55 -1.70 1.15
C HIS A 20 -12.38 -2.63 0.85
N TYR A 21 -11.49 -2.19 -0.03
CA TYR A 21 -10.33 -2.99 -0.39
C TYR A 21 -9.31 -3.04 0.73
N PHE A 22 -9.08 -1.88 1.36
CA PHE A 22 -8.12 -1.79 2.46
C PHE A 22 -8.30 -2.96 3.43
N SER A 23 -9.53 -3.20 3.85
CA SER A 23 -9.84 -4.27 4.78
C SER A 23 -9.08 -5.55 4.39
N LEU A 24 -9.23 -5.95 3.12
CA LEU A 24 -8.57 -7.15 2.62
C LEU A 24 -7.06 -7.08 2.86
N PHE A 25 -6.45 -5.97 2.48
CA PHE A 25 -5.02 -5.78 2.66
C PHE A 25 -4.60 -6.12 4.08
N LYS A 26 -5.38 -5.68 5.06
CA LYS A 26 -5.09 -5.94 6.46
C LYS A 26 -5.14 -7.44 6.75
N SER A 27 -6.19 -8.09 6.27
CA SER A 27 -6.37 -9.52 6.48
C SER A 27 -5.15 -10.29 6.00
N LEU A 28 -4.57 -9.84 4.88
CA LEU A 28 -3.40 -10.49 4.31
C LEU A 28 -2.16 -10.20 5.14
N LEU A 29 -1.95 -8.93 5.46
CA LEU A 29 -0.80 -8.51 6.25
C LEU A 29 -1.00 -8.87 7.73
N ALA A 30 -2.23 -9.22 8.08
CA ALA A 30 -2.54 -9.59 9.46
C ALA A 30 -1.49 -10.52 10.04
N ARG A 31 -1.12 -11.54 9.27
CA ARG A 31 -0.12 -12.50 9.70
C ARG A 31 1.19 -11.81 10.07
N ASP A 32 1.78 -11.13 9.09
CA ASP A 32 3.03 -10.42 9.31
C ASP A 32 2.86 -9.31 10.34
N LEU A 33 2.01 -8.33 10.03
CA LEU A 33 1.77 -7.23 10.94
C LEU A 33 1.19 -7.72 12.26
N ASN A 34 0.69 -8.95 12.26
CA ASN A 34 0.11 -9.54 13.45
C ASN A 34 -1.12 -8.77 13.90
N LEU A 35 -1.89 -8.27 12.94
CA LEU A 35 -3.09 -7.50 13.24
C LEU A 35 -4.07 -8.33 14.07
N GLU A 36 -5.22 -7.74 14.37
CA GLU A 36 -6.24 -8.42 15.17
C GLU A 36 -7.54 -8.56 14.38
N ARG A 37 -7.86 -9.79 14.00
CA ARG A 37 -9.08 -10.06 13.24
C ARG A 37 -10.22 -9.15 13.69
N ASP A 38 -10.22 -8.81 14.97
CA ASP A 38 -11.25 -7.93 15.52
C ASP A 38 -10.87 -6.46 15.36
N ASN A 39 -9.66 -6.12 15.78
CA ASN A 39 -9.18 -4.75 15.68
C ASN A 39 -8.79 -4.41 14.24
N GLN A 40 -9.04 -5.35 13.33
CA GLN A 40 -8.71 -5.15 11.93
C GLN A 40 -9.80 -4.33 11.23
N GLU A 41 -10.92 -4.14 11.91
CA GLU A 41 -12.03 -3.37 11.36
C GLU A 41 -11.96 -1.91 11.81
N GLN A 42 -11.12 -1.65 12.81
CA GLN A 42 -10.96 -0.30 13.33
C GLN A 42 -9.69 0.35 12.78
N TYR A 43 -8.61 -0.41 12.76
CA TYR A 43 -7.33 0.09 12.27
C TYR A 43 -7.52 0.90 10.99
N THR A 44 -6.96 2.11 10.96
CA THR A 44 -7.07 2.97 9.80
C THR A 44 -5.83 2.87 8.91
N THR A 45 -5.96 3.29 7.66
CA THR A 45 -4.86 3.24 6.72
C THR A 45 -3.59 3.83 7.33
N ILE A 46 -3.76 4.66 8.34
CA ILE A 46 -2.62 5.28 9.02
C ILE A 46 -1.93 4.29 9.96
N GLN A 47 -2.67 3.83 10.96
CA GLN A 47 -2.13 2.88 11.92
C GLN A 47 -1.43 1.72 11.21
N ILE A 48 -2.11 1.12 10.26
CA ILE A 48 -1.55 0.01 9.50
C ILE A 48 -0.25 0.40 8.81
N ALA A 49 -0.20 1.64 8.33
CA ALA A 49 0.97 2.16 7.64
C ALA A 49 2.18 2.19 8.58
N ASN A 50 1.93 2.52 9.84
CA ASN A 50 3.00 2.59 10.84
C ASN A 50 3.67 1.23 11.01
N MET A 51 2.86 0.20 11.25
CA MET A 51 3.39 -1.15 11.44
C MET A 51 4.28 -1.56 10.27
N MET A 52 3.70 -1.60 9.07
CA MET A 52 4.45 -1.97 7.88
C MET A 52 5.70 -1.10 7.73
N GLU A 53 5.55 0.19 8.00
CA GLU A 53 6.67 1.12 7.89
C GLU A 53 7.88 0.61 8.67
N GLU A 54 7.62 -0.01 9.83
CA GLU A 54 8.68 -0.54 10.67
C GLU A 54 9.10 -1.93 10.20
N LYS A 55 8.11 -2.76 9.89
CA LYS A 55 8.37 -4.13 9.44
C LYS A 55 9.31 -4.12 8.23
N PHE A 56 8.87 -3.49 7.15
CA PHE A 56 9.67 -3.41 5.94
C PHE A 56 10.14 -1.98 5.67
N PRO A 57 11.25 -1.59 6.33
CA PRO A 57 11.82 -0.24 6.19
C PRO A 57 12.43 -0.02 4.81
N ALA A 58 12.35 -1.03 3.96
CA ALA A 58 12.89 -0.94 2.61
C ALA A 58 11.87 -0.38 1.63
N ASP A 59 10.70 -1.01 1.58
CA ASP A 59 9.63 -0.57 0.70
C ASP A 59 8.47 0.01 1.49
N SER A 60 8.50 -0.19 2.80
CA SER A 60 7.44 0.31 3.68
C SER A 60 6.09 -0.31 3.32
N GLY A 61 6.13 -1.56 2.84
CA GLY A 61 4.91 -2.24 2.47
C GLY A 61 4.47 -1.92 1.06
N LEU A 62 5.08 -0.90 0.47
CA LEU A 62 4.75 -0.48 -0.89
C LEU A 62 4.52 -1.70 -1.79
N GLY A 63 5.46 -2.64 -1.74
CA GLY A 63 5.34 -3.84 -2.56
C GLY A 63 4.09 -4.63 -2.24
N LYS A 64 3.98 -5.08 -0.99
CA LYS A 64 2.82 -5.86 -0.57
C LYS A 64 1.52 -5.24 -1.07
N LEU A 65 1.49 -3.91 -1.11
CA LEU A 65 0.30 -3.18 -1.57
C LEU A 65 0.15 -3.32 -3.08
N ILE A 66 1.20 -2.99 -3.82
CA ILE A 66 1.17 -3.08 -5.27
C ILE A 66 0.57 -4.41 -5.73
N GLU A 67 1.18 -5.51 -5.29
CA GLU A 67 0.70 -6.83 -5.67
C GLU A 67 -0.80 -6.96 -5.39
N PHE A 68 -1.23 -6.49 -4.22
CA PHE A 68 -2.63 -6.56 -3.84
C PHE A 68 -3.50 -5.83 -4.85
N CYS A 69 -2.93 -4.84 -5.52
CA CYS A 69 -3.65 -4.06 -6.52
C CYS A 69 -3.64 -4.76 -7.86
N GLU A 70 -2.70 -5.67 -8.05
CA GLU A 70 -2.58 -6.42 -9.29
C GLU A 70 -3.61 -7.55 -9.36
N GLU A 71 -3.87 -8.17 -8.21
CA GLU A 71 -4.82 -9.27 -8.14
C GLU A 71 -6.23 -8.78 -8.49
N VAL A 72 -6.40 -7.47 -8.52
CA VAL A 72 -7.69 -6.87 -8.84
C VAL A 72 -7.65 -6.13 -10.18
N PRO A 73 -8.69 -6.34 -11.00
CA PRO A 73 -8.79 -5.70 -12.32
C PRO A 73 -9.04 -4.19 -12.21
N ALA A 74 -9.39 -3.73 -11.01
CA ALA A 74 -9.66 -2.32 -10.78
C ALA A 74 -8.47 -1.64 -10.11
N LEU A 75 -7.70 -2.43 -9.36
CA LEU A 75 -6.52 -1.90 -8.66
C LEU A 75 -5.27 -2.03 -9.53
N ARG A 76 -5.30 -2.96 -10.48
CA ARG A 76 -4.17 -3.18 -11.37
C ARG A 76 -3.69 -1.87 -11.96
N LYS A 77 -4.60 -0.92 -12.12
CA LYS A 77 -4.26 0.39 -12.67
C LYS A 77 -3.28 1.13 -11.76
N ARG A 78 -3.61 1.22 -10.48
CA ARG A 78 -2.76 1.90 -9.51
C ARG A 78 -1.42 1.18 -9.37
N ALA A 79 -1.46 -0.15 -9.41
CA ALA A 79 -0.25 -0.95 -9.28
C ALA A 79 0.80 -0.51 -10.30
N GLU A 80 0.50 -0.71 -11.58
CA GLU A 80 1.42 -0.34 -12.65
C GLU A 80 1.95 1.08 -12.44
N ILE A 81 1.11 1.94 -11.88
CA ILE A 81 1.49 3.32 -11.63
C ILE A 81 2.53 3.42 -10.51
N LEU A 82 2.30 2.68 -9.43
CA LEU A 82 3.20 2.67 -8.29
C LEU A 82 4.60 2.24 -8.71
N LYS A 83 4.67 1.31 -9.65
CA LYS A 83 5.94 0.80 -10.15
C LYS A 83 6.67 1.88 -10.95
N LYS A 84 5.91 2.73 -11.62
CA LYS A 84 6.49 3.80 -12.43
C LYS A 84 7.36 4.70 -11.57
N GLU A 85 6.98 4.89 -10.32
CA GLU A 85 7.74 5.73 -9.40
C GLU A 85 8.78 4.90 -8.65
N ARG A 86 8.34 3.80 -8.05
CA ARG A 86 9.22 2.93 -7.30
C ARG A 86 10.56 2.74 -8.04
N SER A 87 10.46 2.47 -9.34
CA SER A 87 11.66 2.27 -10.15
C SER A 87 11.77 3.35 -11.23
N GLU A 88 12.99 3.84 -11.43
CA GLU A 88 13.24 4.88 -12.42
C GLU A 88 13.82 4.28 -13.70
N SER A 89 14.87 3.47 -13.54
CA SER A 89 15.52 2.84 -14.69
C SER A 89 15.22 1.34 -14.72
N GLY A 90 15.20 0.72 -13.54
CA GLY A 90 14.92 -0.71 -13.47
C GLY A 90 13.78 -1.12 -14.38
N PRO A 91 13.87 -2.35 -14.91
CA PRO A 91 12.84 -2.91 -15.81
C PRO A 91 11.54 -3.20 -15.08
N SER A 92 11.54 -3.02 -13.77
CA SER A 92 10.35 -3.27 -12.96
C SER A 92 9.16 -2.47 -13.48
N SER A 93 8.28 -3.14 -14.22
CA SER A 93 7.10 -2.48 -14.78
C SER A 93 5.84 -3.30 -14.48
N GLY A 94 4.69 -2.66 -14.65
CA GLY A 94 3.42 -3.33 -14.39
C GLY A 94 2.41 -3.10 -15.49
N GLY A 1 -4.58 19.63 -20.16
CA GLY A 1 -4.74 20.24 -18.85
C GLY A 1 -3.51 21.00 -18.40
N SER A 2 -3.64 21.76 -17.33
CA SER A 2 -2.53 22.55 -16.80
C SER A 2 -2.32 22.26 -15.32
N SER A 3 -3.40 22.24 -14.56
CA SER A 3 -3.34 21.98 -13.13
C SER A 3 -2.84 20.57 -12.85
N GLY A 4 -1.61 20.46 -12.38
CA GLY A 4 -1.04 19.16 -12.09
C GLY A 4 -0.65 19.01 -10.63
N SER A 5 -1.52 18.39 -9.85
CA SER A 5 -1.27 18.19 -8.42
C SER A 5 -0.78 16.77 -8.15
N SER A 6 0.50 16.53 -8.38
CA SER A 6 1.09 15.21 -8.16
C SER A 6 1.48 15.03 -6.70
N GLY A 7 0.63 15.48 -5.80
CA GLY A 7 0.91 15.36 -4.38
C GLY A 7 0.62 13.96 -3.86
N ILE A 8 1.11 12.96 -4.57
CA ILE A 8 0.90 11.56 -4.16
C ILE A 8 2.21 10.94 -3.68
N VAL A 9 2.12 10.17 -2.60
CA VAL A 9 3.29 9.50 -2.03
C VAL A 9 3.10 7.99 -1.99
N LEU A 10 4.18 7.25 -2.22
CA LEU A 10 4.14 5.80 -2.21
C LEU A 10 3.29 5.30 -1.05
N LEU A 11 3.26 6.07 0.03
CA LEU A 11 2.49 5.70 1.21
C LEU A 11 0.99 5.74 0.92
N ARG A 12 0.55 6.81 0.27
CA ARG A 12 -0.87 6.98 -0.07
C ARG A 12 -1.42 5.70 -0.69
N GLY A 13 -0.54 4.87 -1.22
CA GLY A 13 -0.95 3.63 -1.84
C GLY A 13 -2.07 2.94 -1.08
N LEU A 14 -2.16 3.24 0.21
CA LEU A 14 -3.19 2.64 1.06
C LEU A 14 -4.44 3.53 1.10
N GLU A 15 -4.28 4.74 1.64
CA GLU A 15 -5.39 5.68 1.74
C GLU A 15 -6.11 5.82 0.40
N CYS A 16 -5.42 5.44 -0.67
CA CYS A 16 -5.99 5.51 -2.02
C CYS A 16 -7.19 4.58 -2.16
N ILE A 17 -6.93 3.29 -2.01
CA ILE A 17 -7.99 2.29 -2.13
C ILE A 17 -9.05 2.47 -1.04
N ASN A 18 -10.31 2.43 -1.44
CA ASN A 18 -11.42 2.59 -0.50
C ASN A 18 -11.31 1.59 0.65
N LYS A 19 -11.90 1.94 1.78
CA LYS A 19 -11.88 1.07 2.96
C LYS A 19 -12.34 -0.34 2.60
N HIS A 20 -13.04 -0.46 1.47
CA HIS A 20 -13.54 -1.75 1.02
C HIS A 20 -12.39 -2.68 0.65
N TYR A 21 -11.50 -2.19 -0.19
CA TYR A 21 -10.35 -2.98 -0.64
C TYR A 21 -9.30 -3.07 0.46
N PHE A 22 -9.07 -1.95 1.15
CA PHE A 22 -8.09 -1.90 2.23
C PHE A 22 -8.32 -3.03 3.23
N SER A 23 -9.58 -3.22 3.61
CA SER A 23 -9.94 -4.26 4.57
C SER A 23 -9.34 -5.60 4.16
N LEU A 24 -9.29 -5.84 2.86
CA LEU A 24 -8.74 -7.09 2.34
C LEU A 24 -7.23 -7.15 2.53
N PHE A 25 -6.56 -6.02 2.26
CA PHE A 25 -5.11 -5.95 2.41
C PHE A 25 -4.69 -6.31 3.83
N LYS A 26 -5.41 -5.77 4.80
CA LYS A 26 -5.11 -6.04 6.21
C LYS A 26 -5.26 -7.52 6.53
N SER A 27 -6.17 -8.18 5.82
CA SER A 27 -6.42 -9.61 6.04
C SER A 27 -5.22 -10.44 5.58
N LEU A 28 -4.55 -9.97 4.52
CA LEU A 28 -3.39 -10.67 4.00
C LEU A 28 -2.14 -10.38 4.82
N LEU A 29 -2.13 -9.22 5.47
CA LEU A 29 -1.00 -8.82 6.31
C LEU A 29 -1.23 -9.23 7.76
N ALA A 30 -2.50 -9.44 8.12
CA ALA A 30 -2.84 -9.85 9.48
C ALA A 30 -1.77 -10.75 10.07
N ARG A 31 -1.35 -11.75 9.30
CA ARG A 31 -0.33 -12.69 9.76
C ARG A 31 1.01 -11.97 9.96
N ASP A 32 1.43 -11.22 8.95
CA ASP A 32 2.69 -10.48 9.03
C ASP A 32 2.65 -9.43 10.13
N LEU A 33 1.73 -8.48 9.98
CA LEU A 33 1.58 -7.40 10.95
C LEU A 33 0.94 -7.92 12.24
N ASN A 34 0.65 -9.22 12.28
CA ASN A 34 0.04 -9.84 13.44
C ASN A 34 -1.16 -9.01 13.93
N LEU A 35 -1.93 -8.49 12.99
CA LEU A 35 -3.10 -7.69 13.32
C LEU A 35 -4.06 -8.46 14.21
N GLU A 36 -5.20 -7.86 14.51
CA GLU A 36 -6.21 -8.49 15.36
C GLU A 36 -6.98 -9.56 14.59
N ARG A 37 -7.88 -10.25 15.28
CA ARG A 37 -8.67 -11.30 14.66
C ARG A 37 -9.95 -10.73 14.05
N ASP A 38 -10.70 -9.97 14.84
CA ASP A 38 -11.94 -9.37 14.38
C ASP A 38 -11.90 -7.85 14.53
N ASN A 39 -10.82 -7.35 15.12
CA ASN A 39 -10.65 -5.92 15.33
C ASN A 39 -9.68 -5.33 14.32
N GLN A 40 -9.70 -5.86 13.11
CA GLN A 40 -8.82 -5.39 12.04
C GLN A 40 -9.45 -4.20 11.32
N GLU A 41 -10.72 -3.94 11.59
CA GLU A 41 -11.43 -2.84 10.97
C GLU A 41 -11.11 -1.52 11.67
N GLN A 42 -11.20 -1.52 12.99
CA GLN A 42 -10.92 -0.32 13.77
C GLN A 42 -9.65 0.36 13.29
N TYR A 43 -8.74 -0.43 12.72
CA TYR A 43 -7.47 0.09 12.23
C TYR A 43 -7.69 0.97 11.00
N THR A 44 -6.71 1.83 10.69
CA THR A 44 -6.80 2.72 9.55
C THR A 44 -5.52 2.67 8.72
N THR A 45 -5.60 3.15 7.49
CA THR A 45 -4.45 3.17 6.59
C THR A 45 -3.24 3.80 7.27
N ILE A 46 -3.49 4.61 8.29
CA ILE A 46 -2.42 5.28 9.02
C ILE A 46 -1.71 4.30 9.96
N GLN A 47 -2.42 3.87 11.00
CA GLN A 47 -1.87 2.94 11.98
C GLN A 47 -1.14 1.79 11.27
N ILE A 48 -1.74 1.30 10.20
CA ILE A 48 -1.16 0.20 9.43
C ILE A 48 0.11 0.64 8.73
N ALA A 49 0.09 1.83 8.15
CA ALA A 49 1.25 2.36 7.45
C ALA A 49 2.48 2.33 8.33
N ASN A 50 2.41 2.98 9.48
CA ASN A 50 3.52 3.03 10.42
C ASN A 50 4.01 1.63 10.76
N MET A 51 3.07 0.71 10.99
CA MET A 51 3.40 -0.67 11.31
C MET A 51 4.29 -1.28 10.24
N MET A 52 4.05 -0.91 8.99
CA MET A 52 4.84 -1.42 7.87
C MET A 52 6.17 -0.69 7.77
N GLU A 53 6.13 0.63 7.89
CA GLU A 53 7.33 1.45 7.80
C GLU A 53 8.48 0.82 8.60
N GLU A 54 8.19 0.45 9.85
CA GLU A 54 9.19 -0.16 10.71
C GLU A 54 9.41 -1.62 10.34
N LYS A 55 8.32 -2.38 10.27
CA LYS A 55 8.39 -3.80 9.92
C LYS A 55 9.16 -4.00 8.63
N PHE A 56 8.61 -3.49 7.53
CA PHE A 56 9.25 -3.62 6.22
C PHE A 56 9.81 -2.29 5.77
N PRO A 57 11.02 -1.96 6.26
CA PRO A 57 11.70 -0.71 5.91
C PRO A 57 12.17 -0.69 4.46
N ALA A 58 11.91 -1.77 3.74
CA ALA A 58 12.30 -1.88 2.34
C ALA A 58 11.40 -1.02 1.45
N ASP A 59 10.11 -1.31 1.48
CA ASP A 59 9.14 -0.57 0.67
C ASP A 59 8.09 0.09 1.56
N SER A 60 8.17 -0.17 2.87
CA SER A 60 7.23 0.40 3.82
C SER A 60 5.79 0.02 3.46
N GLY A 61 5.64 -1.16 2.86
CA GLY A 61 4.31 -1.62 2.47
C GLY A 61 4.02 -1.36 1.01
N LEU A 62 4.65 -0.34 0.45
CA LEU A 62 4.45 0.01 -0.95
C LEU A 62 4.44 -1.24 -1.83
N GLY A 63 5.39 -2.14 -1.59
CA GLY A 63 5.46 -3.37 -2.36
C GLY A 63 4.32 -4.31 -2.05
N LYS A 64 4.26 -4.77 -0.80
CA LYS A 64 3.21 -5.69 -0.37
C LYS A 64 1.85 -5.24 -0.89
N LEU A 65 1.64 -3.93 -0.94
CA LEU A 65 0.38 -3.37 -1.41
C LEU A 65 0.25 -3.52 -2.92
N ILE A 66 1.20 -2.96 -3.66
CA ILE A 66 1.19 -3.03 -5.11
C ILE A 66 0.64 -4.37 -5.59
N GLU A 67 1.16 -5.45 -5.03
CA GLU A 67 0.71 -6.80 -5.39
C GLU A 67 -0.79 -6.94 -5.17
N PHE A 68 -1.27 -6.49 -4.02
CA PHE A 68 -2.68 -6.58 -3.68
C PHE A 68 -3.54 -5.94 -4.77
N CYS A 69 -2.98 -4.94 -5.44
CA CYS A 69 -3.70 -4.24 -6.51
C CYS A 69 -3.72 -5.09 -7.78
N GLU A 70 -2.72 -5.95 -7.93
CA GLU A 70 -2.62 -6.81 -9.11
C GLU A 70 -3.79 -7.79 -9.17
N GLU A 71 -3.88 -8.65 -8.16
CA GLU A 71 -4.96 -9.64 -8.09
C GLU A 71 -6.27 -9.03 -8.57
N VAL A 72 -6.41 -7.72 -8.43
CA VAL A 72 -7.62 -7.03 -8.85
C VAL A 72 -7.37 -6.20 -10.10
N PRO A 73 -8.16 -6.48 -11.15
CA PRO A 73 -8.05 -5.76 -12.43
C PRO A 73 -8.51 -4.32 -12.33
N ALA A 74 -9.31 -4.02 -11.31
CA ALA A 74 -9.81 -2.67 -11.10
C ALA A 74 -8.77 -1.79 -10.41
N LEU A 75 -7.82 -2.43 -9.75
CA LEU A 75 -6.76 -1.71 -9.05
C LEU A 75 -5.44 -1.77 -9.82
N ARG A 76 -5.35 -2.73 -10.74
CA ARG A 76 -4.15 -2.91 -11.54
C ARG A 76 -3.73 -1.58 -12.19
N LYS A 77 -4.70 -0.71 -12.39
CA LYS A 77 -4.43 0.59 -12.99
C LYS A 77 -3.51 1.43 -12.12
N ARG A 78 -3.66 1.29 -10.82
CA ARG A 78 -2.83 2.04 -9.87
C ARG A 78 -1.48 1.36 -9.69
N ALA A 79 -1.49 0.05 -9.51
CA ALA A 79 -0.27 -0.72 -9.33
C ALA A 79 0.80 -0.28 -10.33
N GLU A 80 0.41 -0.11 -11.58
CA GLU A 80 1.34 0.30 -12.63
C GLU A 80 1.87 1.70 -12.35
N ILE A 81 1.05 2.55 -11.75
CA ILE A 81 1.44 3.91 -11.43
C ILE A 81 2.42 3.94 -10.26
N LEU A 82 2.15 3.11 -9.25
CA LEU A 82 3.01 3.04 -8.09
C LEU A 82 4.37 2.43 -8.43
N LYS A 83 4.35 1.24 -9.00
CA LYS A 83 5.58 0.55 -9.39
C LYS A 83 6.49 1.48 -10.19
N LYS A 84 5.92 2.15 -11.18
CA LYS A 84 6.68 3.07 -12.02
C LYS A 84 7.66 3.88 -11.18
N GLU A 85 7.19 4.37 -10.03
CA GLU A 85 8.03 5.15 -9.14
C GLU A 85 8.98 4.26 -8.35
N ARG A 86 8.44 3.18 -7.79
CA ARG A 86 9.23 2.25 -7.00
C ARG A 86 10.52 1.88 -7.73
N SER A 87 10.41 1.70 -9.04
CA SER A 87 11.57 1.34 -9.87
C SER A 87 12.59 2.46 -9.88
N GLU A 88 13.80 2.16 -9.41
CA GLU A 88 14.86 3.16 -9.38
C GLU A 88 16.14 2.61 -10.04
N SER A 89 16.20 2.69 -11.36
CA SER A 89 17.35 2.21 -12.10
C SER A 89 17.81 0.85 -11.57
N GLY A 90 16.85 -0.02 -11.28
CA GLY A 90 17.18 -1.34 -10.77
C GLY A 90 17.00 -2.42 -11.80
N PRO A 91 17.59 -3.60 -11.54
CA PRO A 91 17.52 -4.75 -12.45
C PRO A 91 16.12 -5.35 -12.49
N SER A 92 15.26 -4.78 -13.33
CA SER A 92 13.89 -5.27 -13.46
C SER A 92 13.30 -4.87 -14.82
N SER A 93 12.87 -5.86 -15.59
CA SER A 93 12.28 -5.62 -16.90
C SER A 93 10.81 -5.25 -16.79
N GLY A 94 10.48 -4.02 -17.18
CA GLY A 94 9.11 -3.57 -17.11
C GLY A 94 8.81 -2.79 -15.84
N GLY A 1 -14.37 22.03 -13.00
CA GLY A 1 -13.56 22.82 -12.08
C GLY A 1 -12.08 22.52 -12.23
N SER A 2 -11.30 22.91 -11.22
CA SER A 2 -9.86 22.69 -11.24
C SER A 2 -9.53 21.23 -10.90
N SER A 3 -9.48 20.39 -11.92
CA SER A 3 -9.18 18.97 -11.73
C SER A 3 -7.71 18.69 -12.03
N GLY A 4 -6.99 18.21 -11.02
CA GLY A 4 -5.58 17.89 -11.19
C GLY A 4 -4.76 18.28 -9.98
N SER A 5 -5.00 17.63 -8.86
CA SER A 5 -4.28 17.91 -7.62
C SER A 5 -2.93 17.21 -7.62
N SER A 6 -1.92 17.87 -7.04
CA SER A 6 -0.58 17.33 -6.98
C SER A 6 -0.17 17.06 -5.53
N GLY A 7 -0.59 15.91 -5.01
CA GLY A 7 -0.25 15.56 -3.64
C GLY A 7 -0.39 14.08 -3.37
N ILE A 8 0.24 13.26 -4.21
CA ILE A 8 0.18 11.81 -4.07
C ILE A 8 1.54 11.24 -3.66
N VAL A 9 1.52 10.24 -2.78
CA VAL A 9 2.74 9.61 -2.31
C VAL A 9 2.58 8.10 -2.23
N LEU A 10 3.64 7.38 -2.58
CA LEU A 10 3.62 5.91 -2.54
C LEU A 10 2.83 5.42 -1.34
N LEU A 11 2.83 6.19 -0.27
CA LEU A 11 2.11 5.83 0.95
C LEU A 11 0.60 5.93 0.74
N ARG A 12 0.16 7.06 0.16
CA ARG A 12 -1.26 7.27 -0.09
C ARG A 12 -1.88 6.05 -0.76
N GLY A 13 -1.04 5.21 -1.36
CA GLY A 13 -1.53 4.03 -2.02
C GLY A 13 -2.52 3.25 -1.18
N LEU A 14 -2.50 3.50 0.13
CA LEU A 14 -3.41 2.83 1.05
C LEU A 14 -4.77 3.53 1.10
N GLU A 15 -4.75 4.82 1.43
CA GLU A 15 -5.98 5.60 1.51
C GLU A 15 -6.66 5.67 0.15
N CYS A 16 -5.87 5.66 -0.91
CA CYS A 16 -6.40 5.73 -2.27
C CYS A 16 -7.49 4.68 -2.48
N ILE A 17 -7.19 3.44 -2.12
CA ILE A 17 -8.14 2.35 -2.27
C ILE A 17 -9.28 2.46 -1.25
N ASN A 18 -10.50 2.36 -1.73
CA ASN A 18 -11.68 2.45 -0.87
C ASN A 18 -11.58 1.46 0.28
N LYS A 19 -11.93 1.91 1.48
CA LYS A 19 -11.88 1.07 2.67
C LYS A 19 -12.25 -0.37 2.32
N HIS A 20 -13.21 -0.53 1.42
CA HIS A 20 -13.66 -1.85 1.00
C HIS A 20 -12.47 -2.76 0.73
N TYR A 21 -11.61 -2.36 -0.21
CA TYR A 21 -10.44 -3.13 -0.57
C TYR A 21 -9.43 -3.16 0.57
N PHE A 22 -9.14 -1.98 1.11
CA PHE A 22 -8.18 -1.85 2.21
C PHE A 22 -8.40 -2.95 3.24
N SER A 23 -9.66 -3.21 3.55
CA SER A 23 -10.01 -4.24 4.53
C SER A 23 -9.34 -5.58 4.18
N LEU A 24 -9.30 -5.88 2.89
CA LEU A 24 -8.69 -7.12 2.42
C LEU A 24 -7.19 -7.12 2.67
N PHE A 25 -6.53 -6.01 2.34
CA PHE A 25 -5.09 -5.89 2.53
C PHE A 25 -4.71 -6.20 3.97
N LYS A 26 -5.47 -5.67 4.92
CA LYS A 26 -5.22 -5.90 6.34
C LYS A 26 -5.30 -7.38 6.67
N SER A 27 -6.21 -8.09 6.01
CA SER A 27 -6.40 -9.52 6.24
C SER A 27 -5.18 -10.30 5.78
N LEU A 28 -4.58 -9.86 4.68
CA LEU A 28 -3.39 -10.52 4.14
C LEU A 28 -2.16 -10.21 4.98
N LEU A 29 -2.16 -9.03 5.59
CA LEU A 29 -1.03 -8.61 6.42
C LEU A 29 -1.26 -9.01 7.88
N ALA A 30 -2.52 -9.23 8.24
CA ALA A 30 -2.87 -9.62 9.60
C ALA A 30 -1.80 -10.51 10.21
N ARG A 31 -1.40 -11.54 9.48
CA ARG A 31 -0.38 -12.48 9.94
C ARG A 31 0.92 -11.73 10.25
N ASP A 32 1.51 -11.14 9.23
CA ASP A 32 2.77 -10.41 9.39
C ASP A 32 2.62 -9.33 10.46
N LEU A 33 1.73 -8.38 10.21
CA LEU A 33 1.49 -7.29 11.16
C LEU A 33 0.91 -7.81 12.47
N ASN A 34 0.51 -9.08 12.46
CA ASN A 34 -0.07 -9.69 13.65
C ASN A 34 -1.27 -8.90 14.15
N LEU A 35 -2.05 -8.37 13.22
CA LEU A 35 -3.23 -7.58 13.57
C LEU A 35 -4.28 -8.45 14.27
N GLU A 36 -5.18 -7.79 14.99
CA GLU A 36 -6.23 -8.50 15.71
C GLU A 36 -7.37 -8.89 14.77
N ARG A 37 -7.38 -10.15 14.34
CA ARG A 37 -8.42 -10.65 13.44
C ARG A 37 -9.79 -10.12 13.85
N ASP A 38 -9.92 -9.76 15.12
CA ASP A 38 -11.19 -9.24 15.64
C ASP A 38 -11.18 -7.71 15.65
N ASN A 39 -10.03 -7.13 16.00
CA ASN A 39 -9.89 -5.69 16.05
C ASN A 39 -9.07 -5.18 14.87
N GLN A 40 -9.43 -5.62 13.67
CA GLN A 40 -8.72 -5.21 12.46
C GLN A 40 -9.31 -3.91 11.92
N GLU A 41 -10.58 -3.65 12.22
CA GLU A 41 -11.25 -2.44 11.76
C GLU A 41 -10.73 -1.21 12.50
N GLN A 42 -10.66 -1.32 13.83
CA GLN A 42 -10.19 -0.21 14.65
C GLN A 42 -8.93 0.41 14.06
N TYR A 43 -8.20 -0.37 13.28
CA TYR A 43 -6.97 0.10 12.64
C TYR A 43 -7.28 0.97 11.43
N THR A 44 -6.37 1.88 11.12
CA THR A 44 -6.55 2.78 9.98
C THR A 44 -5.32 2.77 9.08
N THR A 45 -5.51 3.15 7.82
CA THR A 45 -4.41 3.18 6.86
C THR A 45 -3.14 3.75 7.49
N ILE A 46 -3.32 4.62 8.47
CA ILE A 46 -2.19 5.23 9.16
C ILE A 46 -1.47 4.22 10.05
N GLN A 47 -2.14 3.81 11.12
CA GLN A 47 -1.55 2.84 12.05
C GLN A 47 -0.94 1.67 11.29
N ILE A 48 -1.66 1.15 10.31
CA ILE A 48 -1.18 0.03 9.51
C ILE A 48 0.09 0.40 8.75
N ALA A 49 0.14 1.64 8.25
CA ALA A 49 1.30 2.12 7.50
C ALA A 49 2.55 2.10 8.37
N ASN A 50 2.51 2.87 9.46
CA ASN A 50 3.65 2.94 10.37
C ASN A 50 4.17 1.54 10.71
N MET A 51 3.26 0.60 10.91
CA MET A 51 3.63 -0.77 11.24
C MET A 51 4.43 -1.39 10.10
N MET A 52 4.07 -1.07 8.87
CA MET A 52 4.75 -1.60 7.70
C MET A 52 6.09 -0.89 7.49
N GLU A 53 6.14 0.38 7.87
CA GLU A 53 7.36 1.16 7.72
C GLU A 53 8.52 0.51 8.47
N GLU A 54 8.22 -0.08 9.62
CA GLU A 54 9.24 -0.74 10.43
C GLU A 54 9.36 -2.21 10.05
N LYS A 55 8.23 -2.85 9.79
CA LYS A 55 8.22 -4.26 9.43
C LYS A 55 8.98 -4.49 8.12
N PHE A 56 8.61 -3.75 7.08
CA PHE A 56 9.25 -3.86 5.78
C PHE A 56 9.91 -2.54 5.38
N PRO A 57 11.14 -2.33 5.86
CA PRO A 57 11.90 -1.11 5.57
C PRO A 57 12.35 -1.05 4.11
N ALA A 58 12.16 -2.15 3.39
CA ALA A 58 12.54 -2.23 1.99
C ALA A 58 11.67 -1.33 1.12
N ASP A 59 10.36 -1.53 1.22
CA ASP A 59 9.41 -0.73 0.44
C ASP A 59 8.47 0.05 1.37
N SER A 60 8.44 -0.35 2.64
CA SER A 60 7.59 0.31 3.62
C SER A 60 6.11 0.03 3.32
N GLY A 61 5.83 -1.14 2.76
CA GLY A 61 4.47 -1.49 2.43
C GLY A 61 4.15 -1.28 0.97
N LEU A 62 4.73 -0.24 0.38
CA LEU A 62 4.51 0.08 -1.02
C LEU A 62 4.45 -1.19 -1.87
N GLY A 63 5.41 -2.08 -1.65
CA GLY A 63 5.45 -3.33 -2.40
C GLY A 63 4.28 -4.23 -2.08
N LYS A 64 4.27 -4.76 -0.86
CA LYS A 64 3.19 -5.65 -0.43
C LYS A 64 1.84 -5.16 -0.95
N LEU A 65 1.68 -3.85 -1.03
CA LEU A 65 0.44 -3.25 -1.52
C LEU A 65 0.31 -3.42 -3.03
N ILE A 66 1.26 -2.86 -3.76
CA ILE A 66 1.26 -2.95 -5.22
C ILE A 66 0.70 -4.29 -5.68
N GLU A 67 1.29 -5.38 -5.20
CA GLU A 67 0.87 -6.71 -5.57
C GLU A 67 -0.64 -6.87 -5.35
N PHE A 68 -1.09 -6.56 -4.15
CA PHE A 68 -2.51 -6.67 -3.82
C PHE A 68 -3.38 -6.04 -4.90
N CYS A 69 -2.86 -5.00 -5.54
CA CYS A 69 -3.59 -4.30 -6.59
C CYS A 69 -3.60 -5.12 -7.87
N GLU A 70 -2.53 -5.89 -8.09
CA GLU A 70 -2.41 -6.72 -9.28
C GLU A 70 -3.56 -7.71 -9.38
N GLU A 71 -3.75 -8.49 -8.31
CA GLU A 71 -4.82 -9.48 -8.27
C GLU A 71 -6.16 -8.85 -8.65
N VAL A 72 -6.37 -7.62 -8.19
CA VAL A 72 -7.62 -6.92 -8.48
C VAL A 72 -7.51 -6.15 -9.80
N PRO A 73 -8.43 -6.46 -10.74
CA PRO A 73 -8.47 -5.82 -12.05
C PRO A 73 -8.89 -4.36 -11.97
N ALA A 74 -9.27 -3.92 -10.78
CA ALA A 74 -9.70 -2.54 -10.57
C ALA A 74 -8.61 -1.73 -9.90
N LEU A 75 -7.61 -2.40 -9.35
CA LEU A 75 -6.50 -1.73 -8.69
C LEU A 75 -5.24 -1.77 -9.55
N ARG A 76 -5.21 -2.70 -10.51
CA ARG A 76 -4.07 -2.85 -11.39
C ARG A 76 -3.63 -1.49 -11.93
N LYS A 77 -4.60 -0.64 -12.25
CA LYS A 77 -4.32 0.68 -12.78
C LYS A 77 -3.34 1.43 -11.88
N ARG A 78 -3.62 1.43 -10.58
CA ARG A 78 -2.76 2.11 -9.62
C ARG A 78 -1.47 1.33 -9.40
N ALA A 79 -1.57 0.00 -9.37
CA ALA A 79 -0.41 -0.86 -9.18
C ALA A 79 0.74 -0.45 -10.09
N GLU A 80 0.53 -0.59 -11.40
CA GLU A 80 1.54 -0.23 -12.37
C GLU A 80 2.10 1.17 -12.09
N ILE A 81 1.20 2.11 -11.83
CA ILE A 81 1.60 3.48 -11.54
C ILE A 81 2.52 3.55 -10.34
N LEU A 82 2.21 2.77 -9.32
CA LEU A 82 3.01 2.74 -8.10
C LEU A 82 4.42 2.22 -8.39
N LYS A 83 4.50 1.17 -9.20
CA LYS A 83 5.78 0.58 -9.57
C LYS A 83 6.67 1.60 -10.26
N LYS A 84 6.12 2.28 -11.25
CA LYS A 84 6.86 3.30 -11.99
C LYS A 84 7.76 4.11 -11.06
N GLU A 85 7.18 4.62 -9.98
CA GLU A 85 7.93 5.41 -9.02
C GLU A 85 8.95 4.55 -8.28
N ARG A 86 8.47 3.46 -7.68
CA ARG A 86 9.35 2.57 -6.94
C ARG A 86 10.69 2.40 -7.64
N SER A 87 10.64 2.12 -8.94
CA SER A 87 11.85 1.94 -9.73
C SER A 87 11.95 2.99 -10.83
N GLU A 88 13.01 3.79 -10.78
CA GLU A 88 13.22 4.84 -11.77
C GLU A 88 14.65 4.82 -12.29
N SER A 89 14.91 3.91 -13.23
CA SER A 89 16.24 3.78 -13.82
C SER A 89 17.32 3.94 -12.75
N GLY A 90 17.20 3.18 -11.66
CA GLY A 90 18.16 3.25 -10.60
C GLY A 90 19.50 2.63 -10.97
N PRO A 91 20.59 3.20 -10.44
CA PRO A 91 21.95 2.72 -10.72
C PRO A 91 22.23 1.37 -10.07
N SER A 92 21.93 1.27 -8.78
CA SER A 92 22.15 0.03 -8.03
C SER A 92 21.13 -1.04 -8.44
N SER A 93 21.51 -2.30 -8.27
CA SER A 93 20.64 -3.42 -8.62
C SER A 93 19.56 -3.62 -7.57
N GLY A 94 18.48 -4.29 -7.96
CA GLY A 94 17.39 -4.54 -7.04
C GLY A 94 17.71 -5.64 -6.05
N GLY A 1 -4.46 25.78 -13.17
CA GLY A 1 -3.44 26.80 -13.24
C GLY A 1 -2.71 27.02 -11.92
N SER A 2 -2.63 28.26 -11.49
CA SER A 2 -1.96 28.59 -10.23
C SER A 2 -2.36 27.63 -9.14
N SER A 3 -3.68 27.51 -8.91
CA SER A 3 -4.20 26.61 -7.87
C SER A 3 -3.96 25.16 -8.24
N GLY A 4 -3.30 24.43 -7.34
CA GLY A 4 -3.01 23.02 -7.58
C GLY A 4 -2.93 22.22 -6.31
N SER A 5 -3.54 21.04 -6.32
CA SER A 5 -3.54 20.18 -5.14
C SER A 5 -2.65 18.95 -5.37
N SER A 6 -1.36 19.09 -5.05
CA SER A 6 -0.41 18.00 -5.23
C SER A 6 -0.04 17.39 -3.89
N GLY A 7 -1.03 16.83 -3.20
CA GLY A 7 -0.78 16.22 -1.90
C GLY A 7 -0.76 14.71 -1.98
N ILE A 8 0.12 14.16 -2.82
CA ILE A 8 0.22 12.71 -2.97
C ILE A 8 1.55 12.20 -2.42
N VAL A 9 1.56 10.94 -2.01
CA VAL A 9 2.77 10.32 -1.47
C VAL A 9 2.70 8.80 -1.55
N LEU A 10 3.85 8.18 -1.76
CA LEU A 10 3.92 6.72 -1.86
C LEU A 10 3.06 6.06 -0.79
N LEU A 11 2.81 6.78 0.30
CA LEU A 11 2.01 6.27 1.40
C LEU A 11 0.54 6.19 1.00
N ARG A 12 0.06 7.22 0.30
CA ARG A 12 -1.33 7.27 -0.14
C ARG A 12 -1.75 5.92 -0.74
N GLY A 13 -0.77 5.14 -1.16
CA GLY A 13 -1.07 3.83 -1.74
C GLY A 13 -2.14 3.09 -0.97
N LEU A 14 -2.30 3.44 0.30
CA LEU A 14 -3.30 2.78 1.14
C LEU A 14 -4.62 3.56 1.13
N GLU A 15 -4.53 4.86 1.38
CA GLU A 15 -5.71 5.72 1.38
C GLU A 15 -6.33 5.81 0.00
N CYS A 16 -5.58 5.37 -1.01
CA CYS A 16 -6.05 5.41 -2.39
C CYS A 16 -7.21 4.45 -2.59
N ILE A 17 -7.10 3.26 -2.01
CA ILE A 17 -8.15 2.25 -2.12
C ILE A 17 -9.21 2.42 -1.05
N ASN A 18 -10.47 2.43 -1.46
CA ASN A 18 -11.58 2.59 -0.52
C ASN A 18 -11.45 1.61 0.64
N LYS A 19 -12.07 1.95 1.77
CA LYS A 19 -12.04 1.11 2.95
C LYS A 19 -12.44 -0.33 2.61
N HIS A 20 -13.16 -0.49 1.51
CA HIS A 20 -13.61 -1.81 1.07
C HIS A 20 -12.41 -2.72 0.81
N TYR A 21 -11.52 -2.29 -0.08
CA TYR A 21 -10.34 -3.06 -0.43
C TYR A 21 -9.34 -3.06 0.72
N PHE A 22 -9.11 -1.89 1.30
CA PHE A 22 -8.17 -1.75 2.40
C PHE A 22 -8.33 -2.90 3.40
N SER A 23 -9.58 -3.23 3.73
CA SER A 23 -9.87 -4.30 4.66
C SER A 23 -9.15 -5.58 4.26
N LEU A 24 -9.40 -6.03 3.03
CA LEU A 24 -8.77 -7.25 2.52
C LEU A 24 -7.28 -7.25 2.78
N PHE A 25 -6.61 -6.15 2.42
CA PHE A 25 -5.18 -6.02 2.63
C PHE A 25 -4.80 -6.30 4.08
N LYS A 26 -5.53 -5.67 5.00
CA LYS A 26 -5.28 -5.84 6.42
C LYS A 26 -5.35 -7.33 6.81
N SER A 27 -6.14 -8.09 6.07
CA SER A 27 -6.30 -9.51 6.34
C SER A 27 -5.06 -10.29 5.90
N LEU A 28 -4.54 -9.95 4.72
CA LEU A 28 -3.35 -10.60 4.19
C LEU A 28 -2.12 -10.26 5.02
N LEU A 29 -2.14 -9.09 5.64
CA LEU A 29 -1.02 -8.64 6.47
C LEU A 29 -1.26 -9.00 7.93
N ALA A 30 -2.51 -9.29 8.27
CA ALA A 30 -2.87 -9.66 9.64
C ALA A 30 -1.83 -10.61 10.24
N ARG A 31 -1.32 -11.52 9.43
CA ARG A 31 -0.33 -12.48 9.88
C ARG A 31 1.02 -11.80 10.10
N ASP A 32 1.45 -11.03 9.11
CA ASP A 32 2.73 -10.32 9.20
C ASP A 32 2.69 -9.24 10.26
N LEU A 33 1.81 -8.26 10.07
CA LEU A 33 1.67 -7.16 11.02
C LEU A 33 1.15 -7.66 12.36
N ASN A 34 0.69 -8.91 12.38
CA ASN A 34 0.16 -9.51 13.59
C ASN A 34 -1.03 -8.73 14.11
N LEU A 35 -1.86 -8.24 13.19
CA LEU A 35 -3.04 -7.47 13.56
C LEU A 35 -4.04 -8.34 14.32
N GLU A 36 -5.02 -7.70 14.96
CA GLU A 36 -6.04 -8.41 15.71
C GLU A 36 -7.25 -8.73 14.84
N ARG A 37 -7.31 -9.96 14.34
CA ARG A 37 -8.41 -10.39 13.50
C ARG A 37 -9.73 -9.81 13.99
N ASP A 38 -9.80 -9.53 15.29
CA ASP A 38 -11.01 -8.96 15.88
C ASP A 38 -10.96 -7.45 15.89
N ASN A 39 -9.79 -6.90 16.21
CA ASN A 39 -9.60 -5.45 16.25
C ASN A 39 -8.87 -4.96 15.00
N GLN A 40 -9.31 -5.43 13.84
CA GLN A 40 -8.70 -5.03 12.58
C GLN A 40 -9.34 -3.75 12.04
N GLU A 41 -10.55 -3.46 12.50
CA GLU A 41 -11.26 -2.27 12.07
C GLU A 41 -10.70 -1.03 12.74
N GLN A 42 -10.53 -1.10 14.06
CA GLN A 42 -10.00 0.02 14.82
C GLN A 42 -8.79 0.63 14.14
N TYR A 43 -8.05 -0.20 13.40
CA TYR A 43 -6.87 0.26 12.69
C TYR A 43 -7.25 1.11 11.47
N THR A 44 -6.30 1.93 11.02
CA THR A 44 -6.54 2.79 9.86
C THR A 44 -5.34 2.81 8.94
N THR A 45 -5.58 3.15 7.67
CA THR A 45 -4.51 3.20 6.68
C THR A 45 -3.25 3.82 7.26
N ILE A 46 -3.43 4.67 8.27
CA ILE A 46 -2.30 5.33 8.92
C ILE A 46 -1.56 4.38 9.84
N GLN A 47 -2.20 4.01 10.94
CA GLN A 47 -1.61 3.09 11.91
C GLN A 47 -0.99 1.88 11.22
N ILE A 48 -1.68 1.38 10.20
CA ILE A 48 -1.21 0.23 9.45
C ILE A 48 0.01 0.58 8.60
N ALA A 49 0.02 1.80 8.07
CA ALA A 49 1.13 2.26 7.24
C ALA A 49 2.44 2.20 8.01
N ASN A 50 2.55 3.01 9.06
CA ASN A 50 3.76 3.05 9.87
C ASN A 50 4.25 1.63 10.20
N MET A 51 3.40 0.87 10.89
CA MET A 51 3.74 -0.50 11.26
C MET A 51 4.39 -1.23 10.10
N MET A 52 3.94 -0.93 8.89
CA MET A 52 4.48 -1.57 7.69
C MET A 52 5.81 -0.94 7.30
N GLU A 53 5.86 0.39 7.30
CA GLU A 53 7.08 1.11 6.95
C GLU A 53 8.30 0.46 7.58
N GLU A 54 8.17 0.07 8.84
CA GLU A 54 9.27 -0.57 9.56
C GLU A 54 9.29 -2.07 9.29
N LYS A 55 8.17 -2.73 9.53
CA LYS A 55 8.06 -4.17 9.30
C LYS A 55 8.86 -4.59 8.08
N PHE A 56 8.61 -3.92 6.96
CA PHE A 56 9.30 -4.23 5.71
C PHE A 56 10.19 -3.05 5.29
N PRO A 57 11.43 -3.05 5.78
CA PRO A 57 12.40 -2.00 5.47
C PRO A 57 12.87 -2.06 4.01
N ALA A 58 12.32 -3.00 3.26
CA ALA A 58 12.68 -3.17 1.86
C ALA A 58 11.82 -2.29 0.96
N ASP A 59 10.51 -2.46 1.05
CA ASP A 59 9.58 -1.68 0.24
C ASP A 59 8.60 -0.93 1.13
N SER A 60 8.94 -0.80 2.41
CA SER A 60 8.08 -0.10 3.36
C SER A 60 6.63 -0.55 3.21
N GLY A 61 6.44 -1.78 2.74
CA GLY A 61 5.11 -2.31 2.56
C GLY A 61 4.58 -2.10 1.15
N LEU A 62 5.05 -1.04 0.51
CA LEU A 62 4.62 -0.72 -0.85
C LEU A 62 4.52 -1.99 -1.70
N GLY A 63 5.60 -2.77 -1.73
CA GLY A 63 5.60 -3.99 -2.50
C GLY A 63 4.42 -4.89 -2.18
N LYS A 64 4.19 -5.11 -0.89
CA LYS A 64 3.08 -5.96 -0.45
C LYS A 64 1.75 -5.44 -0.98
N LEU A 65 1.58 -4.12 -0.98
CA LEU A 65 0.36 -3.49 -1.46
C LEU A 65 0.24 -3.65 -2.98
N ILE A 66 1.30 -3.30 -3.69
CA ILE A 66 1.30 -3.40 -5.15
C ILE A 66 0.67 -4.70 -5.61
N GLU A 67 1.20 -5.83 -5.13
CA GLU A 67 0.69 -7.13 -5.49
C GLU A 67 -0.82 -7.21 -5.28
N PHE A 68 -1.28 -6.71 -4.13
CA PHE A 68 -2.70 -6.72 -3.80
C PHE A 68 -3.50 -5.98 -4.86
N CYS A 69 -2.86 -5.00 -5.51
CA CYS A 69 -3.51 -4.21 -6.55
C CYS A 69 -3.48 -4.94 -7.89
N GLU A 70 -2.62 -5.95 -7.99
CA GLU A 70 -2.48 -6.71 -9.22
C GLU A 70 -3.60 -7.75 -9.34
N GLU A 71 -3.89 -8.43 -8.23
CA GLU A 71 -4.93 -9.45 -8.21
C GLU A 71 -6.29 -8.84 -8.54
N VAL A 72 -6.36 -7.51 -8.50
CA VAL A 72 -7.60 -6.81 -8.78
C VAL A 72 -7.50 -6.04 -10.10
N PRO A 73 -8.39 -6.38 -11.05
CA PRO A 73 -8.42 -5.74 -12.36
C PRO A 73 -8.90 -4.28 -12.29
N ALA A 74 -9.34 -3.88 -11.11
CA ALA A 74 -9.82 -2.52 -10.90
C ALA A 74 -8.76 -1.66 -10.21
N LEU A 75 -7.69 -2.30 -9.77
CA LEU A 75 -6.61 -1.59 -9.09
C LEU A 75 -5.30 -1.69 -9.88
N ARG A 76 -5.28 -2.60 -10.85
CA ARG A 76 -4.09 -2.81 -11.68
C ARG A 76 -3.65 -1.49 -12.32
N LYS A 77 -4.58 -0.55 -12.43
CA LYS A 77 -4.27 0.75 -13.02
C LYS A 77 -3.30 1.53 -12.14
N ARG A 78 -3.54 1.50 -10.84
CA ARG A 78 -2.68 2.20 -9.89
C ARG A 78 -1.39 1.43 -9.64
N ALA A 79 -1.51 0.10 -9.58
CA ALA A 79 -0.36 -0.76 -9.33
C ALA A 79 0.83 -0.34 -10.19
N GLU A 80 0.65 -0.37 -11.50
CA GLU A 80 1.71 0.02 -12.43
C GLU A 80 2.27 1.40 -12.08
N ILE A 81 1.38 2.31 -11.75
CA ILE A 81 1.77 3.68 -11.40
C ILE A 81 2.63 3.68 -10.14
N LEU A 82 2.30 2.82 -9.19
CA LEU A 82 3.05 2.73 -7.94
C LEU A 82 4.42 2.11 -8.18
N LYS A 83 4.50 1.22 -9.15
CA LYS A 83 5.76 0.56 -9.48
C LYS A 83 6.77 1.54 -10.03
N LYS A 84 6.28 2.54 -10.76
CA LYS A 84 7.13 3.56 -11.35
C LYS A 84 7.79 4.42 -10.27
N GLU A 85 6.97 4.98 -9.39
CA GLU A 85 7.47 5.82 -8.31
C GLU A 85 8.39 5.03 -7.39
N ARG A 86 8.03 3.77 -7.12
CA ARG A 86 8.83 2.91 -6.27
C ARG A 86 10.32 3.16 -6.49
N SER A 87 10.76 2.98 -7.73
CA SER A 87 12.17 3.17 -8.07
C SER A 87 12.57 4.63 -7.93
N GLU A 88 13.79 4.86 -7.44
CA GLU A 88 14.29 6.22 -7.26
C GLU A 88 15.48 6.49 -8.17
N SER A 89 16.42 5.54 -8.21
CA SER A 89 17.61 5.68 -9.03
C SER A 89 17.34 5.21 -10.46
N GLY A 90 16.53 4.16 -10.58
CA GLY A 90 16.21 3.63 -11.89
C GLY A 90 15.90 4.71 -12.90
N PRO A 91 16.23 4.44 -14.18
CA PRO A 91 16.00 5.39 -15.26
C PRO A 91 14.51 5.55 -15.59
N SER A 92 14.09 6.79 -15.82
CA SER A 92 12.69 7.08 -16.13
C SER A 92 12.60 8.07 -17.29
N SER A 93 11.39 8.22 -17.83
CA SER A 93 11.16 9.13 -18.94
C SER A 93 9.81 9.82 -18.80
N GLY A 94 9.79 11.13 -19.05
CA GLY A 94 8.56 11.89 -18.95
C GLY A 94 8.61 13.18 -19.74
N GLY A 1 -13.82 9.22 -9.98
CA GLY A 1 -13.13 9.62 -11.19
C GLY A 1 -13.08 11.13 -11.36
N SER A 2 -12.15 11.77 -10.67
CA SER A 2 -12.02 13.22 -10.73
C SER A 2 -10.55 13.63 -10.78
N SER A 3 -10.27 14.75 -11.43
CA SER A 3 -8.90 15.24 -11.55
C SER A 3 -8.78 16.65 -10.98
N GLY A 4 -7.64 16.94 -10.36
CA GLY A 4 -7.42 18.25 -9.78
C GLY A 4 -6.19 18.29 -8.89
N SER A 5 -6.12 17.38 -7.92
CA SER A 5 -5.00 17.32 -7.00
C SER A 5 -4.02 16.23 -7.41
N SER A 6 -2.74 16.59 -7.49
CA SER A 6 -1.70 15.64 -7.87
C SER A 6 -0.72 15.41 -6.74
N GLY A 7 -1.25 15.27 -5.52
CA GLY A 7 -0.41 15.05 -4.37
C GLY A 7 -0.38 13.59 -3.93
N ILE A 8 0.23 12.75 -4.74
CA ILE A 8 0.33 11.32 -4.44
C ILE A 8 1.59 11.01 -3.64
N VAL A 9 1.47 10.08 -2.70
CA VAL A 9 2.59 9.68 -1.86
C VAL A 9 2.68 8.16 -1.72
N LEU A 10 3.89 7.65 -1.66
CA LEU A 10 4.11 6.21 -1.52
C LEU A 10 3.20 5.62 -0.45
N LEU A 11 2.74 6.47 0.46
CA LEU A 11 1.85 6.04 1.53
C LEU A 11 0.39 6.09 1.09
N ARG A 12 0.05 7.11 0.33
CA ARG A 12 -1.32 7.28 -0.16
C ARG A 12 -1.85 5.96 -0.72
N GLY A 13 -0.94 5.10 -1.16
CA GLY A 13 -1.35 3.82 -1.72
C GLY A 13 -2.48 3.18 -0.94
N LEU A 14 -2.59 3.53 0.33
CA LEU A 14 -3.65 2.99 1.19
C LEU A 14 -4.91 3.85 1.12
N GLU A 15 -4.79 5.11 1.54
CA GLU A 15 -5.91 6.03 1.52
C GLU A 15 -6.63 5.98 0.18
N CYS A 16 -5.85 5.94 -0.91
CA CYS A 16 -6.41 5.88 -2.25
C CYS A 16 -7.56 4.88 -2.33
N ILE A 17 -7.27 3.64 -1.96
CA ILE A 17 -8.28 2.58 -1.99
C ILE A 17 -9.31 2.78 -0.89
N ASN A 18 -10.57 2.46 -1.19
CA ASN A 18 -11.65 2.60 -0.23
C ASN A 18 -11.56 1.52 0.85
N LYS A 19 -12.10 1.82 2.02
CA LYS A 19 -12.08 0.88 3.14
C LYS A 19 -12.38 -0.54 2.66
N HIS A 20 -13.24 -0.65 1.63
CA HIS A 20 -13.60 -1.94 1.08
C HIS A 20 -12.36 -2.79 0.81
N TYR A 21 -11.50 -2.29 -0.07
CA TYR A 21 -10.28 -3.00 -0.42
C TYR A 21 -9.30 -3.02 0.74
N PHE A 22 -9.12 -1.86 1.37
CA PHE A 22 -8.21 -1.74 2.51
C PHE A 22 -8.41 -2.89 3.49
N SER A 23 -9.67 -3.24 3.74
CA SER A 23 -9.99 -4.32 4.67
C SER A 23 -9.29 -5.61 4.24
N LEU A 24 -9.21 -5.84 2.94
CA LEU A 24 -8.57 -7.03 2.41
C LEU A 24 -7.07 -7.03 2.69
N PHE A 25 -6.44 -5.89 2.41
CA PHE A 25 -5.01 -5.75 2.63
C PHE A 25 -4.63 -6.12 4.05
N LYS A 26 -5.41 -5.63 5.01
CA LYS A 26 -5.16 -5.91 6.43
C LYS A 26 -5.16 -7.42 6.69
N SER A 27 -6.02 -8.14 5.96
CA SER A 27 -6.13 -9.58 6.12
C SER A 27 -4.89 -10.28 5.57
N LEU A 28 -4.34 -9.73 4.49
CA LEU A 28 -3.14 -10.29 3.87
C LEU A 28 -1.90 -10.01 4.71
N LEU A 29 -1.96 -8.94 5.49
CA LEU A 29 -0.83 -8.55 6.34
C LEU A 29 -1.06 -9.00 7.78
N ALA A 30 -2.33 -9.23 8.14
CA ALA A 30 -2.68 -9.67 9.47
C ALA A 30 -1.61 -10.58 10.05
N ARG A 31 -1.23 -11.60 9.29
CA ARG A 31 -0.22 -12.55 9.74
C ARG A 31 1.12 -11.86 9.97
N ASP A 32 1.56 -11.09 8.96
CA ASP A 32 2.82 -10.37 9.06
C ASP A 32 2.79 -9.36 10.20
N LEU A 33 1.89 -8.39 10.10
CA LEU A 33 1.75 -7.35 11.12
C LEU A 33 1.07 -7.91 12.36
N ASN A 34 0.80 -9.21 12.35
CA ASN A 34 0.14 -9.86 13.47
C ASN A 34 -1.01 -9.02 14.00
N LEU A 35 -1.81 -8.49 13.09
CA LEU A 35 -2.96 -7.67 13.47
C LEU A 35 -3.99 -8.48 14.23
N GLU A 36 -5.03 -7.80 14.73
CA GLU A 36 -6.08 -8.46 15.47
C GLU A 36 -7.40 -8.43 14.70
N ARG A 37 -7.81 -9.59 14.19
CA ARG A 37 -9.04 -9.70 13.42
C ARG A 37 -10.11 -8.78 13.99
N ASP A 38 -10.19 -8.72 15.32
CA ASP A 38 -11.18 -7.87 15.99
C ASP A 38 -10.82 -6.40 15.83
N ASN A 39 -9.54 -6.09 15.99
CA ASN A 39 -9.07 -4.72 15.87
C ASN A 39 -8.64 -4.41 14.45
N GLN A 40 -8.89 -5.35 13.54
CA GLN A 40 -8.52 -5.18 12.14
C GLN A 40 -9.47 -4.22 11.44
N GLU A 41 -10.61 -3.95 12.07
CA GLU A 41 -11.60 -3.04 11.51
C GLU A 41 -11.41 -1.62 12.06
N GLN A 42 -11.42 -1.50 13.38
CA GLN A 42 -11.24 -0.20 14.03
C GLN A 42 -9.97 0.48 13.55
N TYR A 43 -8.91 -0.30 13.39
CA TYR A 43 -7.64 0.23 12.93
C TYR A 43 -7.83 1.30 11.87
N THR A 44 -6.82 2.15 11.68
CA THR A 44 -6.89 3.21 10.69
C THR A 44 -5.77 3.07 9.66
N THR A 45 -6.01 3.56 8.46
CA THR A 45 -5.02 3.50 7.39
C THR A 45 -3.64 3.90 7.89
N ILE A 46 -3.62 4.78 8.89
CA ILE A 46 -2.36 5.24 9.46
C ILE A 46 -1.68 4.14 10.28
N GLN A 47 -2.33 3.75 11.38
CA GLN A 47 -1.79 2.71 12.24
C GLN A 47 -1.19 1.57 11.43
N ILE A 48 -1.98 1.03 10.50
CA ILE A 48 -1.52 -0.06 9.65
C ILE A 48 -0.28 0.34 8.86
N ALA A 49 -0.26 1.58 8.39
CA ALA A 49 0.87 2.08 7.62
C ALA A 49 2.16 2.01 8.44
N ASN A 50 2.19 2.74 9.54
CA ASN A 50 3.37 2.76 10.41
C ASN A 50 3.91 1.34 10.62
N MET A 51 3.14 0.52 11.31
CA MET A 51 3.54 -0.85 11.58
C MET A 51 4.29 -1.45 10.39
N MET A 52 3.79 -1.17 9.18
CA MET A 52 4.41 -1.67 7.96
C MET A 52 5.72 -0.95 7.69
N GLU A 53 5.65 0.38 7.56
CA GLU A 53 6.83 1.18 7.29
C GLU A 53 8.04 0.65 8.05
N GLU A 54 7.80 0.14 9.26
CA GLU A 54 8.87 -0.40 10.09
C GLU A 54 9.11 -1.87 9.77
N LYS A 55 8.03 -2.63 9.66
CA LYS A 55 8.12 -4.06 9.36
C LYS A 55 8.96 -4.29 8.11
N PHE A 56 8.75 -3.47 7.10
CA PHE A 56 9.49 -3.58 5.85
C PHE A 56 10.12 -2.25 5.46
N PRO A 57 11.31 -1.97 6.02
CA PRO A 57 12.04 -0.73 5.75
C PRO A 57 12.59 -0.69 4.32
N ALA A 58 12.35 -1.75 3.56
CA ALA A 58 12.82 -1.82 2.19
C ALA A 58 11.74 -1.37 1.22
N ASP A 59 10.55 -1.95 1.35
CA ASP A 59 9.43 -1.60 0.48
C ASP A 59 8.47 -0.65 1.19
N SER A 60 8.63 -0.51 2.50
CA SER A 60 7.78 0.37 3.29
C SER A 60 6.31 0.13 2.96
N GLY A 61 5.99 -1.10 2.57
CA GLY A 61 4.62 -1.44 2.25
C GLY A 61 4.31 -1.22 0.77
N LEU A 62 5.07 -0.34 0.13
CA LEU A 62 4.88 -0.05 -1.28
C LEU A 62 4.67 -1.33 -2.08
N GLY A 63 5.71 -2.16 -2.15
CA GLY A 63 5.62 -3.40 -2.88
C GLY A 63 4.45 -4.25 -2.45
N LYS A 64 4.43 -4.64 -1.18
CA LYS A 64 3.36 -5.46 -0.63
C LYS A 64 2.00 -4.94 -1.09
N LEU A 65 1.84 -3.63 -1.10
CA LEU A 65 0.59 -3.00 -1.52
C LEU A 65 0.40 -3.13 -3.03
N ILE A 66 1.48 -2.92 -3.78
CA ILE A 66 1.44 -3.02 -5.23
C ILE A 66 0.76 -4.30 -5.69
N GLU A 67 1.28 -5.43 -5.21
CA GLU A 67 0.72 -6.73 -5.56
C GLU A 67 -0.78 -6.78 -5.26
N PHE A 68 -1.16 -6.27 -4.10
CA PHE A 68 -2.57 -6.26 -3.69
C PHE A 68 -3.44 -5.62 -4.77
N CYS A 69 -2.89 -4.64 -5.46
CA CYS A 69 -3.62 -3.94 -6.53
C CYS A 69 -3.65 -4.79 -7.79
N GLU A 70 -2.53 -5.42 -8.12
CA GLU A 70 -2.44 -6.25 -9.30
C GLU A 70 -3.55 -7.31 -9.32
N GLU A 71 -3.55 -8.16 -8.30
CA GLU A 71 -4.56 -9.21 -8.20
C GLU A 71 -5.93 -8.70 -8.62
N VAL A 72 -6.26 -7.48 -8.21
CA VAL A 72 -7.55 -6.88 -8.54
C VAL A 72 -7.46 -6.12 -9.87
N PRO A 73 -8.41 -6.39 -10.77
CA PRO A 73 -8.47 -5.75 -12.08
C PRO A 73 -8.84 -4.27 -11.99
N ALA A 74 -9.48 -3.90 -10.88
CA ALA A 74 -9.89 -2.51 -10.66
C ALA A 74 -8.81 -1.73 -9.94
N LEU A 75 -7.75 -2.42 -9.52
CA LEU A 75 -6.65 -1.78 -8.82
C LEU A 75 -5.37 -1.85 -9.64
N ARG A 76 -5.35 -2.73 -10.63
CA ARG A 76 -4.18 -2.89 -11.49
C ARG A 76 -3.73 -1.54 -12.05
N LYS A 77 -4.67 -0.60 -12.15
CA LYS A 77 -4.37 0.72 -12.66
C LYS A 77 -3.36 1.44 -11.77
N ARG A 78 -3.47 1.23 -10.46
CA ARG A 78 -2.57 1.85 -9.51
C ARG A 78 -1.23 1.11 -9.47
N ALA A 79 -1.29 -0.20 -9.36
CA ALA A 79 -0.07 -1.02 -9.31
C ALA A 79 0.97 -0.51 -10.30
N GLU A 80 0.66 -0.61 -11.59
CA GLU A 80 1.57 -0.16 -12.63
C GLU A 80 2.17 1.20 -12.28
N ILE A 81 1.32 2.16 -11.95
CA ILE A 81 1.77 3.49 -11.58
C ILE A 81 2.77 3.44 -10.44
N LEU A 82 2.42 2.72 -9.38
CA LEU A 82 3.30 2.60 -8.22
C LEU A 82 4.64 2.00 -8.62
N LYS A 83 4.60 0.77 -9.16
CA LYS A 83 5.81 0.08 -9.58
C LYS A 83 6.71 1.02 -10.38
N LYS A 84 6.10 1.78 -11.29
CA LYS A 84 6.86 2.72 -12.12
C LYS A 84 7.82 3.55 -11.28
N GLU A 85 7.31 4.10 -10.19
CA GLU A 85 8.13 4.92 -9.30
C GLU A 85 8.94 4.05 -8.35
N ARG A 86 8.46 2.83 -8.12
CA ARG A 86 9.13 1.90 -7.22
C ARG A 86 10.59 1.71 -7.64
N SER A 87 10.79 1.32 -8.90
CA SER A 87 12.14 1.10 -9.41
C SER A 87 12.46 2.10 -10.52
N GLU A 88 13.74 2.45 -10.63
CA GLU A 88 14.18 3.40 -11.65
C GLU A 88 14.93 2.68 -12.77
N SER A 89 14.21 2.31 -13.82
CA SER A 89 14.81 1.61 -14.95
C SER A 89 15.93 0.69 -14.50
N GLY A 90 15.71 0.04 -13.36
CA GLY A 90 16.71 -0.88 -12.83
C GLY A 90 16.61 -2.26 -13.42
N PRO A 91 17.43 -3.20 -12.91
CA PRO A 91 17.44 -4.58 -13.38
C PRO A 91 16.18 -5.35 -12.99
N SER A 92 15.45 -4.80 -12.03
CA SER A 92 14.22 -5.43 -11.56
C SER A 92 13.18 -5.48 -12.68
N SER A 93 12.79 -4.31 -13.17
CA SER A 93 11.80 -4.22 -14.23
C SER A 93 12.24 -4.99 -15.46
N GLY A 94 13.46 -4.71 -15.94
CA GLY A 94 13.98 -5.39 -17.10
C GLY A 94 13.99 -4.51 -18.34
N GLY A 1 -1.12 18.37 -10.98
CA GLY A 1 -2.23 17.43 -11.00
C GLY A 1 -3.58 18.13 -10.91
N SER A 2 -4.34 17.79 -9.88
CA SER A 2 -5.66 18.38 -9.67
C SER A 2 -5.54 19.76 -9.05
N SER A 3 -5.34 20.78 -9.89
CA SER A 3 -5.21 22.15 -9.44
C SER A 3 -4.01 22.29 -8.48
N GLY A 4 -2.93 21.59 -8.81
CA GLY A 4 -1.74 21.65 -7.98
C GLY A 4 -1.78 20.66 -6.83
N SER A 5 -1.19 21.04 -5.70
CA SER A 5 -1.16 20.17 -4.53
C SER A 5 -0.90 18.72 -4.93
N SER A 6 0.14 18.51 -5.72
CA SER A 6 0.50 17.17 -6.18
C SER A 6 1.44 16.49 -5.20
N GLY A 7 1.17 16.65 -3.90
CA GLY A 7 2.01 16.04 -2.88
C GLY A 7 1.73 14.57 -2.71
N ILE A 8 1.72 13.83 -3.81
CA ILE A 8 1.46 12.40 -3.77
C ILE A 8 2.66 11.64 -3.20
N VAL A 9 2.40 10.78 -2.22
CA VAL A 9 3.45 10.00 -1.59
C VAL A 9 3.16 8.51 -1.68
N LEU A 10 4.21 7.70 -1.70
CA LEU A 10 4.05 6.25 -1.78
C LEU A 10 3.09 5.74 -0.72
N LEU A 11 3.02 6.44 0.41
CA LEU A 11 2.13 6.08 1.49
C LEU A 11 0.67 6.22 1.07
N ARG A 12 0.39 7.20 0.23
CA ARG A 12 -0.97 7.44 -0.25
C ARG A 12 -1.54 6.18 -0.90
N GLY A 13 -0.66 5.24 -1.23
CA GLY A 13 -1.09 4.00 -1.84
C GLY A 13 -2.21 3.32 -1.07
N LEU A 14 -2.23 3.52 0.24
CA LEU A 14 -3.24 2.93 1.09
C LEU A 14 -4.54 3.73 1.04
N GLU A 15 -4.43 5.05 1.24
CA GLU A 15 -5.59 5.92 1.21
C GLU A 15 -6.30 5.86 -0.15
N CYS A 16 -5.49 5.72 -1.20
CA CYS A 16 -6.03 5.65 -2.56
C CYS A 16 -7.22 4.69 -2.62
N ILE A 17 -6.98 3.44 -2.24
CA ILE A 17 -8.02 2.42 -2.26
C ILE A 17 -9.11 2.73 -1.22
N ASN A 18 -10.35 2.41 -1.56
CA ASN A 18 -11.47 2.65 -0.67
C ASN A 18 -11.44 1.70 0.52
N LYS A 19 -11.83 2.19 1.69
CA LYS A 19 -11.85 1.38 2.89
C LYS A 19 -12.26 -0.06 2.59
N HIS A 20 -13.13 -0.22 1.58
CA HIS A 20 -13.60 -1.53 1.19
C HIS A 20 -12.43 -2.47 0.87
N TYR A 21 -11.60 -2.05 -0.08
CA TYR A 21 -10.43 -2.84 -0.48
C TYR A 21 -9.41 -2.90 0.64
N PHE A 22 -9.17 -1.76 1.29
CA PHE A 22 -8.21 -1.69 2.38
C PHE A 22 -8.40 -2.85 3.35
N SER A 23 -9.65 -3.19 3.61
CA SER A 23 -9.96 -4.28 4.53
C SER A 23 -9.32 -5.58 4.08
N LEU A 24 -9.32 -5.81 2.77
CA LEU A 24 -8.73 -7.02 2.21
C LEU A 24 -7.22 -7.03 2.40
N PHE A 25 -6.59 -5.89 2.15
CA PHE A 25 -5.14 -5.75 2.30
C PHE A 25 -4.71 -6.13 3.71
N LYS A 26 -5.44 -5.64 4.70
CA LYS A 26 -5.14 -5.92 6.09
C LYS A 26 -5.21 -7.42 6.38
N SER A 27 -5.95 -8.14 5.53
CA SER A 27 -6.11 -9.58 5.70
C SER A 27 -4.82 -10.31 5.33
N LEU A 28 -4.24 -9.93 4.20
CA LEU A 28 -3.00 -10.55 3.73
C LEU A 28 -1.83 -10.21 4.66
N LEU A 29 -1.92 -9.05 5.31
CA LEU A 29 -0.87 -8.60 6.22
C LEU A 29 -1.14 -9.09 7.64
N ALA A 30 -2.42 -9.29 7.95
CA ALA A 30 -2.82 -9.76 9.27
C ALA A 30 -1.81 -10.78 9.82
N ARG A 31 -1.43 -11.74 8.98
CA ARG A 31 -0.47 -12.76 9.38
C ARG A 31 0.87 -12.15 9.73
N ASP A 32 1.41 -11.35 8.80
CA ASP A 32 2.70 -10.70 9.01
C ASP A 32 2.61 -9.69 10.15
N LEU A 33 1.79 -8.67 9.97
CA LEU A 33 1.63 -7.63 10.99
C LEU A 33 1.09 -8.22 12.28
N ASN A 34 0.44 -9.38 12.18
CA ASN A 34 -0.11 -10.04 13.35
C ASN A 34 -1.37 -9.34 13.82
N LEU A 35 -2.08 -8.69 12.90
CA LEU A 35 -3.31 -7.98 13.22
C LEU A 35 -4.35 -8.93 13.79
N GLU A 36 -5.50 -8.38 14.18
CA GLU A 36 -6.57 -9.18 14.74
C GLU A 36 -7.10 -10.19 13.73
N ARG A 37 -7.56 -11.33 14.22
CA ARG A 37 -8.08 -12.38 13.34
C ARG A 37 -9.35 -11.91 12.63
N ASP A 38 -10.17 -11.14 13.32
CA ASP A 38 -11.41 -10.63 12.76
C ASP A 38 -11.57 -9.14 13.07
N ASN A 39 -11.10 -8.74 14.24
CA ASN A 39 -11.21 -7.34 14.67
C ASN A 39 -10.16 -6.48 13.96
N GLN A 40 -10.10 -6.61 12.64
CA GLN A 40 -9.14 -5.85 11.84
C GLN A 40 -9.72 -4.49 11.46
N GLU A 41 -11.02 -4.45 11.22
CA GLU A 41 -11.68 -3.21 10.84
C GLU A 41 -11.23 -2.06 11.74
N GLN A 42 -11.06 -2.35 13.02
CA GLN A 42 -10.63 -1.34 13.98
C GLN A 42 -9.40 -0.60 13.47
N TYR A 43 -8.47 -1.34 12.88
CA TYR A 43 -7.24 -0.75 12.34
C TYR A 43 -7.55 0.25 11.25
N THR A 44 -6.80 1.35 11.24
CA THR A 44 -6.99 2.40 10.23
C THR A 44 -5.89 2.36 9.18
N THR A 45 -5.91 3.33 8.27
CA THR A 45 -4.91 3.41 7.21
C THR A 45 -3.57 3.88 7.76
N ILE A 46 -3.61 4.67 8.84
CA ILE A 46 -2.39 5.18 9.45
C ILE A 46 -1.67 4.09 10.24
N GLN A 47 -2.26 3.67 11.36
CA GLN A 47 -1.68 2.63 12.19
C GLN A 47 -0.93 1.61 11.33
N ILE A 48 -1.63 1.00 10.40
CA ILE A 48 -1.04 0.01 9.52
C ILE A 48 0.19 0.56 8.80
N ALA A 49 0.07 1.79 8.32
CA ALA A 49 1.17 2.45 7.62
C ALA A 49 2.44 2.43 8.46
N ASN A 50 2.32 2.79 9.73
CA ASN A 50 3.45 2.82 10.64
C ASN A 50 4.03 1.42 10.83
N MET A 51 3.25 0.52 11.42
CA MET A 51 3.68 -0.85 11.64
C MET A 51 4.49 -1.37 10.45
N MET A 52 4.05 -1.02 9.25
CA MET A 52 4.73 -1.46 8.04
C MET A 52 6.03 -0.68 7.84
N GLU A 53 6.02 0.59 8.22
CA GLU A 53 7.19 1.44 8.08
C GLU A 53 8.39 0.86 8.84
N GLU A 54 8.10 0.27 10.00
CA GLU A 54 9.14 -0.34 10.82
C GLU A 54 9.31 -1.81 10.50
N LYS A 55 8.20 -2.47 10.14
CA LYS A 55 8.24 -3.89 9.80
C LYS A 55 9.02 -4.13 8.52
N PHE A 56 8.56 -3.51 7.43
CA PHE A 56 9.22 -3.66 6.14
C PHE A 56 9.82 -2.33 5.68
N PRO A 57 11.05 -2.04 6.17
CA PRO A 57 11.76 -0.80 5.82
C PRO A 57 12.22 -0.79 4.37
N ALA A 58 11.97 -1.87 3.66
CA ALA A 58 12.36 -1.99 2.26
C ALA A 58 11.46 -1.14 1.37
N ASP A 59 10.16 -1.41 1.43
CA ASP A 59 9.18 -0.67 0.62
C ASP A 59 8.17 0.04 1.52
N SER A 60 8.30 -0.16 2.83
CA SER A 60 7.39 0.45 3.79
C SER A 60 5.94 0.10 3.46
N GLY A 61 5.74 -1.07 2.87
CA GLY A 61 4.40 -1.50 2.52
C GLY A 61 4.10 -1.32 1.04
N LEU A 62 4.77 -0.34 0.42
CA LEU A 62 4.58 -0.06 -0.99
C LEU A 62 4.41 -1.36 -1.79
N GLY A 63 5.46 -2.17 -1.80
CA GLY A 63 5.40 -3.43 -2.52
C GLY A 63 4.20 -4.27 -2.14
N LYS A 64 4.13 -4.67 -0.88
CA LYS A 64 3.03 -5.47 -0.39
C LYS A 64 1.70 -4.97 -0.94
N LEU A 65 1.56 -3.65 -1.03
CA LEU A 65 0.34 -3.04 -1.54
C LEU A 65 0.19 -3.31 -3.04
N ILE A 66 1.22 -2.97 -3.80
CA ILE A 66 1.19 -3.17 -5.24
C ILE A 66 0.58 -4.53 -5.60
N GLU A 67 1.15 -5.59 -5.02
CA GLU A 67 0.66 -6.94 -5.27
C GLU A 67 -0.85 -7.02 -5.09
N PHE A 68 -1.32 -6.63 -3.90
CA PHE A 68 -2.74 -6.67 -3.60
C PHE A 68 -3.56 -6.20 -4.79
N CYS A 69 -3.14 -5.11 -5.41
CA CYS A 69 -3.83 -4.56 -6.57
C CYS A 69 -3.84 -5.55 -7.72
N GLU A 70 -2.65 -6.02 -8.09
CA GLU A 70 -2.53 -6.98 -9.18
C GLU A 70 -3.70 -7.97 -9.18
N GLU A 71 -3.87 -8.68 -8.08
CA GLU A 71 -4.94 -9.66 -7.95
C GLU A 71 -6.27 -9.07 -8.45
N VAL A 72 -6.57 -7.86 -8.01
CA VAL A 72 -7.81 -7.19 -8.41
C VAL A 72 -7.62 -6.46 -9.74
N PRO A 73 -8.43 -6.85 -10.74
CA PRO A 73 -8.38 -6.25 -12.08
C PRO A 73 -8.89 -4.82 -12.09
N ALA A 74 -9.31 -4.33 -10.92
CA ALA A 74 -9.82 -2.98 -10.79
C ALA A 74 -8.80 -2.07 -10.11
N LEU A 75 -7.72 -2.66 -9.61
CA LEU A 75 -6.68 -1.91 -8.93
C LEU A 75 -5.36 -1.99 -9.70
N ARG A 76 -5.26 -2.98 -10.58
CA ARG A 76 -4.06 -3.17 -11.39
C ARG A 76 -3.53 -1.84 -11.90
N LYS A 77 -4.43 -0.99 -12.38
CA LYS A 77 -4.05 0.32 -12.89
C LYS A 77 -3.26 1.11 -11.86
N ARG A 78 -3.68 1.01 -10.60
CA ARG A 78 -3.00 1.72 -9.52
C ARG A 78 -1.64 1.08 -9.22
N ALA A 79 -1.61 -0.25 -9.23
CA ALA A 79 -0.38 -0.99 -8.97
C ALA A 79 0.77 -0.48 -9.84
N GLU A 80 0.65 -0.70 -11.15
CA GLU A 80 1.68 -0.27 -12.09
C GLU A 80 2.11 1.17 -11.79
N ILE A 81 1.14 2.07 -11.69
CA ILE A 81 1.43 3.47 -11.42
C ILE A 81 2.37 3.61 -10.23
N LEU A 82 2.20 2.75 -9.23
CA LEU A 82 3.03 2.77 -8.04
C LEU A 82 4.42 2.21 -8.33
N LYS A 83 4.51 1.36 -9.35
CA LYS A 83 5.78 0.75 -9.74
C LYS A 83 6.60 1.72 -10.58
N LYS A 84 5.95 2.41 -11.50
CA LYS A 84 6.61 3.37 -12.37
C LYS A 84 7.56 4.26 -11.57
N GLU A 85 7.14 4.64 -10.36
CA GLU A 85 7.95 5.49 -9.50
C GLU A 85 8.98 4.66 -8.73
N ARG A 86 8.53 3.54 -8.18
CA ARG A 86 9.42 2.66 -7.42
C ARG A 86 10.70 2.38 -8.20
N SER A 87 10.57 2.11 -9.49
CA SER A 87 11.72 1.82 -10.34
C SER A 87 12.30 3.11 -10.92
N GLU A 88 13.49 3.47 -10.47
CA GLU A 88 14.16 4.68 -10.94
C GLU A 88 15.56 4.36 -11.44
N SER A 89 15.68 4.06 -12.74
CA SER A 89 16.96 3.74 -13.33
C SER A 89 17.85 2.99 -12.34
N GLY A 90 17.26 2.02 -11.64
CA GLY A 90 18.01 1.25 -10.68
C GLY A 90 19.08 0.38 -11.33
N PRO A 91 19.77 -0.42 -10.50
CA PRO A 91 20.82 -1.33 -10.98
C PRO A 91 20.27 -2.48 -11.81
N SER A 92 18.94 -2.53 -11.94
CA SER A 92 18.29 -3.59 -12.69
C SER A 92 19.09 -3.95 -13.94
N SER A 93 19.49 -5.22 -14.02
CA SER A 93 20.28 -5.70 -15.15
C SER A 93 19.45 -6.61 -16.05
N GLY A 94 19.63 -6.48 -17.36
CA GLY A 94 18.89 -7.28 -18.31
C GLY A 94 19.16 -6.88 -19.74
N GLY A 1 6.60 30.90 -13.50
CA GLY A 1 7.11 29.95 -12.54
C GLY A 1 6.26 29.88 -11.29
N SER A 2 5.91 28.66 -10.88
CA SER A 2 5.08 28.46 -9.69
C SER A 2 5.55 27.23 -8.90
N SER A 3 5.63 27.38 -7.59
CA SER A 3 6.07 26.30 -6.72
C SER A 3 5.17 25.08 -6.88
N GLY A 4 5.78 23.93 -7.17
CA GLY A 4 5.02 22.71 -7.35
C GLY A 4 5.23 21.73 -6.21
N SER A 5 4.13 21.22 -5.65
CA SER A 5 4.21 20.27 -4.54
C SER A 5 3.28 19.08 -4.79
N SER A 6 3.87 17.97 -5.21
CA SER A 6 3.09 16.76 -5.49
C SER A 6 2.50 16.19 -4.21
N GLY A 7 3.35 16.03 -3.20
CA GLY A 7 2.89 15.49 -1.93
C GLY A 7 2.82 13.98 -1.93
N ILE A 8 2.44 13.40 -3.06
CA ILE A 8 2.34 11.95 -3.19
C ILE A 8 3.45 11.25 -2.42
N VAL A 9 3.08 10.21 -1.68
CA VAL A 9 4.05 9.45 -0.90
C VAL A 9 3.69 7.97 -0.87
N LEU A 10 4.70 7.12 -0.88
CA LEU A 10 4.50 5.67 -0.85
C LEU A 10 3.34 5.32 0.09
N LEU A 11 3.18 6.09 1.15
CA LEU A 11 2.12 5.86 2.11
C LEU A 11 0.75 5.85 1.42
N ARG A 12 0.45 6.93 0.71
CA ARG A 12 -0.82 7.05 0.00
C ARG A 12 -1.27 5.69 -0.54
N GLY A 13 -0.30 4.85 -0.90
CA GLY A 13 -0.63 3.54 -1.43
C GLY A 13 -1.84 2.93 -0.75
N LEU A 14 -2.02 3.24 0.53
CA LEU A 14 -3.14 2.71 1.30
C LEU A 14 -4.39 3.56 1.09
N GLU A 15 -4.28 4.86 1.39
CA GLU A 15 -5.40 5.77 1.24
C GLU A 15 -6.04 5.63 -0.14
N CYS A 16 -5.20 5.55 -1.17
CA CYS A 16 -5.68 5.41 -2.53
C CYS A 16 -6.89 4.48 -2.59
N ILE A 17 -6.68 3.22 -2.20
CA ILE A 17 -7.75 2.23 -2.21
C ILE A 17 -8.84 2.59 -1.21
N ASN A 18 -10.08 2.26 -1.54
CA ASN A 18 -11.22 2.54 -0.67
C ASN A 18 -11.30 1.52 0.46
N LYS A 19 -11.83 1.95 1.61
CA LYS A 19 -11.97 1.07 2.76
C LYS A 19 -12.31 -0.35 2.32
N HIS A 20 -13.27 -0.47 1.40
CA HIS A 20 -13.68 -1.78 0.90
C HIS A 20 -12.49 -2.69 0.69
N TYR A 21 -11.58 -2.28 -0.19
CA TYR A 21 -10.39 -3.07 -0.48
C TYR A 21 -9.43 -3.06 0.72
N PHE A 22 -9.23 -1.90 1.30
CA PHE A 22 -8.35 -1.75 2.46
C PHE A 22 -8.54 -2.90 3.43
N SER A 23 -9.80 -3.24 3.70
CA SER A 23 -10.11 -4.33 4.62
C SER A 23 -9.39 -5.61 4.23
N LEU A 24 -9.36 -5.90 2.94
CA LEU A 24 -8.71 -7.09 2.42
C LEU A 24 -7.20 -7.01 2.63
N PHE A 25 -6.63 -5.84 2.34
CA PHE A 25 -5.19 -5.64 2.50
C PHE A 25 -4.75 -5.97 3.91
N LYS A 26 -5.48 -5.47 4.90
CA LYS A 26 -5.16 -5.71 6.29
C LYS A 26 -5.19 -7.20 6.61
N SER A 27 -6.10 -7.92 5.96
CA SER A 27 -6.22 -9.36 6.16
C SER A 27 -4.97 -10.10 5.67
N LEU A 28 -4.44 -9.65 4.53
CA LEU A 28 -3.25 -10.26 3.96
C LEU A 28 -2.01 -9.96 4.81
N LEU A 29 -1.98 -8.78 5.40
CA LEU A 29 -0.86 -8.37 6.25
C LEU A 29 -1.07 -8.85 7.69
N ALA A 30 -2.32 -9.04 8.07
CA ALA A 30 -2.65 -9.49 9.41
C ALA A 30 -1.59 -10.45 9.95
N ARG A 31 -1.23 -11.44 9.13
CA ARG A 31 -0.22 -12.42 9.53
C ARG A 31 1.13 -11.74 9.76
N ASP A 32 1.57 -10.96 8.79
CA ASP A 32 2.85 -10.25 8.89
C ASP A 32 2.82 -9.26 10.05
N LEU A 33 1.92 -8.28 9.96
CA LEU A 33 1.80 -7.26 10.99
C LEU A 33 1.13 -7.83 12.24
N ASN A 34 0.86 -9.13 12.23
CA ASN A 34 0.23 -9.79 13.36
C ASN A 34 -0.91 -8.95 13.92
N LEU A 35 -1.76 -8.46 13.04
CA LEU A 35 -2.89 -7.63 13.44
C LEU A 35 -3.91 -8.46 14.22
N GLU A 36 -5.03 -7.83 14.58
CA GLU A 36 -6.09 -8.50 15.32
C GLU A 36 -7.00 -9.28 14.39
N ARG A 37 -8.07 -9.84 14.94
CA ARG A 37 -9.02 -10.60 14.16
C ARG A 37 -10.31 -9.81 13.92
N ASP A 38 -10.66 -8.97 14.90
CA ASP A 38 -11.86 -8.15 14.80
C ASP A 38 -11.51 -6.67 14.81
N ASN A 39 -10.38 -6.33 15.43
CA ASN A 39 -9.93 -4.95 15.51
C ASN A 39 -9.33 -4.49 14.18
N GLN A 40 -9.20 -5.43 13.25
CA GLN A 40 -8.64 -5.13 11.93
C GLN A 40 -9.49 -4.10 11.20
N GLU A 41 -10.67 -3.82 11.74
CA GLU A 41 -11.59 -2.86 11.14
C GLU A 41 -11.29 -1.44 11.63
N GLN A 42 -11.43 -1.24 12.93
CA GLN A 42 -11.18 0.08 13.53
C GLN A 42 -9.91 0.68 12.98
N TYR A 43 -8.83 -0.10 12.95
CA TYR A 43 -7.55 0.36 12.45
C TYR A 43 -7.73 1.33 11.28
N THR A 44 -6.77 2.23 11.11
CA THR A 44 -6.83 3.21 10.03
C THR A 44 -5.57 3.15 9.18
N THR A 45 -5.67 3.67 7.96
CA THR A 45 -4.54 3.69 7.04
C THR A 45 -3.25 4.08 7.76
N ILE A 46 -3.39 4.83 8.83
CA ILE A 46 -2.23 5.26 9.61
C ILE A 46 -1.67 4.13 10.45
N GLN A 47 -2.46 3.65 11.40
CA GLN A 47 -2.04 2.55 12.27
C GLN A 47 -1.43 1.42 11.46
N ILE A 48 -2.06 1.09 10.34
CA ILE A 48 -1.58 0.02 9.48
C ILE A 48 -0.28 0.43 8.78
N ALA A 49 -0.17 1.71 8.47
CA ALA A 49 1.02 2.24 7.81
C ALA A 49 2.26 2.03 8.66
N ASN A 50 2.33 2.73 9.78
CA ASN A 50 3.48 2.63 10.69
C ASN A 50 3.97 1.19 10.77
N MET A 51 3.13 0.30 11.32
CA MET A 51 3.48 -1.10 11.45
C MET A 51 4.27 -1.58 10.24
N MET A 52 3.78 -1.25 9.05
CA MET A 52 4.43 -1.65 7.81
C MET A 52 5.74 -0.90 7.62
N GLU A 53 5.73 0.41 7.90
CA GLU A 53 6.92 1.23 7.77
C GLU A 53 8.10 0.60 8.50
N GLU A 54 7.84 0.09 9.70
CA GLU A 54 8.88 -0.55 10.50
C GLU A 54 9.17 -1.96 10.02
N LYS A 55 8.12 -2.67 9.64
CA LYS A 55 8.25 -4.04 9.15
C LYS A 55 9.16 -4.10 7.93
N PHE A 56 8.86 -3.27 6.94
CA PHE A 56 9.66 -3.23 5.71
C PHE A 56 10.16 -1.81 5.45
N PRO A 57 11.29 -1.45 6.07
CA PRO A 57 11.91 -0.13 5.92
C PRO A 57 12.50 0.07 4.52
N ALA A 58 12.36 -0.95 3.67
CA ALA A 58 12.88 -0.87 2.32
C ALA A 58 11.85 -0.27 1.37
N ASP A 59 10.66 -0.85 1.34
CA ASP A 59 9.60 -0.37 0.48
C ASP A 59 8.50 0.30 1.30
N SER A 60 8.57 0.15 2.62
CA SER A 60 7.58 0.74 3.52
C SER A 60 6.18 0.24 3.19
N GLY A 61 6.11 -0.99 2.67
CA GLY A 61 4.83 -1.57 2.32
C GLY A 61 4.42 -1.28 0.89
N LEU A 62 5.21 -0.44 0.22
CA LEU A 62 4.93 -0.08 -1.17
C LEU A 62 4.72 -1.33 -2.02
N GLY A 63 5.66 -2.26 -1.94
CA GLY A 63 5.56 -3.49 -2.71
C GLY A 63 4.37 -4.34 -2.29
N LYS A 64 4.23 -4.56 -1.00
CA LYS A 64 3.13 -5.36 -0.47
C LYS A 64 1.80 -4.89 -1.05
N LEU A 65 1.62 -3.58 -1.11
CA LEU A 65 0.38 -3.00 -1.64
C LEU A 65 0.25 -3.30 -3.14
N ILE A 66 1.21 -2.84 -3.92
CA ILE A 66 1.20 -3.06 -5.36
C ILE A 66 0.59 -4.41 -5.70
N GLU A 67 1.20 -5.48 -5.19
CA GLU A 67 0.71 -6.83 -5.44
C GLU A 67 -0.79 -6.92 -5.19
N PHE A 68 -1.20 -6.59 -3.98
CA PHE A 68 -2.62 -6.65 -3.61
C PHE A 68 -3.49 -6.11 -4.74
N CYS A 69 -3.04 -5.05 -5.39
CA CYS A 69 -3.77 -4.44 -6.49
C CYS A 69 -3.80 -5.36 -7.70
N GLU A 70 -2.61 -5.83 -8.10
CA GLU A 70 -2.49 -6.72 -9.25
C GLU A 70 -3.59 -7.78 -9.23
N GLU A 71 -3.75 -8.45 -8.10
CA GLU A 71 -4.76 -9.49 -7.94
C GLU A 71 -6.13 -8.98 -8.38
N VAL A 72 -6.49 -7.77 -7.93
CA VAL A 72 -7.76 -7.17 -8.27
C VAL A 72 -7.68 -6.40 -9.59
N PRO A 73 -8.54 -6.76 -10.54
CA PRO A 73 -8.58 -6.12 -11.86
C PRO A 73 -9.10 -4.69 -11.79
N ALA A 74 -9.45 -4.24 -10.58
CA ALA A 74 -9.96 -2.89 -10.38
C ALA A 74 -8.93 -2.02 -9.67
N LEU A 75 -7.78 -2.60 -9.36
CA LEU A 75 -6.71 -1.87 -8.68
C LEU A 75 -5.42 -1.93 -9.49
N ARG A 76 -5.35 -2.86 -10.43
CA ARG A 76 -4.16 -3.02 -11.27
C ARG A 76 -3.76 -1.69 -11.89
N LYS A 77 -4.75 -0.85 -12.18
CA LYS A 77 -4.50 0.46 -12.77
C LYS A 77 -3.48 1.24 -11.96
N ARG A 78 -3.62 1.20 -10.64
CA ARG A 78 -2.71 1.90 -9.74
C ARG A 78 -1.40 1.14 -9.60
N ALA A 79 -1.49 -0.18 -9.47
CA ALA A 79 -0.31 -1.02 -9.32
C ALA A 79 0.80 -0.58 -10.28
N GLU A 80 0.55 -0.71 -11.57
CA GLU A 80 1.52 -0.32 -12.58
C GLU A 80 2.05 1.08 -12.32
N ILE A 81 1.14 1.99 -11.98
CA ILE A 81 1.53 3.38 -11.71
C ILE A 81 2.53 3.45 -10.56
N LEU A 82 2.24 2.73 -9.49
CA LEU A 82 3.12 2.71 -8.33
C LEU A 82 4.51 2.20 -8.69
N LYS A 83 4.54 1.09 -9.44
CA LYS A 83 5.80 0.50 -9.87
C LYS A 83 6.66 1.53 -10.61
N LYS A 84 6.01 2.46 -11.29
CA LYS A 84 6.71 3.50 -12.03
C LYS A 84 7.53 4.39 -11.09
N GLU A 85 6.98 4.64 -9.91
CA GLU A 85 7.65 5.48 -8.92
C GLU A 85 8.58 4.64 -8.03
N ARG A 86 8.15 3.43 -7.72
CA ARG A 86 8.93 2.53 -6.89
C ARG A 86 10.42 2.69 -7.16
N SER A 87 10.79 2.61 -8.44
CA SER A 87 12.19 2.74 -8.84
C SER A 87 12.58 4.21 -8.97
N GLU A 88 13.34 4.70 -8.01
CA GLU A 88 13.79 6.09 -8.02
C GLU A 88 15.31 6.18 -8.02
N SER A 89 15.96 5.06 -7.68
CA SER A 89 17.42 5.02 -7.64
C SER A 89 17.95 3.80 -8.40
N GLY A 90 17.02 3.01 -8.94
CA GLY A 90 17.41 1.83 -9.68
C GLY A 90 16.96 1.87 -11.13
N PRO A 91 17.18 0.77 -11.85
CA PRO A 91 16.80 0.66 -13.27
C PRO A 91 15.28 0.61 -13.46
N SER A 92 14.80 1.36 -14.44
CA SER A 92 13.37 1.41 -14.73
C SER A 92 13.10 1.07 -16.20
N SER A 93 13.92 1.61 -17.09
CA SER A 93 13.77 1.36 -18.52
C SER A 93 13.68 -0.14 -18.80
N GLY A 94 14.59 -0.89 -18.20
CA GLY A 94 14.59 -2.34 -18.41
C GLY A 94 15.57 -3.04 -17.49
N GLY A 1 12.08 21.60 10.25
CA GLY A 1 12.04 22.89 9.58
C GLY A 1 12.21 22.76 8.08
N SER A 2 11.59 21.74 7.49
CA SER A 2 11.69 21.51 6.06
C SER A 2 10.82 22.50 5.29
N SER A 3 11.41 23.13 4.28
CA SER A 3 10.70 24.10 3.47
C SER A 3 9.80 23.41 2.45
N GLY A 4 8.58 23.93 2.28
CA GLY A 4 7.65 23.35 1.35
C GLY A 4 7.03 22.05 1.85
N SER A 5 5.75 21.86 1.59
CA SER A 5 5.05 20.66 2.03
C SER A 5 4.44 19.91 0.85
N SER A 6 4.85 18.66 0.67
CA SER A 6 4.34 17.85 -0.43
C SER A 6 3.32 16.83 0.08
N GLY A 7 3.73 16.01 1.04
CA GLY A 7 2.84 15.01 1.58
C GLY A 7 2.87 13.71 0.80
N ILE A 8 2.50 13.79 -0.47
CA ILE A 8 2.49 12.61 -1.33
C ILE A 8 3.62 11.65 -0.98
N VAL A 9 3.34 10.36 -1.05
CA VAL A 9 4.34 9.35 -0.73
C VAL A 9 3.85 7.96 -1.13
N LEU A 10 4.78 7.08 -1.47
CA LEU A 10 4.45 5.71 -1.85
C LEU A 10 3.40 5.12 -0.93
N LEU A 11 3.45 5.51 0.34
CA LEU A 11 2.50 5.02 1.34
C LEU A 11 1.07 5.31 0.91
N ARG A 12 0.85 6.50 0.34
CA ARG A 12 -0.47 6.89 -0.11
C ARG A 12 -1.21 5.72 -0.74
N GLY A 13 -0.45 4.79 -1.32
CA GLY A 13 -1.05 3.62 -1.95
C GLY A 13 -2.21 3.06 -1.14
N LEU A 14 -2.09 3.11 0.18
CA LEU A 14 -3.13 2.60 1.07
C LEU A 14 -4.34 3.52 1.07
N GLU A 15 -4.16 4.74 1.56
CA GLU A 15 -5.24 5.72 1.61
C GLU A 15 -5.95 5.82 0.26
N CYS A 16 -5.26 5.39 -0.79
CA CYS A 16 -5.82 5.44 -2.13
C CYS A 16 -7.05 4.55 -2.25
N ILE A 17 -6.89 3.29 -1.87
CA ILE A 17 -7.99 2.33 -1.93
C ILE A 17 -9.03 2.61 -0.84
N ASN A 18 -10.30 2.48 -1.19
CA ASN A 18 -11.38 2.73 -0.24
C ASN A 18 -11.39 1.65 0.86
N LYS A 19 -12.04 1.97 1.96
CA LYS A 19 -12.13 1.05 3.09
C LYS A 19 -12.54 -0.34 2.62
N HIS A 20 -13.20 -0.40 1.46
CA HIS A 20 -13.65 -1.67 0.90
C HIS A 20 -12.47 -2.60 0.65
N TYR A 21 -11.56 -2.18 -0.24
CA TYR A 21 -10.39 -2.99 -0.57
C TYR A 21 -9.39 -3.00 0.59
N PHE A 22 -9.24 -1.85 1.24
CA PHE A 22 -8.33 -1.74 2.37
C PHE A 22 -8.54 -2.88 3.37
N SER A 23 -9.80 -3.13 3.69
CA SER A 23 -10.15 -4.18 4.63
C SER A 23 -9.41 -5.48 4.30
N LEU A 24 -9.39 -5.83 3.03
CA LEU A 24 -8.71 -7.04 2.57
C LEU A 24 -7.22 -7.00 2.92
N PHE A 25 -6.53 -5.98 2.40
CA PHE A 25 -5.11 -5.82 2.65
C PHE A 25 -4.77 -6.14 4.10
N LYS A 26 -5.53 -5.55 5.02
CA LYS A 26 -5.31 -5.77 6.45
C LYS A 26 -5.33 -7.26 6.77
N SER A 27 -6.25 -7.99 6.14
CA SER A 27 -6.37 -9.43 6.36
C SER A 27 -5.16 -10.17 5.81
N LEU A 28 -4.66 -9.71 4.67
CA LEU A 28 -3.51 -10.33 4.04
C LEU A 28 -2.23 -10.05 4.82
N LEU A 29 -2.23 -8.94 5.55
CA LEU A 29 -1.07 -8.55 6.35
C LEU A 29 -1.24 -8.98 7.80
N ALA A 30 -2.47 -9.34 8.16
CA ALA A 30 -2.77 -9.77 9.52
C ALA A 30 -1.69 -10.70 10.05
N ARG A 31 -1.18 -11.56 9.18
CA ARG A 31 -0.14 -12.51 9.56
C ARG A 31 1.18 -11.80 9.80
N ASP A 32 1.59 -10.98 8.83
CA ASP A 32 2.84 -10.24 8.94
C ASP A 32 2.76 -9.17 10.03
N LEU A 33 1.84 -8.23 9.85
CA LEU A 33 1.66 -7.16 10.82
C LEU A 33 1.18 -7.71 12.16
N ASN A 34 0.63 -8.92 12.14
CA ASN A 34 0.14 -9.55 13.35
C ASN A 34 -1.10 -8.85 13.88
N LEU A 35 -1.96 -8.41 12.96
CA LEU A 35 -3.19 -7.72 13.34
C LEU A 35 -4.16 -8.67 14.03
N GLU A 36 -5.24 -8.11 14.58
CA GLU A 36 -6.24 -8.91 15.28
C GLU A 36 -7.31 -9.39 14.30
N ARG A 37 -7.17 -10.64 13.86
CA ARG A 37 -8.13 -11.22 12.92
C ARG A 37 -9.53 -10.69 13.18
N ASP A 38 -9.84 -10.43 14.44
CA ASP A 38 -11.15 -9.92 14.82
C ASP A 38 -11.13 -8.38 14.91
N ASN A 39 -10.22 -7.86 15.72
CA ASN A 39 -10.09 -6.42 15.89
C ASN A 39 -9.26 -5.81 14.76
N GLN A 40 -9.56 -6.20 13.54
CA GLN A 40 -8.83 -5.69 12.37
C GLN A 40 -9.46 -4.41 11.86
N GLU A 41 -10.63 -4.08 12.39
CA GLU A 41 -11.35 -2.87 11.98
C GLU A 41 -10.79 -1.64 12.68
N GLN A 42 -10.60 -1.76 13.99
CA GLN A 42 -10.07 -0.66 14.79
C GLN A 42 -8.87 -0.01 14.09
N TYR A 43 -8.14 -0.82 13.33
CA TYR A 43 -6.96 -0.32 12.61
C TYR A 43 -7.38 0.52 11.41
N THR A 44 -6.53 1.48 11.05
CA THR A 44 -6.80 2.35 9.92
C THR A 44 -5.60 2.42 8.97
N THR A 45 -5.82 3.00 7.79
CA THR A 45 -4.76 3.13 6.80
C THR A 45 -3.51 3.75 7.41
N ILE A 46 -3.71 4.54 8.46
CA ILE A 46 -2.59 5.20 9.13
C ILE A 46 -1.83 4.22 10.02
N GLN A 47 -2.48 3.77 11.10
CA GLN A 47 -1.86 2.84 12.03
C GLN A 47 -1.18 1.69 11.27
N ILE A 48 -1.89 1.13 10.29
CA ILE A 48 -1.36 0.04 9.50
C ILE A 48 -0.12 0.46 8.71
N ALA A 49 -0.15 1.70 8.22
CA ALA A 49 0.98 2.23 7.46
C ALA A 49 2.26 2.22 8.28
N ASN A 50 2.26 2.95 9.38
CA ASN A 50 3.42 3.03 10.26
C ASN A 50 3.98 1.64 10.53
N MET A 51 3.14 0.76 11.08
CA MET A 51 3.56 -0.60 11.39
C MET A 51 4.37 -1.19 10.25
N MET A 52 3.89 -1.01 9.02
CA MET A 52 4.57 -1.53 7.84
C MET A 52 5.90 -0.80 7.62
N GLU A 53 5.85 0.52 7.60
CA GLU A 53 7.05 1.32 7.40
C GLU A 53 8.21 0.78 8.22
N GLU A 54 7.90 0.13 9.33
CA GLU A 54 8.90 -0.44 10.21
C GLU A 54 9.13 -1.91 9.91
N LYS A 55 8.04 -2.63 9.65
CA LYS A 55 8.11 -4.05 9.35
C LYS A 55 9.00 -4.31 8.13
N PHE A 56 8.64 -3.70 7.01
CA PHE A 56 9.41 -3.87 5.78
C PHE A 56 10.14 -2.57 5.42
N PRO A 57 11.33 -2.37 6.02
CA PRO A 57 12.15 -1.19 5.79
C PRO A 57 12.75 -1.16 4.38
N ALA A 58 12.45 -2.19 3.61
CA ALA A 58 12.95 -2.29 2.24
C ALA A 58 12.09 -1.49 1.28
N ASP A 59 10.79 -1.79 1.26
CA ASP A 59 9.86 -1.09 0.40
C ASP A 59 8.81 -0.34 1.21
N SER A 60 8.79 -0.60 2.51
CA SER A 60 7.83 0.05 3.40
C SER A 60 6.40 -0.33 3.04
N GLY A 61 6.24 -1.54 2.50
CA GLY A 61 4.92 -2.00 2.11
C GLY A 61 4.58 -1.66 0.67
N LEU A 62 5.31 -0.70 0.10
CA LEU A 62 5.08 -0.29 -1.27
C LEU A 62 4.84 -1.49 -2.17
N GLY A 63 5.66 -2.52 -2.03
CA GLY A 63 5.51 -3.71 -2.84
C GLY A 63 4.30 -4.52 -2.45
N LYS A 64 4.27 -4.97 -1.19
CA LYS A 64 3.15 -5.76 -0.69
C LYS A 64 1.82 -5.19 -1.18
N LEU A 65 1.74 -3.87 -1.26
CA LEU A 65 0.52 -3.21 -1.71
C LEU A 65 0.31 -3.43 -3.20
N ILE A 66 1.30 -3.05 -4.00
CA ILE A 66 1.22 -3.20 -5.44
C ILE A 66 0.57 -4.54 -5.82
N GLU A 67 1.15 -5.63 -5.31
CA GLU A 67 0.65 -6.97 -5.60
C GLU A 67 -0.85 -7.05 -5.30
N PHE A 68 -1.24 -6.61 -4.12
CA PHE A 68 -2.64 -6.63 -3.72
C PHE A 68 -3.53 -5.96 -4.78
N CYS A 69 -2.97 -4.96 -5.45
CA CYS A 69 -3.70 -4.24 -6.48
C CYS A 69 -3.66 -4.99 -7.81
N GLU A 70 -2.58 -5.74 -8.02
CA GLU A 70 -2.42 -6.51 -9.25
C GLU A 70 -3.47 -7.61 -9.35
N GLU A 71 -3.65 -8.35 -8.25
CA GLU A 71 -4.62 -9.44 -8.22
C GLU A 71 -6.01 -8.93 -8.62
N VAL A 72 -6.27 -7.66 -8.35
CA VAL A 72 -7.56 -7.06 -8.69
C VAL A 72 -7.48 -6.28 -10.00
N PRO A 73 -8.43 -6.55 -10.91
CA PRO A 73 -8.49 -5.89 -12.21
C PRO A 73 -8.88 -4.42 -12.10
N ALA A 74 -9.38 -4.03 -10.93
CA ALA A 74 -9.79 -2.65 -10.69
C ALA A 74 -8.68 -1.87 -10.02
N LEU A 75 -7.70 -2.57 -9.47
CA LEU A 75 -6.57 -1.93 -8.79
C LEU A 75 -5.33 -1.98 -9.65
N ARG A 76 -5.26 -2.98 -10.53
CA ARG A 76 -4.12 -3.14 -11.42
C ARG A 76 -3.65 -1.79 -11.96
N LYS A 77 -4.59 -0.89 -12.17
CA LYS A 77 -4.28 0.44 -12.68
C LYS A 77 -3.38 1.20 -11.72
N ARG A 78 -3.69 1.11 -10.43
CA ARG A 78 -2.89 1.78 -9.41
C ARG A 78 -1.55 1.08 -9.21
N ALA A 79 -1.59 -0.24 -9.17
CA ALA A 79 -0.37 -1.03 -8.98
C ALA A 79 0.77 -0.50 -9.84
N GLU A 80 0.64 -0.63 -11.16
CA GLU A 80 1.66 -0.16 -12.09
C GLU A 80 2.09 1.26 -11.74
N ILE A 81 1.12 2.14 -11.52
CA ILE A 81 1.40 3.52 -11.19
C ILE A 81 2.34 3.61 -9.98
N LEU A 82 2.15 2.71 -9.03
CA LEU A 82 2.99 2.68 -7.82
C LEU A 82 4.38 2.15 -8.14
N LYS A 83 4.49 1.40 -9.24
CA LYS A 83 5.77 0.84 -9.65
C LYS A 83 6.64 1.89 -10.32
N LYS A 84 6.03 2.70 -11.17
CA LYS A 84 6.75 3.76 -11.87
C LYS A 84 7.65 4.54 -10.92
N GLU A 85 7.12 4.85 -9.74
CA GLU A 85 7.87 5.59 -8.73
C GLU A 85 8.90 4.70 -8.05
N ARG A 86 8.50 3.46 -7.76
CA ARG A 86 9.38 2.51 -7.11
C ARG A 86 10.78 2.56 -7.70
N SER A 87 10.87 2.45 -9.03
CA SER A 87 12.15 2.50 -9.71
C SER A 87 12.54 3.93 -10.07
N GLU A 88 13.84 4.19 -10.09
CA GLU A 88 14.34 5.52 -10.40
C GLU A 88 14.82 5.60 -11.85
N SER A 89 13.88 5.84 -12.77
CA SER A 89 14.21 5.93 -14.19
C SER A 89 15.25 4.89 -14.57
N GLY A 90 15.11 3.67 -14.04
CA GLY A 90 16.04 2.61 -14.34
C GLY A 90 15.38 1.42 -15.00
N PRO A 91 16.15 0.67 -15.79
CA PRO A 91 15.65 -0.51 -16.50
C PRO A 91 15.33 -1.67 -15.55
N SER A 92 14.44 -2.56 -15.98
CA SER A 92 14.06 -3.70 -15.16
C SER A 92 13.49 -4.82 -16.04
N SER A 93 13.44 -6.03 -15.48
CA SER A 93 12.93 -7.18 -16.20
C SER A 93 11.42 -7.30 -16.04
N GLY A 94 10.85 -6.51 -15.13
CA GLY A 94 9.42 -6.54 -14.90
C GLY A 94 8.91 -7.93 -14.61
N GLY A 1 -10.66 13.33 -16.86
CA GLY A 1 -9.23 13.47 -17.03
C GLY A 1 -8.74 14.88 -16.74
N SER A 2 -9.21 15.43 -15.62
CA SER A 2 -8.82 16.79 -15.22
C SER A 2 -7.48 16.77 -14.50
N SER A 3 -6.79 17.91 -14.53
CA SER A 3 -5.49 18.03 -13.88
C SER A 3 -5.63 18.08 -12.37
N GLY A 4 -4.77 17.35 -11.67
CA GLY A 4 -4.81 17.33 -10.22
C GLY A 4 -3.64 18.05 -9.59
N SER A 5 -2.71 17.27 -9.03
CA SER A 5 -1.54 17.83 -8.39
C SER A 5 -0.42 16.80 -8.29
N SER A 6 0.82 17.28 -8.18
CA SER A 6 1.97 16.40 -8.09
C SER A 6 2.21 15.97 -6.65
N GLY A 7 1.13 15.62 -5.95
CA GLY A 7 1.24 15.19 -4.57
C GLY A 7 1.27 13.68 -4.44
N ILE A 8 2.47 13.11 -4.45
CA ILE A 8 2.63 11.66 -4.33
C ILE A 8 3.57 11.30 -3.19
N VAL A 9 3.11 10.44 -2.30
CA VAL A 9 3.93 10.01 -1.16
C VAL A 9 4.04 8.49 -1.11
N LEU A 10 5.17 8.01 -0.61
CA LEU A 10 5.41 6.56 -0.50
C LEU A 10 4.30 5.89 0.29
N LEU A 11 3.62 6.67 1.13
CA LEU A 11 2.52 6.15 1.93
C LEU A 11 1.23 6.08 1.13
N ARG A 12 1.02 7.06 0.27
CA ARG A 12 -0.18 7.12 -0.56
C ARG A 12 -0.50 5.74 -1.14
N GLY A 13 0.52 4.90 -1.22
CA GLY A 13 0.33 3.56 -1.76
C GLY A 13 -0.93 2.89 -1.23
N LEU A 14 -1.31 3.26 -0.01
CA LEU A 14 -2.51 2.68 0.61
C LEU A 14 -3.72 3.58 0.38
N GLU A 15 -3.50 4.89 0.39
CA GLU A 15 -4.58 5.85 0.18
C GLU A 15 -5.27 5.59 -1.16
N CYS A 16 -4.57 4.92 -2.07
CA CYS A 16 -5.11 4.61 -3.38
C CYS A 16 -6.38 3.77 -3.26
N ILE A 17 -6.54 3.09 -2.13
CA ILE A 17 -7.70 2.25 -1.89
C ILE A 17 -8.48 2.73 -0.67
N ASN A 18 -9.75 2.35 -0.60
CA ASN A 18 -10.60 2.73 0.52
C ASN A 18 -10.82 1.56 1.47
N LYS A 19 -11.34 1.85 2.66
CA LYS A 19 -11.59 0.83 3.66
C LYS A 19 -12.05 -0.48 3.00
N HIS A 20 -12.92 -0.36 2.00
CA HIS A 20 -13.42 -1.53 1.29
C HIS A 20 -12.30 -2.49 0.96
N TYR A 21 -11.48 -2.13 -0.03
CA TYR A 21 -10.37 -2.98 -0.45
C TYR A 21 -9.35 -3.13 0.68
N PHE A 22 -9.15 -2.06 1.44
CA PHE A 22 -8.20 -2.07 2.54
C PHE A 22 -8.45 -3.27 3.45
N SER A 23 -9.72 -3.54 3.74
CA SER A 23 -10.09 -4.66 4.60
C SER A 23 -9.46 -5.96 4.10
N LEU A 24 -9.34 -6.09 2.79
CA LEU A 24 -8.75 -7.28 2.19
C LEU A 24 -7.24 -7.30 2.38
N PHE A 25 -6.62 -6.13 2.20
CA PHE A 25 -5.17 -6.01 2.36
C PHE A 25 -4.75 -6.34 3.79
N LYS A 26 -5.48 -5.82 4.75
CA LYS A 26 -5.18 -6.05 6.16
C LYS A 26 -5.29 -7.53 6.50
N SER A 27 -6.15 -8.24 5.77
CA SER A 27 -6.35 -9.66 6.00
C SER A 27 -5.09 -10.46 5.63
N LEU A 28 -4.50 -10.12 4.49
CA LEU A 28 -3.29 -10.78 4.03
C LEU A 28 -2.10 -10.44 4.92
N LEU A 29 -2.11 -9.23 5.47
CA LEU A 29 -1.04 -8.77 6.34
C LEU A 29 -1.33 -9.13 7.79
N ALA A 30 -2.59 -9.37 8.10
CA ALA A 30 -2.99 -9.73 9.46
C ALA A 30 -1.94 -10.62 10.12
N ARG A 31 -1.55 -11.68 9.42
CA ARG A 31 -0.55 -12.61 9.94
C ARG A 31 0.75 -11.88 10.27
N ASP A 32 1.30 -11.21 9.28
CA ASP A 32 2.56 -10.48 9.46
C ASP A 32 2.40 -9.38 10.51
N LEU A 33 1.52 -8.42 10.24
CA LEU A 33 1.27 -7.32 11.16
C LEU A 33 0.57 -7.81 12.41
N ASN A 34 0.22 -9.10 12.43
CA ASN A 34 -0.46 -9.69 13.58
C ASN A 34 -1.69 -8.87 13.95
N LEU A 35 -2.43 -8.42 12.94
CA LEU A 35 -3.63 -7.62 13.17
C LEU A 35 -4.69 -8.45 13.90
N GLU A 36 -5.68 -7.76 14.45
CA GLU A 36 -6.76 -8.42 15.18
C GLU A 36 -7.93 -8.72 14.25
N ARG A 37 -7.99 -9.96 13.77
CA ARG A 37 -9.07 -10.37 12.87
C ARG A 37 -10.38 -9.69 13.23
N ASP A 38 -10.59 -9.48 14.53
CA ASP A 38 -11.80 -8.83 15.01
C ASP A 38 -11.63 -7.32 15.07
N ASN A 39 -10.47 -6.87 15.55
CA ASN A 39 -10.18 -5.45 15.65
C ASN A 39 -9.35 -4.97 14.46
N GLN A 40 -9.69 -5.47 13.28
CA GLN A 40 -8.99 -5.10 12.06
C GLN A 40 -9.58 -3.83 11.44
N GLU A 41 -10.86 -3.60 11.71
CA GLU A 41 -11.55 -2.43 11.18
C GLU A 41 -11.15 -1.18 11.94
N GLN A 42 -11.07 -1.28 13.27
CA GLN A 42 -10.69 -0.16 14.11
C GLN A 42 -9.41 0.50 13.60
N TYR A 43 -8.64 -0.25 12.81
CA TYR A 43 -7.39 0.26 12.27
C TYR A 43 -7.64 1.19 11.09
N THR A 44 -6.61 1.91 10.66
CA THR A 44 -6.73 2.83 9.55
C THR A 44 -5.44 2.87 8.74
N THR A 45 -5.53 3.39 7.51
CA THR A 45 -4.37 3.49 6.63
C THR A 45 -3.15 4.02 7.39
N ILE A 46 -3.40 4.80 8.44
CA ILE A 46 -2.33 5.37 9.25
C ILE A 46 -1.70 4.32 10.15
N GLN A 47 -2.46 3.86 11.14
CA GLN A 47 -1.97 2.84 12.07
C GLN A 47 -1.27 1.71 11.32
N ILE A 48 -1.89 1.26 10.23
CA ILE A 48 -1.32 0.18 9.43
C ILE A 48 -0.02 0.62 8.77
N ALA A 49 0.01 1.84 8.27
CA ALA A 49 1.19 2.38 7.62
C ALA A 49 2.43 2.23 8.51
N ASN A 50 2.39 2.87 9.67
CA ASN A 50 3.50 2.81 10.61
C ASN A 50 3.96 1.37 10.83
N MET A 51 3.02 0.52 11.21
CA MET A 51 3.33 -0.89 11.44
C MET A 51 4.21 -1.44 10.35
N MET A 52 3.92 -1.08 9.11
CA MET A 52 4.71 -1.54 7.96
C MET A 52 6.05 -0.82 7.90
N GLU A 53 6.01 0.50 7.97
CA GLU A 53 7.23 1.31 7.92
C GLU A 53 8.36 0.63 8.70
N GLU A 54 8.03 0.12 9.89
CA GLU A 54 9.02 -0.54 10.72
C GLU A 54 9.20 -2.00 10.31
N LYS A 55 8.09 -2.74 10.24
CA LYS A 55 8.12 -4.13 9.84
C LYS A 55 8.84 -4.32 8.50
N PHE A 56 8.27 -3.72 7.46
CA PHE A 56 8.85 -3.81 6.12
C PHE A 56 9.48 -2.48 5.71
N PRO A 57 10.71 -2.25 6.17
CA PRO A 57 11.45 -1.01 5.86
C PRO A 57 11.87 -0.93 4.40
N ALA A 58 11.65 -2.03 3.67
CA ALA A 58 12.01 -2.08 2.25
C ALA A 58 11.19 -1.09 1.44
N ASP A 59 9.86 -1.25 1.49
CA ASP A 59 8.97 -0.36 0.76
C ASP A 59 7.95 0.27 1.71
N SER A 60 8.05 -0.05 3.00
CA SER A 60 7.14 0.48 4.00
C SER A 60 5.69 0.14 3.66
N GLY A 61 5.51 -0.96 2.92
CA GLY A 61 4.18 -1.37 2.54
C GLY A 61 3.89 -1.12 1.07
N LEU A 62 4.47 -0.05 0.53
CA LEU A 62 4.27 0.31 -0.87
C LEU A 62 4.29 -0.94 -1.75
N GLY A 63 5.26 -1.82 -1.51
CA GLY A 63 5.38 -3.04 -2.28
C GLY A 63 4.27 -4.03 -1.97
N LYS A 64 4.29 -4.57 -0.77
CA LYS A 64 3.29 -5.54 -0.34
C LYS A 64 1.91 -5.16 -0.87
N LEU A 65 1.66 -3.86 -0.98
CA LEU A 65 0.38 -3.36 -1.47
C LEU A 65 0.26 -3.57 -2.97
N ILE A 66 1.19 -3.01 -3.73
CA ILE A 66 1.19 -3.14 -5.17
C ILE A 66 0.65 -4.50 -5.61
N GLU A 67 1.21 -5.56 -5.04
CA GLU A 67 0.79 -6.91 -5.37
C GLU A 67 -0.72 -7.07 -5.17
N PHE A 68 -1.20 -6.69 -3.99
CA PHE A 68 -2.62 -6.79 -3.69
C PHE A 68 -3.47 -6.26 -4.84
N CYS A 69 -3.02 -5.17 -5.44
CA CYS A 69 -3.75 -4.56 -6.56
C CYS A 69 -3.75 -5.48 -7.76
N GLU A 70 -2.61 -6.13 -8.03
CA GLU A 70 -2.49 -7.04 -9.15
C GLU A 70 -3.69 -7.96 -9.24
N GLU A 71 -4.03 -8.59 -8.12
CA GLU A 71 -5.15 -9.52 -8.06
C GLU A 71 -6.43 -8.84 -8.56
N VAL A 72 -6.67 -7.62 -8.09
CA VAL A 72 -7.85 -6.87 -8.49
C VAL A 72 -7.62 -6.14 -9.81
N PRO A 73 -8.47 -6.44 -10.81
CA PRO A 73 -8.38 -5.82 -12.13
C PRO A 73 -8.75 -4.34 -12.12
N ALA A 74 -9.55 -3.96 -11.13
CA ALA A 74 -9.98 -2.57 -11.00
C ALA A 74 -8.92 -1.72 -10.32
N LEU A 75 -8.03 -2.37 -9.58
CA LEU A 75 -6.96 -1.68 -8.89
C LEU A 75 -5.67 -1.68 -9.72
N ARG A 76 -5.49 -2.72 -10.52
CA ARG A 76 -4.32 -2.84 -11.36
C ARG A 76 -3.91 -1.48 -11.93
N LYS A 77 -4.89 -0.66 -12.23
CA LYS A 77 -4.64 0.67 -12.77
C LYS A 77 -3.64 1.43 -11.91
N ARG A 78 -3.87 1.45 -10.60
CA ARG A 78 -2.99 2.13 -9.67
C ARG A 78 -1.68 1.38 -9.52
N ALA A 79 -1.76 0.05 -9.43
CA ALA A 79 -0.58 -0.78 -9.29
C ALA A 79 0.54 -0.32 -10.21
N GLU A 80 0.33 -0.45 -11.51
CA GLU A 80 1.32 -0.04 -12.50
C GLU A 80 1.83 1.36 -12.21
N ILE A 81 0.91 2.25 -11.83
CA ILE A 81 1.27 3.63 -11.52
C ILE A 81 2.25 3.70 -10.36
N LEU A 82 1.99 2.90 -9.33
CA LEU A 82 2.86 2.86 -8.16
C LEU A 82 4.27 2.45 -8.53
N LYS A 83 4.39 1.42 -9.36
CA LYS A 83 5.68 0.92 -9.79
C LYS A 83 6.48 2.03 -10.47
N LYS A 84 5.83 2.75 -11.38
CA LYS A 84 6.48 3.85 -12.10
C LYS A 84 7.31 4.71 -11.15
N GLU A 85 6.68 5.17 -10.08
CA GLU A 85 7.36 6.01 -9.10
C GLU A 85 8.32 5.18 -8.25
N ARG A 86 7.81 4.09 -7.69
CA ARG A 86 8.61 3.21 -6.85
C ARG A 86 10.02 3.07 -7.41
N SER A 87 10.12 2.80 -8.71
CA SER A 87 11.41 2.63 -9.37
C SER A 87 12.12 3.98 -9.52
N GLU A 88 13.01 4.29 -8.57
CA GLU A 88 13.75 5.55 -8.59
C GLU A 88 15.21 5.31 -8.94
N SER A 89 15.76 4.21 -8.42
CA SER A 89 17.16 3.86 -8.67
C SER A 89 17.28 2.85 -9.80
N GLY A 90 16.52 1.76 -9.69
CA GLY A 90 16.56 0.72 -10.71
C GLY A 90 16.35 -0.66 -10.14
N PRO A 91 16.39 -1.68 -11.01
CA PRO A 91 16.20 -3.08 -10.61
C PRO A 91 17.38 -3.60 -9.79
N SER A 92 18.35 -2.73 -9.52
CA SER A 92 19.51 -3.11 -8.74
C SER A 92 19.16 -4.14 -7.68
N SER A 93 19.65 -5.36 -7.86
CA SER A 93 19.38 -6.43 -6.91
C SER A 93 20.13 -6.22 -5.60
N GLY A 94 21.38 -5.76 -5.71
CA GLY A 94 22.19 -5.51 -4.53
C GLY A 94 22.80 -4.12 -4.53
N GLY A 1 -9.07 28.59 -0.15
CA GLY A 1 -7.99 28.06 0.65
C GLY A 1 -7.88 26.55 0.54
N SER A 2 -7.00 25.95 1.35
CA SER A 2 -6.79 24.51 1.33
C SER A 2 -6.81 23.97 -0.09
N SER A 3 -6.15 24.69 -0.99
CA SER A 3 -6.08 24.28 -2.39
C SER A 3 -4.68 23.82 -2.76
N GLY A 4 -4.59 22.68 -3.45
CA GLY A 4 -3.31 22.14 -3.84
C GLY A 4 -2.42 21.82 -2.66
N SER A 5 -2.06 20.55 -2.51
CA SER A 5 -1.22 20.12 -1.41
C SER A 5 -0.10 19.22 -1.91
N SER A 6 1.02 19.20 -1.18
CA SER A 6 2.17 18.39 -1.55
C SER A 6 2.36 17.23 -0.57
N GLY A 7 1.24 16.63 -0.16
CA GLY A 7 1.31 15.52 0.78
C GLY A 7 1.17 14.17 0.09
N ILE A 8 1.93 13.98 -0.99
CA ILE A 8 1.89 12.73 -1.74
C ILE A 8 3.12 11.89 -1.45
N VAL A 9 2.90 10.58 -1.29
CA VAL A 9 4.00 9.66 -1.01
C VAL A 9 3.57 8.21 -1.23
N LEU A 10 4.54 7.32 -1.31
CA LEU A 10 4.26 5.90 -1.52
C LEU A 10 3.22 5.41 -0.52
N LEU A 11 3.23 5.98 0.67
CA LEU A 11 2.28 5.60 1.72
C LEU A 11 0.84 5.76 1.23
N ARG A 12 0.57 6.87 0.54
CA ARG A 12 -0.77 7.13 0.02
C ARG A 12 -1.37 5.88 -0.58
N GLY A 13 -0.52 4.95 -1.02
CA GLY A 13 -0.99 3.72 -1.62
C GLY A 13 -2.22 3.17 -0.91
N LEU A 14 -2.36 3.48 0.37
CA LEU A 14 -3.50 3.02 1.16
C LEU A 14 -4.69 3.95 0.98
N GLU A 15 -4.50 5.22 1.31
CA GLU A 15 -5.57 6.21 1.19
C GLU A 15 -6.23 6.13 -0.18
N CYS A 16 -5.46 5.72 -1.19
CA CYS A 16 -5.98 5.60 -2.54
C CYS A 16 -7.17 4.65 -2.59
N ILE A 17 -6.95 3.41 -2.18
CA ILE A 17 -8.01 2.40 -2.17
C ILE A 17 -9.08 2.74 -1.14
N ASN A 18 -10.30 2.30 -1.39
CA ASN A 18 -11.41 2.55 -0.49
C ASN A 18 -11.47 1.49 0.61
N LYS A 19 -11.94 1.89 1.79
CA LYS A 19 -12.05 0.98 2.92
C LYS A 19 -12.42 -0.42 2.46
N HIS A 20 -13.23 -0.50 1.40
CA HIS A 20 -13.66 -1.79 0.86
C HIS A 20 -12.46 -2.69 0.60
N TYR A 21 -11.53 -2.21 -0.22
CA TYR A 21 -10.33 -2.98 -0.55
C TYR A 21 -9.37 -3.02 0.64
N PHE A 22 -9.10 -1.87 1.22
CA PHE A 22 -8.19 -1.77 2.35
C PHE A 22 -8.43 -2.91 3.33
N SER A 23 -9.70 -3.15 3.66
CA SER A 23 -10.06 -4.21 4.58
C SER A 23 -9.37 -5.52 4.23
N LEU A 24 -9.33 -5.82 2.93
CA LEU A 24 -8.70 -7.04 2.45
C LEU A 24 -7.20 -7.04 2.76
N PHE A 25 -6.51 -6.00 2.30
CA PHE A 25 -5.07 -5.89 2.54
C PHE A 25 -4.73 -6.25 3.98
N LYS A 26 -5.48 -5.70 4.92
CA LYS A 26 -5.26 -5.96 6.34
C LYS A 26 -5.32 -7.47 6.63
N SER A 27 -6.34 -8.13 6.10
CA SER A 27 -6.52 -9.56 6.30
C SER A 27 -5.29 -10.33 5.84
N LEU A 28 -4.60 -9.79 4.84
CA LEU A 28 -3.40 -10.42 4.31
C LEU A 28 -2.19 -10.11 5.19
N LEU A 29 -1.96 -8.84 5.44
CA LEU A 29 -0.83 -8.41 6.27
C LEU A 29 -1.04 -8.83 7.72
N ALA A 30 -2.28 -9.13 8.08
CA ALA A 30 -2.61 -9.56 9.43
C ALA A 30 -1.48 -10.41 10.02
N ARG A 31 -1.10 -11.45 9.30
CA ARG A 31 -0.04 -12.34 9.76
C ARG A 31 1.22 -11.56 10.10
N ASP A 32 1.78 -10.89 9.11
CA ASP A 32 2.99 -10.10 9.30
C ASP A 32 2.77 -9.02 10.36
N LEU A 33 1.86 -8.09 10.07
CA LEU A 33 1.56 -7.01 11.00
C LEU A 33 1.07 -7.55 12.33
N ASN A 34 0.68 -8.82 12.34
CA ASN A 34 0.20 -9.47 13.55
C ASN A 34 -1.13 -8.83 14.01
N LEU A 35 -1.95 -8.47 13.05
CA LEU A 35 -3.24 -7.85 13.35
C LEU A 35 -4.18 -8.84 14.04
N GLU A 36 -5.19 -8.32 14.73
CA GLU A 36 -6.15 -9.16 15.43
C GLU A 36 -7.29 -9.57 14.51
N ARG A 37 -7.33 -10.85 14.17
CA ARG A 37 -8.36 -11.37 13.29
C ARG A 37 -9.69 -10.65 13.51
N ASP A 38 -9.92 -10.24 14.76
CA ASP A 38 -11.15 -9.53 15.11
C ASP A 38 -10.95 -8.02 15.03
N ASN A 39 -9.98 -7.53 15.79
CA ASN A 39 -9.68 -6.10 15.81
C ASN A 39 -8.82 -5.70 14.61
N GLN A 40 -9.22 -6.17 13.43
CA GLN A 40 -8.48 -5.86 12.20
C GLN A 40 -8.95 -4.54 11.61
N GLU A 41 -10.26 -4.37 11.48
CA GLU A 41 -10.84 -3.15 10.93
C GLU A 41 -10.65 -1.98 11.88
N GLN A 42 -10.80 -2.23 13.18
CA GLN A 42 -10.65 -1.20 14.19
C GLN A 42 -9.40 -0.36 13.92
N TYR A 43 -8.47 -0.93 13.17
CA TYR A 43 -7.22 -0.23 12.84
C TYR A 43 -7.48 0.89 11.82
N THR A 44 -6.51 1.79 11.69
CA THR A 44 -6.62 2.90 10.76
C THR A 44 -5.48 2.89 9.76
N THR A 45 -5.78 3.32 8.53
CA THR A 45 -4.78 3.36 7.47
C THR A 45 -3.40 3.74 8.03
N ILE A 46 -3.40 4.61 9.04
CA ILE A 46 -2.16 5.05 9.66
C ILE A 46 -1.50 3.92 10.44
N GLN A 47 -2.12 3.54 11.55
CA GLN A 47 -1.61 2.45 12.39
C GLN A 47 -1.13 1.28 11.54
N ILE A 48 -1.90 0.96 10.50
CA ILE A 48 -1.55 -0.14 9.61
C ILE A 48 -0.31 0.19 8.78
N ALA A 49 -0.23 1.44 8.33
CA ALA A 49 0.90 1.88 7.52
C ALA A 49 2.19 1.90 8.35
N ASN A 50 2.17 2.65 9.45
CA ASN A 50 3.34 2.74 10.32
C ASN A 50 3.95 1.37 10.57
N MET A 51 3.14 0.44 11.08
CA MET A 51 3.60 -0.91 11.36
C MET A 51 4.29 -1.51 10.15
N MET A 52 3.79 -1.17 8.96
CA MET A 52 4.35 -1.68 7.72
C MET A 52 5.66 -0.97 7.39
N GLU A 53 5.71 0.33 7.67
CA GLU A 53 6.90 1.12 7.40
C GLU A 53 8.12 0.54 8.12
N GLU A 54 7.90 0.01 9.32
CA GLU A 54 8.97 -0.56 10.11
C GLU A 54 9.20 -2.03 9.72
N LYS A 55 8.10 -2.78 9.62
CA LYS A 55 8.18 -4.19 9.25
C LYS A 55 9.04 -4.40 8.01
N PHE A 56 8.67 -3.72 6.93
CA PHE A 56 9.42 -3.82 5.67
C PHE A 56 10.12 -2.52 5.35
N PRO A 57 11.32 -2.33 5.95
CA PRO A 57 12.12 -1.12 5.74
C PRO A 57 12.70 -1.05 4.34
N ALA A 58 12.37 -2.03 3.51
CA ALA A 58 12.86 -2.08 2.14
C ALA A 58 11.91 -1.36 1.19
N ASP A 59 10.65 -1.77 1.20
CA ASP A 59 9.64 -1.16 0.34
C ASP A 59 8.65 -0.33 1.16
N SER A 60 8.70 -0.50 2.48
CA SER A 60 7.81 0.23 3.38
C SER A 60 6.35 -0.10 3.08
N GLY A 61 6.10 -1.32 2.61
CA GLY A 61 4.75 -1.74 2.29
C GLY A 61 4.37 -1.41 0.86
N LEU A 62 5.19 -0.61 0.20
CA LEU A 62 4.93 -0.21 -1.18
C LEU A 62 4.73 -1.44 -2.07
N GLY A 63 5.62 -2.41 -1.94
CA GLY A 63 5.52 -3.62 -2.74
C GLY A 63 4.33 -4.47 -2.34
N LYS A 64 4.25 -4.82 -1.06
CA LYS A 64 3.16 -5.64 -0.55
C LYS A 64 1.81 -5.09 -1.01
N LEU A 65 1.71 -3.76 -1.07
CA LEU A 65 0.48 -3.10 -1.48
C LEU A 65 0.26 -3.25 -2.99
N ILE A 66 1.30 -2.93 -3.75
CA ILE A 66 1.24 -3.02 -5.21
C ILE A 66 0.65 -4.35 -5.65
N GLU A 67 1.21 -5.44 -5.12
CA GLU A 67 0.74 -6.78 -5.46
C GLU A 67 -0.76 -6.92 -5.19
N PHE A 68 -1.19 -6.39 -4.04
CA PHE A 68 -2.59 -6.45 -3.66
C PHE A 68 -3.48 -5.82 -4.73
N CYS A 69 -2.96 -4.78 -5.37
CA CYS A 69 -3.71 -4.07 -6.41
C CYS A 69 -3.77 -4.90 -7.69
N GLU A 70 -2.68 -5.60 -7.99
CA GLU A 70 -2.61 -6.42 -9.19
C GLU A 70 -3.70 -7.48 -9.18
N GLU A 71 -3.83 -8.20 -8.07
CA GLU A 71 -4.83 -9.24 -7.92
C GLU A 71 -6.21 -8.74 -8.37
N VAL A 72 -6.41 -7.43 -8.25
CA VAL A 72 -7.68 -6.83 -8.64
C VAL A 72 -7.56 -6.11 -9.99
N PRO A 73 -8.51 -6.40 -10.89
CA PRO A 73 -8.53 -5.80 -12.23
C PRO A 73 -8.88 -4.32 -12.20
N ALA A 74 -9.50 -3.89 -11.10
CA ALA A 74 -9.89 -2.49 -10.93
C ALA A 74 -8.81 -1.70 -10.21
N LEU A 75 -7.74 -2.39 -9.83
CA LEU A 75 -6.62 -1.75 -9.13
C LEU A 75 -5.32 -1.93 -9.88
N ARG A 76 -5.26 -2.95 -10.72
CA ARG A 76 -4.07 -3.23 -11.50
C ARG A 76 -3.49 -1.95 -12.09
N LYS A 77 -4.34 -1.15 -12.71
CA LYS A 77 -3.92 0.11 -13.30
C LYS A 77 -3.16 0.97 -12.29
N ARG A 78 -3.61 0.94 -11.05
CA ARG A 78 -2.98 1.71 -9.98
C ARG A 78 -1.62 1.11 -9.61
N ALA A 79 -1.57 -0.21 -9.54
CA ALA A 79 -0.34 -0.91 -9.20
C ALA A 79 0.79 -0.52 -10.14
N GLU A 80 0.54 -0.67 -11.44
CA GLU A 80 1.54 -0.34 -12.45
C GLU A 80 2.03 1.10 -12.29
N ILE A 81 1.13 1.97 -11.85
CA ILE A 81 1.48 3.38 -11.65
C ILE A 81 2.40 3.55 -10.45
N LEU A 82 2.19 2.73 -9.42
CA LEU A 82 3.00 2.80 -8.22
C LEU A 82 4.42 2.29 -8.49
N LYS A 83 4.52 1.23 -9.29
CA LYS A 83 5.81 0.66 -9.63
C LYS A 83 6.73 1.70 -10.26
N LYS A 84 6.20 2.44 -11.22
CA LYS A 84 6.97 3.47 -11.91
C LYS A 84 7.77 4.30 -10.91
N GLU A 85 7.10 4.78 -9.87
CA GLU A 85 7.76 5.59 -8.85
C GLU A 85 8.81 4.77 -8.10
N ARG A 86 8.45 3.53 -7.75
CA ARG A 86 9.36 2.65 -7.04
C ARG A 86 10.76 2.70 -7.65
N SER A 87 10.82 2.75 -8.98
CA SER A 87 12.09 2.79 -9.69
C SER A 87 12.40 4.21 -10.17
N GLU A 88 13.66 4.60 -10.08
CA GLU A 88 14.09 5.93 -10.50
C GLU A 88 14.93 5.85 -11.79
N SER A 89 16.00 5.07 -11.72
CA SER A 89 16.89 4.92 -12.87
C SER A 89 16.27 4.00 -13.92
N GLY A 90 15.79 2.85 -13.48
CA GLY A 90 15.16 1.90 -14.40
C GLY A 90 16.14 1.38 -15.43
N PRO A 91 15.96 0.12 -15.84
CA PRO A 91 16.82 -0.54 -16.84
C PRO A 91 16.62 0.04 -18.23
N SER A 92 15.65 0.95 -18.36
CA SER A 92 15.35 1.57 -19.65
C SER A 92 16.63 1.77 -20.46
N SER A 93 17.46 2.70 -20.04
CA SER A 93 18.71 2.98 -20.74
C SER A 93 19.75 3.55 -19.77
N GLY A 94 21.01 3.17 -19.97
CA GLY A 94 22.08 3.64 -19.11
C GLY A 94 23.11 4.46 -19.87
N GLY A 1 -1.40 25.35 3.41
CA GLY A 1 -2.66 24.94 2.82
C GLY A 1 -3.05 25.79 1.63
N SER A 2 -3.20 25.16 0.48
CA SER A 2 -3.57 25.88 -0.74
C SER A 2 -4.52 25.05 -1.60
N SER A 3 -4.98 25.63 -2.70
CA SER A 3 -5.90 24.93 -3.60
C SER A 3 -5.41 23.52 -3.89
N GLY A 4 -6.29 22.70 -4.45
CA GLY A 4 -5.93 21.32 -4.76
C GLY A 4 -5.27 20.62 -3.60
N SER A 5 -4.50 19.58 -3.91
CA SER A 5 -3.81 18.81 -2.87
C SER A 5 -2.46 18.31 -3.38
N SER A 6 -1.45 18.41 -2.52
CA SER A 6 -0.11 17.96 -2.88
C SER A 6 0.45 17.02 -1.83
N GLY A 7 -0.38 16.09 -1.37
CA GLY A 7 0.06 15.14 -0.36
C GLY A 7 0.18 13.74 -0.90
N ILE A 8 1.01 13.57 -1.93
CA ILE A 8 1.22 12.27 -2.54
C ILE A 8 2.55 11.65 -2.09
N VAL A 9 2.52 10.37 -1.77
CA VAL A 9 3.71 9.65 -1.33
C VAL A 9 3.51 8.15 -1.38
N LEU A 10 4.61 7.41 -1.37
CA LEU A 10 4.56 5.95 -1.42
C LEU A 10 3.53 5.41 -0.42
N LEU A 11 3.40 6.09 0.72
CA LEU A 11 2.46 5.68 1.75
C LEU A 11 1.02 5.75 1.24
N ARG A 12 0.70 6.85 0.58
CA ARG A 12 -0.65 7.05 0.03
C ARG A 12 -1.16 5.76 -0.59
N GLY A 13 -0.24 4.90 -1.02
CA GLY A 13 -0.63 3.64 -1.63
C GLY A 13 -1.78 2.96 -0.90
N LEU A 14 -1.94 3.30 0.38
CA LEU A 14 -3.01 2.73 1.19
C LEU A 14 -4.31 3.49 1.02
N GLU A 15 -4.21 4.82 1.06
CA GLU A 15 -5.38 5.68 0.90
C GLU A 15 -5.95 5.58 -0.51
N CYS A 16 -5.06 5.44 -1.48
CA CYS A 16 -5.46 5.34 -2.89
C CYS A 16 -6.64 4.37 -3.03
N ILE A 17 -6.43 3.13 -2.63
CA ILE A 17 -7.46 2.11 -2.72
C ILE A 17 -8.67 2.47 -1.85
N ASN A 18 -9.85 2.02 -2.27
CA ASN A 18 -11.07 2.30 -1.53
C ASN A 18 -11.11 1.50 -0.23
N LYS A 19 -11.52 2.16 0.85
CA LYS A 19 -11.61 1.50 2.15
C LYS A 19 -12.03 0.05 2.00
N HIS A 20 -12.98 -0.21 1.13
CA HIS A 20 -13.47 -1.57 0.89
C HIS A 20 -12.31 -2.53 0.69
N TYR A 21 -11.38 -2.15 -0.18
CA TYR A 21 -10.22 -3.00 -0.47
C TYR A 21 -9.26 -3.00 0.71
N PHE A 22 -8.99 -1.82 1.26
CA PHE A 22 -8.09 -1.69 2.39
C PHE A 22 -8.31 -2.81 3.40
N SER A 23 -9.57 -3.11 3.67
CA SER A 23 -9.92 -4.16 4.62
C SER A 23 -9.24 -5.48 4.25
N LEU A 24 -9.19 -5.77 2.96
CA LEU A 24 -8.57 -6.99 2.47
C LEU A 24 -7.07 -6.98 2.73
N PHE A 25 -6.43 -5.85 2.45
CA PHE A 25 -4.99 -5.70 2.66
C PHE A 25 -4.61 -6.05 4.10
N LYS A 26 -5.41 -5.56 5.04
CA LYS A 26 -5.17 -5.80 6.46
C LYS A 26 -5.21 -7.30 6.77
N SER A 27 -5.93 -8.05 5.93
CA SER A 27 -6.05 -9.50 6.11
C SER A 27 -4.76 -10.21 5.70
N LEU A 28 -4.26 -9.87 4.52
CA LEU A 28 -3.04 -10.47 4.00
C LEU A 28 -1.86 -10.19 4.93
N LEU A 29 -1.96 -9.09 5.69
CA LEU A 29 -0.90 -8.72 6.61
C LEU A 29 -1.23 -9.17 8.04
N ALA A 30 -2.51 -9.45 8.27
CA ALA A 30 -2.96 -9.90 9.59
C ALA A 30 -1.95 -10.83 10.23
N ARG A 31 -1.33 -11.68 9.41
CA ARG A 31 -0.34 -12.64 9.89
C ARG A 31 0.96 -11.93 10.25
N ASP A 32 1.44 -11.09 9.34
CA ASP A 32 2.68 -10.35 9.57
C ASP A 32 2.52 -9.34 10.70
N LEU A 33 1.62 -8.37 10.49
CA LEU A 33 1.37 -7.34 11.50
C LEU A 33 0.71 -7.94 12.73
N ASN A 34 0.26 -9.19 12.62
CA ASN A 34 -0.40 -9.87 13.72
C ASN A 34 -1.64 -9.12 14.17
N LEU A 35 -2.48 -8.75 13.21
CA LEU A 35 -3.71 -8.02 13.50
C LEU A 35 -4.77 -8.94 14.09
N GLU A 36 -5.79 -8.36 14.70
CA GLU A 36 -6.87 -9.13 15.29
C GLU A 36 -7.98 -9.41 14.28
N ARG A 37 -7.95 -10.60 13.69
CA ARG A 37 -8.94 -10.98 12.70
C ARG A 37 -10.34 -10.53 13.13
N ASP A 38 -10.52 -10.34 14.43
CA ASP A 38 -11.81 -9.91 14.96
C ASP A 38 -11.84 -8.39 15.15
N ASN A 39 -10.68 -7.83 15.49
CA ASN A 39 -10.57 -6.39 15.71
C ASN A 39 -9.70 -5.74 14.63
N GLN A 40 -9.97 -6.10 13.37
CA GLN A 40 -9.21 -5.55 12.25
C GLN A 40 -9.79 -4.23 11.79
N GLU A 41 -10.96 -3.88 12.32
CA GLU A 41 -11.62 -2.63 11.97
C GLU A 41 -10.94 -1.45 12.67
N GLN A 42 -10.73 -1.58 13.97
CA GLN A 42 -10.09 -0.53 14.76
C GLN A 42 -8.87 0.03 14.03
N TYR A 43 -8.16 -0.85 13.33
CA TYR A 43 -6.96 -0.45 12.60
C TYR A 43 -7.33 0.43 11.41
N THR A 44 -6.74 1.62 11.37
CA THR A 44 -7.01 2.56 10.28
C THR A 44 -5.89 2.52 9.24
N THR A 45 -5.97 3.41 8.25
CA THR A 45 -4.98 3.48 7.19
C THR A 45 -3.64 3.98 7.73
N ILE A 46 -3.67 4.57 8.92
CA ILE A 46 -2.46 5.09 9.55
C ILE A 46 -1.76 4.02 10.36
N GLN A 47 -2.37 3.64 11.48
CA GLN A 47 -1.80 2.61 12.36
C GLN A 47 -1.10 1.54 11.54
N ILE A 48 -1.78 1.04 10.51
CA ILE A 48 -1.23 0.00 9.65
C ILE A 48 0.02 0.49 8.94
N ALA A 49 -0.02 1.74 8.48
CA ALA A 49 1.11 2.33 7.77
C ALA A 49 2.37 2.30 8.63
N ASN A 50 2.23 2.68 9.89
CA ASN A 50 3.36 2.69 10.82
C ASN A 50 3.93 1.29 11.00
N MET A 51 3.09 0.37 11.48
CA MET A 51 3.51 -1.01 11.70
C MET A 51 4.31 -1.53 10.51
N MET A 52 3.87 -1.15 9.31
CA MET A 52 4.55 -1.57 8.09
C MET A 52 5.89 -0.88 7.92
N GLU A 53 5.89 0.44 8.13
CA GLU A 53 7.12 1.22 8.01
C GLU A 53 8.27 0.57 8.77
N GLU A 54 7.93 -0.10 9.88
CA GLU A 54 8.92 -0.76 10.70
C GLU A 54 9.13 -2.20 10.26
N LYS A 55 8.02 -2.91 10.03
CA LYS A 55 8.08 -4.30 9.60
C LYS A 55 8.95 -4.45 8.36
N PHE A 56 8.67 -3.63 7.34
CA PHE A 56 9.43 -3.68 6.10
C PHE A 56 10.08 -2.34 5.81
N PRO A 57 11.26 -2.11 6.41
CA PRO A 57 12.00 -0.86 6.24
C PRO A 57 12.59 -0.72 4.83
N ALA A 58 12.31 -1.71 3.99
CA ALA A 58 12.82 -1.70 2.62
C ALA A 58 11.79 -1.08 1.67
N ASP A 59 10.58 -1.63 1.68
CA ASP A 59 9.51 -1.13 0.82
C ASP A 59 8.51 -0.31 1.62
N SER A 60 8.66 -0.32 2.94
CA SER A 60 7.76 0.42 3.82
C SER A 60 6.30 0.06 3.53
N GLY A 61 6.09 -1.15 3.03
CA GLY A 61 4.74 -1.59 2.72
C GLY A 61 4.31 -1.20 1.31
N LEU A 62 5.29 -0.91 0.46
CA LEU A 62 5.01 -0.52 -0.92
C LEU A 62 4.69 -1.75 -1.77
N GLY A 63 5.71 -2.56 -2.05
CA GLY A 63 5.52 -3.75 -2.85
C GLY A 63 4.31 -4.55 -2.41
N LYS A 64 4.32 -4.97 -1.15
CA LYS A 64 3.22 -5.76 -0.60
C LYS A 64 1.88 -5.19 -1.03
N LEU A 65 1.80 -3.86 -1.12
CA LEU A 65 0.57 -3.19 -1.52
C LEU A 65 0.38 -3.26 -3.04
N ILE A 66 1.45 -2.94 -3.77
CA ILE A 66 1.40 -2.98 -5.23
C ILE A 66 0.74 -4.25 -5.74
N GLU A 67 1.26 -5.39 -5.29
CA GLU A 67 0.72 -6.68 -5.69
C GLU A 67 -0.76 -6.78 -5.38
N PHE A 68 -1.13 -6.40 -4.16
CA PHE A 68 -2.53 -6.44 -3.74
C PHE A 68 -3.44 -5.78 -4.77
N CYS A 69 -2.90 -4.77 -5.46
CA CYS A 69 -3.67 -4.06 -6.48
C CYS A 69 -3.73 -4.87 -7.77
N GLU A 70 -2.63 -5.54 -8.09
CA GLU A 70 -2.57 -6.36 -9.31
C GLU A 70 -3.69 -7.39 -9.34
N GLU A 71 -3.68 -8.30 -8.36
CA GLU A 71 -4.69 -9.35 -8.28
C GLU A 71 -6.05 -8.81 -8.69
N VAL A 72 -6.35 -7.58 -8.30
CA VAL A 72 -7.62 -6.95 -8.63
C VAL A 72 -7.52 -6.16 -9.92
N PRO A 73 -8.47 -6.39 -10.85
CA PRO A 73 -8.50 -5.70 -12.14
C PRO A 73 -8.87 -4.22 -12.00
N ALA A 74 -9.52 -3.88 -10.89
CA ALA A 74 -9.92 -2.51 -10.63
C ALA A 74 -8.81 -1.73 -9.92
N LEU A 75 -7.79 -2.45 -9.49
CA LEU A 75 -6.67 -1.83 -8.78
C LEU A 75 -5.39 -1.94 -9.61
N ARG A 76 -5.39 -2.83 -10.60
CA ARG A 76 -4.23 -3.03 -11.45
C ARG A 76 -3.68 -1.69 -11.93
N LYS A 77 -4.54 -0.89 -12.56
CA LYS A 77 -4.13 0.42 -13.07
C LYS A 77 -3.31 1.17 -12.02
N ARG A 78 -3.62 0.95 -10.75
CA ARG A 78 -2.91 1.61 -9.66
C ARG A 78 -1.51 1.02 -9.49
N ALA A 79 -1.41 -0.30 -9.65
CA ALA A 79 -0.13 -0.98 -9.51
C ALA A 79 0.90 -0.44 -10.50
N GLU A 80 0.53 -0.43 -11.78
CA GLU A 80 1.41 0.05 -12.83
C GLU A 80 1.90 1.47 -12.51
N ILE A 81 1.09 2.21 -11.77
CA ILE A 81 1.45 3.58 -11.38
C ILE A 81 2.42 3.59 -10.21
N LEU A 82 2.12 2.81 -9.19
CA LEU A 82 2.97 2.73 -8.01
C LEU A 82 4.30 2.05 -8.34
N LYS A 83 4.28 1.19 -9.35
CA LYS A 83 5.49 0.49 -9.77
C LYS A 83 6.38 1.38 -10.63
N LYS A 84 5.78 1.97 -11.66
CA LYS A 84 6.52 2.86 -12.55
C LYS A 84 7.04 4.09 -11.80
N GLU A 85 6.24 4.57 -10.85
CA GLU A 85 6.62 5.73 -10.06
C GLU A 85 7.61 5.36 -8.97
N ARG A 86 7.40 4.19 -8.36
CA ARG A 86 8.28 3.71 -7.30
C ARG A 86 9.73 4.09 -7.58
N SER A 87 10.22 3.69 -8.75
CA SER A 87 11.60 3.97 -9.14
C SER A 87 11.79 5.47 -9.38
N GLU A 88 12.89 6.01 -8.86
CA GLU A 88 13.19 7.42 -9.03
C GLU A 88 14.42 7.62 -9.91
N SER A 89 15.50 6.92 -9.58
CA SER A 89 16.74 7.02 -10.33
C SER A 89 17.15 5.67 -10.89
N GLY A 90 16.18 4.94 -11.45
CA GLY A 90 16.46 3.63 -12.00
C GLY A 90 15.91 3.48 -13.41
N PRO A 91 15.78 2.22 -13.86
CA PRO A 91 15.27 1.90 -15.20
C PRO A 91 13.78 2.22 -15.34
N SER A 92 13.47 3.41 -15.85
CA SER A 92 12.09 3.82 -16.04
C SER A 92 12.01 5.11 -16.84
N SER A 93 10.93 5.27 -17.60
CA SER A 93 10.73 6.45 -18.42
C SER A 93 9.42 7.15 -18.07
N GLY A 94 9.31 8.41 -18.46
CA GLY A 94 8.10 9.17 -18.19
C GLY A 94 8.38 10.45 -17.43
N GLY A 1 1.63 27.21 -18.37
CA GLY A 1 2.43 25.99 -18.34
C GLY A 1 3.00 25.71 -16.95
N SER A 2 2.14 25.69 -15.95
CA SER A 2 2.57 25.44 -14.58
C SER A 2 1.85 24.22 -13.99
N SER A 3 2.52 23.08 -14.02
CA SER A 3 1.95 21.85 -13.50
C SER A 3 2.73 21.35 -12.28
N GLY A 4 2.19 20.35 -11.60
CA GLY A 4 2.85 19.81 -10.43
C GLY A 4 1.90 18.99 -9.56
N SER A 5 1.76 19.39 -8.31
CA SER A 5 0.88 18.69 -7.37
C SER A 5 1.23 17.20 -7.32
N SER A 6 2.53 16.90 -7.27
CA SER A 6 2.99 15.52 -7.21
C SER A 6 3.61 15.21 -5.86
N GLY A 7 2.77 14.96 -4.87
CA GLY A 7 3.24 14.65 -3.54
C GLY A 7 2.73 13.32 -3.04
N ILE A 8 3.04 12.25 -3.76
CA ILE A 8 2.60 10.91 -3.39
C ILE A 8 3.76 10.11 -2.78
N VAL A 9 3.51 9.52 -1.62
CA VAL A 9 4.52 8.73 -0.94
C VAL A 9 4.14 7.25 -0.93
N LEU A 10 5.15 6.39 -0.95
CA LEU A 10 4.94 4.95 -0.95
C LEU A 10 3.79 4.57 -0.01
N LEU A 11 3.60 5.38 1.02
CA LEU A 11 2.53 5.14 1.99
C LEU A 11 1.16 5.46 1.39
N ARG A 12 1.09 6.57 0.66
CA ARG A 12 -0.16 6.98 0.03
C ARG A 12 -0.85 5.80 -0.64
N GLY A 13 -0.07 4.80 -1.01
CA GLY A 13 -0.63 3.62 -1.66
C GLY A 13 -1.84 3.07 -0.93
N LEU A 14 -1.93 3.37 0.37
CA LEU A 14 -3.05 2.90 1.18
C LEU A 14 -4.25 3.81 1.02
N GLU A 15 -4.12 5.06 1.44
CA GLU A 15 -5.20 6.02 1.34
C GLU A 15 -5.80 6.02 -0.06
N CYS A 16 -4.98 5.73 -1.06
CA CYS A 16 -5.43 5.68 -2.44
C CYS A 16 -6.64 4.79 -2.59
N ILE A 17 -6.53 3.56 -2.08
CA ILE A 17 -7.62 2.60 -2.16
C ILE A 17 -8.71 2.92 -1.15
N ASN A 18 -9.94 2.55 -1.48
CA ASN A 18 -11.08 2.80 -0.60
C ASN A 18 -11.15 1.76 0.50
N LYS A 19 -11.58 2.18 1.69
CA LYS A 19 -11.70 1.29 2.83
C LYS A 19 -12.12 -0.11 2.39
N HIS A 20 -13.08 -0.17 1.48
CA HIS A 20 -13.57 -1.45 0.97
C HIS A 20 -12.41 -2.42 0.71
N TYR A 21 -11.53 -2.04 -0.20
CA TYR A 21 -10.37 -2.88 -0.52
C TYR A 21 -9.39 -2.92 0.63
N PHE A 22 -9.15 -1.77 1.25
CA PHE A 22 -8.23 -1.67 2.37
C PHE A 22 -8.44 -2.82 3.36
N SER A 23 -9.71 -3.16 3.59
CA SER A 23 -10.06 -4.23 4.50
C SER A 23 -9.36 -5.54 4.11
N LEU A 24 -9.24 -5.76 2.80
CA LEU A 24 -8.60 -6.96 2.29
C LEU A 24 -7.10 -6.93 2.53
N PHE A 25 -6.47 -5.80 2.19
CA PHE A 25 -5.03 -5.64 2.38
C PHE A 25 -4.63 -6.00 3.80
N LYS A 26 -5.37 -5.48 4.77
CA LYS A 26 -5.08 -5.75 6.18
C LYS A 26 -5.12 -7.25 6.47
N SER A 27 -6.10 -7.93 5.88
CA SER A 27 -6.26 -9.37 6.08
C SER A 27 -5.03 -10.11 5.58
N LEU A 28 -4.52 -9.70 4.43
CA LEU A 28 -3.34 -10.34 3.85
C LEU A 28 -2.11 -10.11 4.71
N LEU A 29 -1.96 -8.87 5.20
CA LEU A 29 -0.82 -8.52 6.04
C LEU A 29 -1.05 -8.98 7.48
N ALA A 30 -2.31 -9.20 7.84
CA ALA A 30 -2.66 -9.65 9.18
C ALA A 30 -1.58 -10.58 9.75
N ARG A 31 -1.28 -11.64 9.00
CA ARG A 31 -0.28 -12.61 9.43
C ARG A 31 1.01 -11.90 9.85
N ASP A 32 1.63 -11.22 8.90
CA ASP A 32 2.88 -10.50 9.18
C ASP A 32 2.66 -9.43 10.24
N LEU A 33 1.81 -8.46 9.94
CA LEU A 33 1.51 -7.38 10.88
C LEU A 33 0.96 -7.93 12.19
N ASN A 34 0.63 -9.22 12.20
CA ASN A 34 0.09 -9.86 13.38
C ASN A 34 -1.14 -9.13 13.90
N LEU A 35 -1.89 -8.53 12.98
CA LEU A 35 -3.10 -7.80 13.34
C LEU A 35 -4.03 -8.66 14.18
N GLU A 36 -5.19 -8.09 14.53
CA GLU A 36 -6.17 -8.81 15.33
C GLU A 36 -6.94 -9.82 14.48
N ARG A 37 -7.81 -10.60 15.13
CA ARG A 37 -8.60 -11.60 14.42
C ARG A 37 -9.85 -10.97 13.82
N ASP A 38 -10.58 -10.20 14.62
CA ASP A 38 -11.80 -9.55 14.17
C ASP A 38 -11.65 -8.03 14.23
N ASN A 39 -10.65 -7.57 14.98
CA ASN A 39 -10.40 -6.13 15.13
C ASN A 39 -9.51 -5.62 14.00
N GLN A 40 -9.70 -6.17 12.81
CA GLN A 40 -8.92 -5.77 11.64
C GLN A 40 -9.51 -4.53 10.99
N GLU A 41 -10.84 -4.45 10.98
CA GLU A 41 -11.53 -3.31 10.39
C GLU A 41 -11.45 -2.08 11.29
N GLN A 42 -11.54 -2.32 12.60
CA GLN A 42 -11.48 -1.23 13.57
C GLN A 42 -10.22 -0.40 13.38
N TYR A 43 -9.26 -0.94 12.63
CA TYR A 43 -8.01 -0.25 12.37
C TYR A 43 -8.19 0.85 11.32
N THR A 44 -7.18 1.70 11.19
CA THR A 44 -7.24 2.79 10.23
C THR A 44 -6.10 2.69 9.20
N THR A 45 -5.99 3.69 8.34
CA THR A 45 -4.96 3.70 7.31
C THR A 45 -3.61 4.11 7.89
N ILE A 46 -3.64 4.82 9.02
CA ILE A 46 -2.42 5.27 9.67
C ILE A 46 -1.77 4.13 10.46
N GLN A 47 -2.42 3.73 11.55
CA GLN A 47 -1.91 2.65 12.39
C GLN A 47 -1.19 1.60 11.56
N ILE A 48 -1.89 1.07 10.56
CA ILE A 48 -1.33 0.05 9.69
C ILE A 48 -0.10 0.59 8.95
N ALA A 49 -0.19 1.82 8.47
CA ALA A 49 0.91 2.45 7.75
C ALA A 49 2.20 2.36 8.55
N ASN A 50 2.22 2.99 9.71
CA ASN A 50 3.41 2.98 10.57
C ASN A 50 3.96 1.56 10.72
N MET A 51 3.15 0.68 11.31
CA MET A 51 3.56 -0.70 11.51
C MET A 51 4.29 -1.24 10.29
N MET A 52 3.78 -0.93 9.11
CA MET A 52 4.39 -1.37 7.86
C MET A 52 5.74 -0.71 7.65
N GLU A 53 5.77 0.61 7.79
CA GLU A 53 7.00 1.38 7.61
C GLU A 53 8.16 0.71 8.34
N GLU A 54 7.92 0.27 9.56
CA GLU A 54 8.94 -0.38 10.36
C GLU A 54 9.07 -1.86 9.99
N LYS A 55 7.93 -2.53 9.84
CA LYS A 55 7.91 -3.94 9.49
C LYS A 55 8.80 -4.21 8.27
N PHE A 56 8.42 -3.63 7.14
CA PHE A 56 9.18 -3.80 5.90
C PHE A 56 9.90 -2.51 5.53
N PRO A 57 11.08 -2.30 6.13
CA PRO A 57 11.90 -1.10 5.87
C PRO A 57 12.50 -1.11 4.47
N ALA A 58 12.16 -2.13 3.69
CA ALA A 58 12.67 -2.25 2.33
C ALA A 58 11.76 -1.53 1.34
N ASP A 59 10.48 -1.86 1.38
CA ASP A 59 9.49 -1.25 0.49
C ASP A 59 8.44 -0.49 1.28
N SER A 60 8.55 -0.54 2.61
CA SER A 60 7.59 0.13 3.48
C SER A 60 6.16 -0.28 3.14
N GLY A 61 6.01 -1.47 2.56
CA GLY A 61 4.69 -1.95 2.21
C GLY A 61 4.39 -1.79 0.73
N LEU A 62 5.11 -0.86 0.08
CA LEU A 62 4.93 -0.61 -1.35
C LEU A 62 4.70 -1.91 -2.10
N GLY A 63 5.65 -2.83 -1.99
CA GLY A 63 5.53 -4.11 -2.68
C GLY A 63 4.29 -4.87 -2.26
N LYS A 64 4.24 -5.28 -1.00
CA LYS A 64 3.10 -6.02 -0.48
C LYS A 64 1.79 -5.47 -1.02
N LEU A 65 1.72 -4.15 -1.15
CA LEU A 65 0.53 -3.49 -1.66
C LEU A 65 0.35 -3.75 -3.15
N ILE A 66 1.32 -3.29 -3.95
CA ILE A 66 1.28 -3.48 -5.39
C ILE A 66 0.67 -4.83 -5.76
N GLU A 67 1.22 -5.89 -5.18
CA GLU A 67 0.74 -7.25 -5.44
C GLU A 67 -0.76 -7.34 -5.18
N PHE A 68 -1.19 -6.95 -3.99
CA PHE A 68 -2.60 -6.98 -3.63
C PHE A 68 -3.47 -6.45 -4.76
N CYS A 69 -3.01 -5.39 -5.41
CA CYS A 69 -3.74 -4.78 -6.51
C CYS A 69 -3.77 -5.71 -7.72
N GLU A 70 -2.61 -6.24 -8.08
CA GLU A 70 -2.49 -7.14 -9.22
C GLU A 70 -3.67 -8.11 -9.26
N GLU A 71 -3.96 -8.72 -8.12
CA GLU A 71 -5.07 -9.68 -8.04
C GLU A 71 -6.39 -9.02 -8.41
N VAL A 72 -6.62 -7.83 -7.87
CA VAL A 72 -7.85 -7.09 -8.14
C VAL A 72 -7.74 -6.33 -9.46
N PRO A 73 -8.66 -6.64 -10.39
CA PRO A 73 -8.69 -5.99 -11.71
C PRO A 73 -9.13 -4.52 -11.62
N ALA A 74 -9.41 -4.07 -10.40
CA ALA A 74 -9.84 -2.69 -10.19
C ALA A 74 -8.71 -1.85 -9.62
N LEU A 75 -7.66 -2.52 -9.14
CA LEU A 75 -6.51 -1.82 -8.57
C LEU A 75 -5.29 -1.98 -9.46
N ARG A 76 -5.38 -2.86 -10.45
CA ARG A 76 -4.28 -3.10 -11.37
C ARG A 76 -3.78 -1.78 -11.97
N LYS A 77 -4.72 -0.98 -12.47
CA LYS A 77 -4.38 0.30 -13.08
C LYS A 77 -3.51 1.13 -12.13
N ARG A 78 -3.71 0.94 -10.83
CA ARG A 78 -2.95 1.67 -9.82
C ARG A 78 -1.60 0.99 -9.55
N ALA A 79 -1.63 -0.34 -9.48
CA ALA A 79 -0.42 -1.10 -9.23
C ALA A 79 0.74 -0.62 -10.11
N GLU A 80 0.52 -0.63 -11.41
CA GLU A 80 1.54 -0.19 -12.36
C GLU A 80 2.05 1.20 -12.01
N ILE A 81 1.14 2.06 -11.55
CA ILE A 81 1.50 3.42 -11.18
C ILE A 81 2.42 3.44 -9.96
N LEU A 82 2.15 2.55 -9.01
CA LEU A 82 2.96 2.46 -7.80
C LEU A 82 4.37 2.00 -8.13
N LYS A 83 4.55 1.44 -9.33
CA LYS A 83 5.86 0.96 -9.76
C LYS A 83 6.63 2.06 -10.50
N LYS A 84 5.90 2.88 -11.24
CA LYS A 84 6.51 3.97 -12.00
C LYS A 84 7.30 4.89 -11.07
N GLU A 85 6.66 5.33 -9.99
CA GLU A 85 7.31 6.21 -9.03
C GLU A 85 8.29 5.43 -8.14
N ARG A 86 7.99 4.16 -7.92
CA ARG A 86 8.85 3.31 -7.10
C ARG A 86 10.32 3.48 -7.48
N SER A 87 10.59 3.36 -8.78
CA SER A 87 11.96 3.50 -9.29
C SER A 87 12.73 4.55 -8.49
N GLU A 88 14.01 4.29 -8.25
CA GLU A 88 14.85 5.20 -7.50
C GLU A 88 15.58 6.15 -8.43
N SER A 89 16.10 5.61 -9.53
CA SER A 89 16.83 6.41 -10.52
C SER A 89 16.11 6.41 -11.86
N GLY A 90 15.27 5.41 -12.07
CA GLY A 90 14.54 5.31 -13.32
C GLY A 90 14.61 3.91 -13.94
N PRO A 91 14.37 3.83 -15.25
CA PRO A 91 14.42 2.56 -15.98
C PRO A 91 15.84 2.01 -16.11
N SER A 92 16.79 2.72 -15.52
CA SER A 92 18.19 2.30 -15.57
C SER A 92 18.30 0.78 -15.52
N SER A 93 19.16 0.23 -16.37
CA SER A 93 19.37 -1.22 -16.42
C SER A 93 19.75 -1.76 -15.06
N GLY A 94 19.49 -3.05 -14.85
CA GLY A 94 19.82 -3.68 -13.58
C GLY A 94 18.78 -4.71 -13.16
N GLY A 1 -3.51 26.73 -11.13
CA GLY A 1 -2.34 26.55 -11.96
C GLY A 1 -1.27 25.72 -11.28
N SER A 2 -0.49 25.00 -12.09
CA SER A 2 0.58 24.15 -11.55
C SER A 2 0.00 23.10 -10.61
N SER A 3 -1.10 22.49 -11.01
CA SER A 3 -1.75 21.47 -10.19
C SER A 3 -1.60 21.79 -8.70
N GLY A 4 -1.76 23.06 -8.36
CA GLY A 4 -1.65 23.47 -6.98
C GLY A 4 -0.44 22.87 -6.29
N SER A 5 -0.69 22.02 -5.28
CA SER A 5 0.39 21.38 -4.55
C SER A 5 0.49 19.91 -4.92
N SER A 6 1.66 19.31 -4.65
CA SER A 6 1.88 17.91 -4.96
C SER A 6 2.24 17.13 -3.70
N GLY A 7 1.23 16.81 -2.90
CA GLY A 7 1.47 16.06 -1.67
C GLY A 7 1.43 14.56 -1.88
N ILE A 8 2.12 14.09 -2.92
CA ILE A 8 2.16 12.67 -3.23
C ILE A 8 3.07 11.92 -2.26
N VAL A 9 2.58 10.81 -1.74
CA VAL A 9 3.36 10.00 -0.80
C VAL A 9 3.34 8.53 -1.21
N LEU A 10 4.50 7.88 -1.09
CA LEU A 10 4.63 6.47 -1.44
C LEU A 10 3.66 5.61 -0.63
N LEU A 11 3.15 6.18 0.45
CA LEU A 11 2.21 5.47 1.32
C LEU A 11 0.77 5.72 0.88
N ARG A 12 0.54 6.85 0.21
CA ARG A 12 -0.79 7.20 -0.26
C ARG A 12 -1.50 5.99 -0.84
N GLY A 13 -0.71 5.01 -1.29
CA GLY A 13 -1.28 3.82 -1.88
C GLY A 13 -2.40 3.24 -1.04
N LEU A 14 -2.24 3.28 0.28
CA LEU A 14 -3.25 2.76 1.20
C LEU A 14 -4.56 3.53 1.05
N GLU A 15 -4.50 4.84 1.31
CA GLU A 15 -5.69 5.68 1.21
C GLU A 15 -6.30 5.61 -0.20
N CYS A 16 -5.44 5.43 -1.19
CA CYS A 16 -5.90 5.34 -2.58
C CYS A 16 -7.07 4.38 -2.70
N ILE A 17 -6.84 3.12 -2.31
CA ILE A 17 -7.89 2.10 -2.39
C ILE A 17 -9.00 2.38 -1.39
N ASN A 18 -10.24 2.28 -1.85
CA ASN A 18 -11.40 2.52 -1.00
C ASN A 18 -11.38 1.60 0.22
N LYS A 19 -11.93 2.08 1.33
CA LYS A 19 -11.97 1.31 2.56
C LYS A 19 -12.34 -0.13 2.28
N HIS A 20 -13.17 -0.35 1.26
CA HIS A 20 -13.60 -1.68 0.89
C HIS A 20 -12.40 -2.61 0.68
N TYR A 21 -11.48 -2.19 -0.17
CA TYR A 21 -10.28 -2.96 -0.46
C TYR A 21 -9.32 -2.94 0.73
N PHE A 22 -9.06 -1.75 1.24
CA PHE A 22 -8.15 -1.59 2.37
C PHE A 22 -8.34 -2.71 3.39
N SER A 23 -9.61 -2.97 3.74
CA SER A 23 -9.92 -4.03 4.70
C SER A 23 -9.22 -5.33 4.33
N LEU A 24 -9.30 -5.71 3.07
CA LEU A 24 -8.68 -6.94 2.59
C LEU A 24 -7.19 -6.95 2.92
N PHE A 25 -6.49 -5.91 2.47
CA PHE A 25 -5.05 -5.79 2.72
C PHE A 25 -4.71 -6.17 4.14
N LYS A 26 -5.49 -5.65 5.09
CA LYS A 26 -5.26 -5.94 6.50
C LYS A 26 -5.37 -7.43 6.78
N SER A 27 -6.35 -8.08 6.17
CA SER A 27 -6.56 -9.51 6.34
C SER A 27 -5.35 -10.30 5.86
N LEU A 28 -4.71 -9.80 4.81
CA LEU A 28 -3.53 -10.46 4.25
C LEU A 28 -2.30 -10.21 5.12
N LEU A 29 -2.13 -8.98 5.56
CA LEU A 29 -0.99 -8.61 6.40
C LEU A 29 -1.20 -9.12 7.83
N ALA A 30 -2.45 -9.32 8.20
CA ALA A 30 -2.78 -9.80 9.54
C ALA A 30 -1.74 -10.79 10.04
N ARG A 31 -1.32 -11.71 9.18
CA ARG A 31 -0.32 -12.71 9.52
C ARG A 31 1.01 -12.04 9.88
N ASP A 32 1.56 -11.29 8.94
CA ASP A 32 2.83 -10.61 9.15
C ASP A 32 2.71 -9.59 10.29
N LEU A 33 1.84 -8.60 10.09
CA LEU A 33 1.64 -7.56 11.10
C LEU A 33 1.07 -8.16 12.40
N ASN A 34 0.59 -9.39 12.31
CA ASN A 34 0.03 -10.08 13.46
C ASN A 34 -1.16 -9.29 14.02
N LEU A 35 -1.97 -8.75 13.14
CA LEU A 35 -3.15 -7.98 13.55
C LEU A 35 -4.18 -8.87 14.22
N GLU A 36 -5.26 -8.27 14.69
CA GLU A 36 -6.33 -9.01 15.35
C GLU A 36 -7.53 -9.18 14.43
N ARG A 37 -7.70 -10.39 13.90
CA ARG A 37 -8.81 -10.68 13.01
C ARG A 37 -10.14 -10.28 13.63
N ASP A 38 -10.15 -10.15 14.96
CA ASP A 38 -11.36 -9.77 15.68
C ASP A 38 -11.29 -8.30 16.10
N ASN A 39 -10.11 -7.71 16.01
CA ASN A 39 -9.91 -6.32 16.39
C ASN A 39 -9.12 -5.57 15.31
N GLN A 40 -9.28 -6.01 14.06
CA GLN A 40 -8.58 -5.38 12.94
C GLN A 40 -9.38 -4.20 12.41
N GLU A 41 -10.64 -4.09 12.83
CA GLU A 41 -11.51 -3.01 12.38
C GLU A 41 -11.06 -1.67 12.97
N GLN A 42 -10.41 -1.73 14.12
CA GLN A 42 -9.92 -0.53 14.78
C GLN A 42 -8.70 0.04 14.07
N TYR A 43 -7.83 -0.85 13.60
CA TYR A 43 -6.62 -0.44 12.90
C TYR A 43 -6.96 0.40 11.67
N THR A 44 -6.55 1.67 11.70
CA THR A 44 -6.80 2.58 10.60
C THR A 44 -5.65 2.57 9.59
N THR A 45 -5.86 3.25 8.47
CA THR A 45 -4.84 3.32 7.43
C THR A 45 -3.50 3.79 7.99
N ILE A 46 -3.56 4.62 9.03
CA ILE A 46 -2.36 5.14 9.66
C ILE A 46 -1.69 4.09 10.53
N GLN A 47 -2.39 3.67 11.59
CA GLN A 47 -1.87 2.65 12.49
C GLN A 47 -1.31 1.46 11.73
N ILE A 48 -1.96 1.12 10.62
CA ILE A 48 -1.52 0.00 9.79
C ILE A 48 -0.26 0.36 9.01
N ALA A 49 -0.19 1.61 8.56
CA ALA A 49 0.97 2.08 7.80
C ALA A 49 2.22 2.13 8.67
N ASN A 50 2.16 2.93 9.73
CA ASN A 50 3.28 3.08 10.64
C ASN A 50 3.94 1.73 10.91
N MET A 51 3.12 0.75 11.30
CA MET A 51 3.62 -0.58 11.60
C MET A 51 4.44 -1.13 10.43
N MET A 52 3.83 -1.13 9.25
CA MET A 52 4.50 -1.63 8.05
C MET A 52 5.80 -0.87 7.80
N GLU A 53 5.72 0.45 7.81
CA GLU A 53 6.89 1.29 7.59
C GLU A 53 8.09 0.77 8.39
N GLU A 54 7.81 0.06 9.48
CA GLU A 54 8.86 -0.47 10.33
C GLU A 54 9.16 -1.93 9.95
N LYS A 55 8.11 -2.74 9.86
CA LYS A 55 8.25 -4.14 9.51
C LYS A 55 9.19 -4.31 8.31
N PHE A 56 8.81 -3.75 7.18
CA PHE A 56 9.61 -3.83 5.97
C PHE A 56 10.27 -2.50 5.65
N PRO A 57 11.43 -2.25 6.29
CA PRO A 57 12.19 -1.01 6.10
C PRO A 57 12.82 -0.93 4.71
N ALA A 58 12.55 -1.93 3.88
CA ALA A 58 13.08 -1.96 2.52
C ALA A 58 12.18 -1.23 1.55
N ASP A 59 10.92 -1.65 1.47
CA ASP A 59 9.95 -1.03 0.58
C ASP A 59 8.89 -0.28 1.38
N SER A 60 8.91 -0.46 2.69
CA SER A 60 7.94 0.20 3.57
C SER A 60 6.52 -0.28 3.27
N GLY A 61 6.41 -1.51 2.77
CA GLY A 61 5.11 -2.07 2.44
C GLY A 61 4.67 -1.73 1.04
N LEU A 62 5.44 -0.87 0.36
CA LEU A 62 5.12 -0.47 -1.00
C LEU A 62 4.84 -1.68 -1.87
N GLY A 63 5.84 -2.55 -2.00
CA GLY A 63 5.70 -3.75 -2.82
C GLY A 63 4.49 -4.56 -2.43
N LYS A 64 4.43 -4.96 -1.16
CA LYS A 64 3.31 -5.76 -0.66
C LYS A 64 1.98 -5.17 -1.11
N LEU A 65 1.89 -3.84 -1.08
CA LEU A 65 0.67 -3.15 -1.48
C LEU A 65 0.46 -3.25 -2.99
N ILE A 66 1.53 -3.05 -3.74
CA ILE A 66 1.46 -3.12 -5.20
C ILE A 66 0.81 -4.43 -5.66
N GLU A 67 1.36 -5.54 -5.21
CA GLU A 67 0.83 -6.85 -5.56
C GLU A 67 -0.66 -6.94 -5.27
N PHE A 68 -1.05 -6.51 -4.07
CA PHE A 68 -2.44 -6.55 -3.67
C PHE A 68 -3.32 -5.85 -4.70
N CYS A 69 -2.80 -4.78 -5.29
CA CYS A 69 -3.54 -4.02 -6.30
C CYS A 69 -3.55 -4.76 -7.64
N GLU A 70 -2.53 -5.58 -7.86
CA GLU A 70 -2.42 -6.34 -9.10
C GLU A 70 -3.50 -7.41 -9.18
N GLU A 71 -3.50 -8.32 -8.20
CA GLU A 71 -4.48 -9.39 -8.17
C GLU A 71 -5.87 -8.89 -8.56
N VAL A 72 -6.16 -7.64 -8.20
CA VAL A 72 -7.45 -7.04 -8.52
C VAL A 72 -7.37 -6.24 -9.81
N PRO A 73 -8.31 -6.53 -10.74
CA PRO A 73 -8.37 -5.85 -12.04
C PRO A 73 -8.81 -4.39 -11.90
N ALA A 74 -9.36 -4.05 -10.75
CA ALA A 74 -9.81 -2.68 -10.50
C ALA A 74 -8.71 -1.84 -9.85
N LEU A 75 -7.70 -2.52 -9.34
CA LEU A 75 -6.58 -1.84 -8.69
C LEU A 75 -5.33 -1.90 -9.56
N ARG A 76 -5.32 -2.82 -10.51
CA ARG A 76 -4.18 -2.98 -11.42
C ARG A 76 -3.73 -1.64 -11.96
N LYS A 77 -4.67 -0.89 -12.56
CA LYS A 77 -4.37 0.41 -13.13
C LYS A 77 -3.55 1.26 -12.16
N ARG A 78 -3.74 1.01 -10.86
CA ARG A 78 -3.02 1.74 -9.83
C ARG A 78 -1.63 1.15 -9.61
N ALA A 79 -1.55 -0.18 -9.53
CA ALA A 79 -0.29 -0.87 -9.33
C ALA A 79 0.75 -0.41 -10.35
N GLU A 80 0.38 -0.46 -11.62
CA GLU A 80 1.29 -0.06 -12.70
C GLU A 80 1.82 1.35 -12.46
N ILE A 81 1.01 2.17 -11.79
CA ILE A 81 1.39 3.54 -11.49
C ILE A 81 2.37 3.61 -10.34
N LEU A 82 2.22 2.71 -9.38
CA LEU A 82 3.08 2.66 -8.21
C LEU A 82 4.49 2.20 -8.61
N LYS A 83 4.57 1.25 -9.52
CA LYS A 83 5.84 0.72 -9.99
C LYS A 83 6.67 1.82 -10.65
N LYS A 84 6.09 2.45 -11.67
CA LYS A 84 6.77 3.52 -12.39
C LYS A 84 7.64 4.35 -11.45
N GLU A 85 7.05 4.79 -10.35
CA GLU A 85 7.76 5.59 -9.37
C GLU A 85 8.85 4.77 -8.68
N ARG A 86 8.48 3.57 -8.24
CA ARG A 86 9.43 2.69 -7.56
C ARG A 86 10.72 2.54 -8.37
N SER A 87 10.64 1.76 -9.43
CA SER A 87 11.81 1.53 -10.28
C SER A 87 13.10 1.61 -9.48
N GLU A 88 13.07 1.09 -8.25
CA GLU A 88 14.23 1.10 -7.38
C GLU A 88 14.89 -0.27 -7.34
N SER A 89 15.93 -0.45 -8.15
CA SER A 89 16.65 -1.72 -8.21
C SER A 89 15.71 -2.86 -8.62
N GLY A 90 14.65 -2.50 -9.33
CA GLY A 90 13.69 -3.50 -9.78
C GLY A 90 14.15 -4.22 -11.03
N PRO A 91 13.56 -5.40 -11.29
CA PRO A 91 13.91 -6.21 -12.47
C PRO A 91 13.43 -5.58 -13.77
N SER A 92 13.66 -6.27 -14.88
CA SER A 92 13.26 -5.78 -16.19
C SER A 92 12.40 -6.79 -16.92
N SER A 93 11.49 -7.42 -16.18
CA SER A 93 10.59 -8.42 -16.75
C SER A 93 9.19 -8.29 -16.17
N GLY A 94 8.23 -8.96 -16.81
CA GLY A 94 6.86 -8.90 -16.35
C GLY A 94 6.56 -9.92 -15.26
N GLY A 1 -13.65 17.71 -13.93
CA GLY A 1 -12.42 18.04 -13.24
C GLY A 1 -11.24 18.13 -14.17
N SER A 2 -10.50 17.03 -14.31
CA SER A 2 -9.34 16.99 -15.19
C SER A 2 -8.21 17.86 -14.62
N SER A 3 -8.06 17.85 -13.30
CA SER A 3 -7.03 18.64 -12.63
C SER A 3 -6.38 17.83 -11.51
N GLY A 4 -5.07 17.63 -11.63
CA GLY A 4 -4.35 16.88 -10.61
C GLY A 4 -3.06 17.56 -10.21
N SER A 5 -2.52 17.18 -9.04
CA SER A 5 -1.29 17.77 -8.54
C SER A 5 -0.24 16.68 -8.29
N SER A 6 0.97 17.11 -7.95
CA SER A 6 2.06 16.18 -7.68
C SER A 6 2.26 15.99 -6.18
N GLY A 7 1.17 15.68 -5.49
CA GLY A 7 1.25 15.48 -4.04
C GLY A 7 0.97 14.04 -3.66
N ILE A 8 1.73 13.12 -4.24
CA ILE A 8 1.57 11.70 -3.94
C ILE A 8 2.67 11.20 -3.02
N VAL A 9 2.38 10.15 -2.26
CA VAL A 9 3.36 9.58 -1.33
C VAL A 9 3.37 8.06 -1.43
N LEU A 10 4.56 7.47 -1.31
CA LEU A 10 4.71 6.03 -1.39
C LEU A 10 3.73 5.33 -0.45
N LEU A 11 3.29 6.03 0.58
CA LEU A 11 2.35 5.48 1.54
C LEU A 11 0.91 5.67 1.08
N ARG A 12 0.67 6.78 0.38
CA ARG A 12 -0.67 7.09 -0.13
C ARG A 12 -1.31 5.84 -0.74
N GLY A 13 -0.48 4.91 -1.17
CA GLY A 13 -0.99 3.68 -1.77
C GLY A 13 -2.13 3.07 -0.96
N LEU A 14 -2.19 3.43 0.32
CA LEU A 14 -3.22 2.90 1.20
C LEU A 14 -4.46 3.80 1.18
N GLU A 15 -4.30 5.03 1.65
CA GLU A 15 -5.40 5.99 1.68
C GLU A 15 -6.13 6.02 0.35
N CYS A 16 -5.40 5.77 -0.72
CA CYS A 16 -5.98 5.77 -2.07
C CYS A 16 -7.19 4.84 -2.13
N ILE A 17 -6.98 3.58 -1.80
CA ILE A 17 -8.05 2.59 -1.82
C ILE A 17 -9.07 2.86 -0.73
N ASN A 18 -10.31 2.45 -0.96
CA ASN A 18 -11.38 2.64 0.01
C ASN A 18 -11.36 1.55 1.06
N LYS A 19 -11.88 1.86 2.25
CA LYS A 19 -11.93 0.90 3.34
C LYS A 19 -12.32 -0.49 2.84
N HIS A 20 -13.06 -0.51 1.73
CA HIS A 20 -13.50 -1.78 1.14
C HIS A 20 -12.32 -2.70 0.87
N TYR A 21 -11.44 -2.26 -0.04
CA TYR A 21 -10.26 -3.04 -0.39
C TYR A 21 -9.25 -3.07 0.75
N PHE A 22 -9.04 -1.91 1.38
CA PHE A 22 -8.11 -1.80 2.49
C PHE A 22 -8.33 -2.93 3.49
N SER A 23 -9.59 -3.26 3.74
CA SER A 23 -9.94 -4.31 4.69
C SER A 23 -9.24 -5.62 4.32
N LEU A 24 -9.21 -5.93 3.03
CA LEU A 24 -8.58 -7.15 2.55
C LEU A 24 -7.08 -7.13 2.83
N PHE A 25 -6.44 -6.00 2.54
CA PHE A 25 -5.02 -5.86 2.76
C PHE A 25 -4.64 -6.24 4.19
N LYS A 26 -5.40 -5.73 5.15
CA LYS A 26 -5.15 -6.01 6.56
C LYS A 26 -5.26 -7.51 6.83
N SER A 27 -6.08 -8.20 6.05
CA SER A 27 -6.27 -9.63 6.21
C SER A 27 -5.05 -10.40 5.74
N LEU A 28 -4.38 -9.88 4.71
CA LEU A 28 -3.19 -10.51 4.17
C LEU A 28 -1.96 -10.17 5.01
N LEU A 29 -2.02 -9.05 5.71
CA LEU A 29 -0.92 -8.61 6.56
C LEU A 29 -1.15 -9.02 8.01
N ALA A 30 -2.40 -9.31 8.35
CA ALA A 30 -2.75 -9.72 9.70
C ALA A 30 -1.70 -10.67 10.28
N ARG A 31 -1.23 -11.60 9.46
CA ARG A 31 -0.23 -12.57 9.88
C ARG A 31 1.09 -11.87 10.21
N ASP A 32 1.55 -11.04 9.29
CA ASP A 32 2.81 -10.31 9.48
C ASP A 32 2.65 -9.25 10.56
N LEU A 33 1.78 -8.27 10.31
CA LEU A 33 1.55 -7.20 11.26
C LEU A 33 1.04 -7.75 12.59
N ASN A 34 0.64 -9.01 12.59
CA ASN A 34 0.13 -9.66 13.79
C ASN A 34 -1.13 -8.96 14.29
N LEU A 35 -1.95 -8.49 13.35
CA LEU A 35 -3.20 -7.82 13.69
C LEU A 35 -4.19 -8.77 14.33
N GLU A 36 -5.29 -8.23 14.85
CA GLU A 36 -6.32 -9.04 15.48
C GLU A 36 -7.49 -9.27 14.54
N ARG A 37 -7.60 -10.48 14.01
CA ARG A 37 -8.67 -10.83 13.09
C ARG A 37 -9.97 -10.11 13.47
N ASP A 38 -10.16 -9.89 14.76
CA ASP A 38 -11.35 -9.21 15.26
C ASP A 38 -11.19 -7.69 15.16
N ASN A 39 -10.05 -7.20 15.66
CA ASN A 39 -9.78 -5.76 15.63
C ASN A 39 -8.99 -5.39 14.39
N GLN A 40 -9.37 -5.96 13.25
CA GLN A 40 -8.70 -5.68 12.00
C GLN A 40 -9.30 -4.47 11.31
N GLU A 41 -10.62 -4.45 11.20
CA GLU A 41 -11.32 -3.33 10.57
C GLU A 41 -11.23 -2.07 11.43
N GLN A 42 -11.40 -2.24 12.74
CA GLN A 42 -11.34 -1.12 13.66
C GLN A 42 -10.12 -0.26 13.39
N TYR A 43 -9.10 -0.86 12.79
CA TYR A 43 -7.87 -0.14 12.47
C TYR A 43 -8.10 0.88 11.37
N THR A 44 -7.17 1.83 11.25
CA THR A 44 -7.26 2.87 10.23
C THR A 44 -6.19 2.71 9.17
N THR A 45 -6.14 3.64 8.22
CA THR A 45 -5.16 3.60 7.15
C THR A 45 -3.79 4.05 7.63
N ILE A 46 -3.78 4.77 8.76
CA ILE A 46 -2.53 5.26 9.32
C ILE A 46 -1.85 4.20 10.17
N GLN A 47 -2.46 3.89 11.32
CA GLN A 47 -1.91 2.88 12.22
C GLN A 47 -1.24 1.77 11.45
N ILE A 48 -1.98 1.16 10.53
CA ILE A 48 -1.45 0.07 9.71
C ILE A 48 -0.19 0.50 8.96
N ALA A 49 -0.25 1.70 8.38
CA ALA A 49 0.88 2.24 7.63
C ALA A 49 2.16 2.17 8.46
N ASN A 50 2.16 2.83 9.61
CA ASN A 50 3.32 2.84 10.49
C ASN A 50 3.89 1.45 10.67
N MET A 51 3.12 0.59 11.34
CA MET A 51 3.54 -0.78 11.58
C MET A 51 4.32 -1.33 10.38
N MET A 52 3.79 -1.11 9.18
CA MET A 52 4.43 -1.58 7.96
C MET A 52 5.75 -0.85 7.72
N GLU A 53 5.67 0.48 7.61
CA GLU A 53 6.85 1.30 7.38
C GLU A 53 8.04 0.77 8.18
N GLU A 54 7.76 0.15 9.31
CA GLU A 54 8.81 -0.40 10.16
C GLU A 54 9.08 -1.87 9.82
N LYS A 55 8.01 -2.65 9.69
CA LYS A 55 8.14 -4.07 9.37
C LYS A 55 8.96 -4.26 8.10
N PHE A 56 8.67 -3.45 7.09
CA PHE A 56 9.38 -3.52 5.82
C PHE A 56 9.97 -2.16 5.43
N PRO A 57 11.16 -1.85 5.97
CA PRO A 57 11.84 -0.60 5.71
C PRO A 57 12.37 -0.51 4.27
N ALA A 58 12.29 -1.63 3.55
CA ALA A 58 12.75 -1.68 2.17
C ALA A 58 11.73 -1.05 1.23
N ASP A 59 10.52 -1.58 1.24
CA ASP A 59 9.46 -1.07 0.38
C ASP A 59 8.51 -0.17 1.16
N SER A 60 8.53 -0.31 2.49
CA SER A 60 7.67 0.49 3.36
C SER A 60 6.20 0.20 3.08
N GLY A 61 5.92 -1.03 2.68
CA GLY A 61 4.54 -1.42 2.39
C GLY A 61 4.14 -1.10 0.97
N LEU A 62 5.13 -0.90 0.10
CA LEU A 62 4.87 -0.58 -1.30
C LEU A 62 4.53 -1.84 -2.10
N GLY A 63 5.54 -2.68 -2.32
CA GLY A 63 5.33 -3.90 -3.06
C GLY A 63 4.11 -4.66 -2.59
N LYS A 64 4.13 -5.10 -1.34
CA LYS A 64 3.01 -5.85 -0.77
C LYS A 64 1.69 -5.27 -1.23
N LEU A 65 1.61 -3.95 -1.31
CA LEU A 65 0.41 -3.27 -1.74
C LEU A 65 0.23 -3.35 -3.26
N ILE A 66 1.33 -3.15 -3.98
CA ILE A 66 1.31 -3.21 -5.44
C ILE A 66 0.65 -4.50 -5.92
N GLU A 67 1.19 -5.63 -5.49
CA GLU A 67 0.66 -6.93 -5.88
C GLU A 67 -0.83 -7.02 -5.56
N PHE A 68 -1.20 -6.56 -4.37
CA PHE A 68 -2.60 -6.60 -3.94
C PHE A 68 -3.50 -5.90 -4.95
N CYS A 69 -2.95 -4.88 -5.61
CA CYS A 69 -3.70 -4.11 -6.60
C CYS A 69 -3.78 -4.87 -7.92
N GLU A 70 -2.83 -5.77 -8.14
CA GLU A 70 -2.79 -6.55 -9.37
C GLU A 70 -3.93 -7.57 -9.40
N GLU A 71 -3.94 -8.47 -8.42
CA GLU A 71 -4.98 -9.49 -8.34
C GLU A 71 -6.35 -8.91 -8.65
N VAL A 72 -6.52 -7.62 -8.36
CA VAL A 72 -7.78 -6.93 -8.61
C VAL A 72 -7.74 -6.15 -9.91
N PRO A 73 -8.65 -6.49 -10.84
CA PRO A 73 -8.73 -5.84 -12.15
C PRO A 73 -9.24 -4.40 -12.05
N ALA A 74 -9.46 -3.95 -10.81
CA ALA A 74 -9.93 -2.59 -10.58
C ALA A 74 -8.87 -1.74 -9.90
N LEU A 75 -7.72 -2.36 -9.62
CA LEU A 75 -6.62 -1.65 -8.97
C LEU A 75 -5.35 -1.75 -9.81
N ARG A 76 -5.32 -2.70 -10.75
CA ARG A 76 -4.17 -2.89 -11.62
C ARG A 76 -3.65 -1.56 -12.14
N LYS A 77 -4.50 -0.85 -12.86
CA LYS A 77 -4.13 0.45 -13.42
C LYS A 77 -3.31 1.26 -12.43
N ARG A 78 -3.56 1.02 -11.14
CA ARG A 78 -2.84 1.73 -10.09
C ARG A 78 -1.47 1.12 -9.85
N ALA A 79 -1.44 -0.17 -9.55
CA ALA A 79 -0.19 -0.88 -9.30
C ALA A 79 0.91 -0.37 -10.22
N GLU A 80 0.75 -0.59 -11.52
CA GLU A 80 1.73 -0.15 -12.51
C GLU A 80 2.26 1.24 -12.16
N ILE A 81 1.34 2.15 -11.88
CA ILE A 81 1.71 3.52 -11.53
C ILE A 81 2.62 3.56 -10.32
N LEU A 82 2.29 2.74 -9.32
CA LEU A 82 3.08 2.68 -8.09
C LEU A 82 4.52 2.31 -8.40
N LYS A 83 4.71 1.43 -9.37
CA LYS A 83 6.04 0.98 -9.75
C LYS A 83 6.82 2.11 -10.43
N LYS A 84 6.18 2.76 -11.40
CA LYS A 84 6.81 3.86 -12.13
C LYS A 84 7.65 4.72 -11.19
N GLU A 85 7.27 4.74 -9.91
CA GLU A 85 7.99 5.52 -8.93
C GLU A 85 9.00 4.66 -8.18
N ARG A 86 8.61 3.42 -7.89
CA ARG A 86 9.48 2.48 -7.18
C ARG A 86 10.79 2.28 -7.94
N SER A 87 10.72 2.36 -9.25
CA SER A 87 11.91 2.18 -10.10
C SER A 87 11.94 3.21 -11.21
N GLU A 88 13.14 3.50 -11.72
CA GLU A 88 13.30 4.47 -12.80
C GLU A 88 14.15 3.89 -13.92
N SER A 89 15.33 3.38 -13.57
CA SER A 89 16.24 2.80 -14.55
C SER A 89 15.53 1.72 -15.37
N GLY A 90 14.72 0.92 -14.71
CA GLY A 90 14.00 -0.14 -15.39
C GLY A 90 14.89 -1.33 -15.71
N PRO A 91 14.31 -2.32 -16.41
CA PRO A 91 15.03 -3.54 -16.79
C PRO A 91 16.10 -3.27 -17.85
N SER A 92 15.84 -2.30 -18.71
CA SER A 92 16.77 -1.94 -19.77
C SER A 92 16.83 -0.43 -19.97
N SER A 93 17.70 0.01 -20.87
CA SER A 93 17.86 1.43 -21.15
C SER A 93 18.07 1.67 -22.64
N GLY A 94 17.36 2.66 -23.19
CA GLY A 94 17.48 2.97 -24.60
C GLY A 94 18.87 3.46 -24.96
N GLY A 1 -7.01 26.86 -9.07
CA GLY A 1 -8.43 26.93 -9.34
C GLY A 1 -9.16 25.67 -8.91
N SER A 2 -9.00 24.61 -9.69
CA SER A 2 -9.65 23.34 -9.39
C SER A 2 -8.74 22.44 -8.55
N SER A 3 -7.56 22.15 -9.09
CA SER A 3 -6.60 21.31 -8.39
C SER A 3 -5.72 22.13 -7.47
N GLY A 4 -5.62 21.69 -6.22
CA GLY A 4 -4.80 22.40 -5.24
C GLY A 4 -3.43 21.78 -5.07
N SER A 5 -3.16 21.28 -3.87
CA SER A 5 -1.88 20.66 -3.58
C SER A 5 -1.94 19.14 -3.79
N SER A 6 -1.02 18.63 -4.60
CA SER A 6 -0.98 17.20 -4.89
C SER A 6 -0.67 16.40 -3.64
N GLY A 7 0.47 16.71 -3.01
CA GLY A 7 0.86 16.00 -1.80
C GLY A 7 0.69 14.50 -1.92
N ILE A 8 1.06 13.95 -3.07
CA ILE A 8 0.95 12.52 -3.30
C ILE A 8 2.24 11.79 -2.95
N VAL A 9 2.15 10.78 -2.10
CA VAL A 9 3.31 10.01 -1.69
C VAL A 9 3.03 8.51 -1.76
N LEU A 10 4.07 7.73 -2.00
CA LEU A 10 3.94 6.28 -2.09
C LEU A 10 3.10 5.74 -0.92
N LEU A 11 3.17 6.42 0.22
CA LEU A 11 2.41 6.02 1.40
C LEU A 11 0.91 6.05 1.13
N ARG A 12 0.47 7.08 0.42
CA ARG A 12 -0.95 7.24 0.10
C ARG A 12 -1.47 5.99 -0.59
N GLY A 13 -0.57 5.21 -1.17
CA GLY A 13 -0.98 3.99 -1.86
C GLY A 13 -2.07 3.26 -1.14
N LEU A 14 -2.14 3.44 0.18
CA LEU A 14 -3.15 2.78 1.00
C LEU A 14 -4.46 3.56 0.98
N GLU A 15 -4.37 4.85 1.27
CA GLU A 15 -5.55 5.71 1.29
C GLU A 15 -6.26 5.69 -0.06
N CYS A 16 -5.48 5.63 -1.14
CA CYS A 16 -6.04 5.61 -2.48
C CYS A 16 -7.20 4.62 -2.57
N ILE A 17 -6.95 3.37 -2.20
CA ILE A 17 -7.97 2.34 -2.23
C ILE A 17 -9.05 2.59 -1.17
N ASN A 18 -10.30 2.38 -1.55
CA ASN A 18 -11.42 2.58 -0.63
C ASN A 18 -11.34 1.61 0.54
N LYS A 19 -11.97 1.98 1.64
CA LYS A 19 -11.97 1.14 2.85
C LYS A 19 -12.45 -0.27 2.51
N HIS A 20 -13.13 -0.41 1.37
CA HIS A 20 -13.64 -1.71 0.95
C HIS A 20 -12.49 -2.69 0.70
N TYR A 21 -11.61 -2.34 -0.23
CA TYR A 21 -10.47 -3.19 -0.56
C TYR A 21 -9.45 -3.19 0.57
N PHE A 22 -9.19 -2.02 1.13
CA PHE A 22 -8.24 -1.88 2.22
C PHE A 22 -8.41 -3.00 3.25
N SER A 23 -9.66 -3.36 3.50
CA SER A 23 -9.97 -4.43 4.46
C SER A 23 -9.18 -5.69 4.15
N LEU A 24 -9.19 -6.08 2.88
CA LEU A 24 -8.48 -7.28 2.43
C LEU A 24 -7.00 -7.18 2.76
N PHE A 25 -6.36 -6.12 2.27
CA PHE A 25 -4.94 -5.90 2.52
C PHE A 25 -4.57 -6.22 3.96
N LYS A 26 -5.35 -5.67 4.90
CA LYS A 26 -5.11 -5.89 6.31
C LYS A 26 -5.19 -7.37 6.65
N SER A 27 -6.12 -8.07 6.02
CA SER A 27 -6.30 -9.50 6.25
C SER A 27 -5.10 -10.29 5.75
N LEU A 28 -4.45 -9.76 4.72
CA LEU A 28 -3.28 -10.41 4.14
C LEU A 28 -2.03 -10.15 4.98
N LEU A 29 -1.95 -8.95 5.55
CA LEU A 29 -0.81 -8.59 6.38
C LEU A 29 -1.04 -8.99 7.84
N ALA A 30 -2.30 -9.16 8.20
CA ALA A 30 -2.66 -9.55 9.57
C ALA A 30 -1.63 -10.51 10.14
N ARG A 31 -1.31 -11.55 9.38
CA ARG A 31 -0.33 -12.55 9.82
C ARG A 31 0.98 -11.88 10.24
N ASP A 32 1.61 -11.20 9.29
CA ASP A 32 2.88 -10.52 9.55
C ASP A 32 2.69 -9.41 10.59
N LEU A 33 1.88 -8.42 10.24
CA LEU A 33 1.61 -7.30 11.13
C LEU A 33 1.09 -7.79 12.48
N ASN A 34 0.51 -8.98 12.48
CA ASN A 34 -0.03 -9.57 13.70
C ASN A 34 -1.30 -8.84 14.14
N LEU A 35 -2.09 -8.40 13.16
CA LEU A 35 -3.34 -7.69 13.45
C LEU A 35 -4.40 -8.64 13.98
N GLU A 36 -5.49 -8.08 14.48
CA GLU A 36 -6.59 -8.87 15.02
C GLU A 36 -7.69 -9.07 13.97
N ARG A 37 -7.66 -10.22 13.31
CA ARG A 37 -8.65 -10.53 12.28
C ARG A 37 -10.02 -9.97 12.66
N ASP A 38 -10.28 -9.89 13.96
CA ASP A 38 -11.55 -9.37 14.45
C ASP A 38 -11.47 -7.86 14.68
N ASN A 39 -10.44 -7.43 15.39
CA ASN A 39 -10.24 -6.02 15.68
C ASN A 39 -9.40 -5.34 14.61
N GLN A 40 -9.65 -5.72 13.35
CA GLN A 40 -8.91 -5.16 12.23
C GLN A 40 -9.56 -3.87 11.74
N GLU A 41 -10.82 -3.66 12.13
CA GLU A 41 -11.55 -2.46 11.73
C GLU A 41 -10.93 -1.22 12.35
N GLN A 42 -10.57 -1.30 13.62
CA GLN A 42 -9.97 -0.18 14.32
C GLN A 42 -8.76 0.36 13.56
N TYR A 43 -7.96 -0.55 13.02
CA TYR A 43 -6.77 -0.17 12.27
C TYR A 43 -7.15 0.54 10.97
N THR A 44 -6.42 1.60 10.64
CA THR A 44 -6.68 2.36 9.44
C THR A 44 -5.42 2.49 8.59
N THR A 45 -5.58 2.96 7.35
CA THR A 45 -4.46 3.13 6.44
C THR A 45 -3.29 3.80 7.14
N ILE A 46 -3.57 4.56 8.19
CA ILE A 46 -2.54 5.25 8.94
C ILE A 46 -1.79 4.30 9.85
N GLN A 47 -2.49 3.75 10.84
CA GLN A 47 -1.89 2.80 11.77
C GLN A 47 -1.16 1.69 11.03
N ILE A 48 -1.85 1.06 10.10
CA ILE A 48 -1.27 -0.04 9.32
C ILE A 48 0.01 0.42 8.63
N ALA A 49 -0.02 1.61 8.05
CA ALA A 49 1.14 2.16 7.36
C ALA A 49 2.38 2.14 8.26
N ASN A 50 2.30 2.89 9.36
CA ASN A 50 3.41 2.96 10.30
C ASN A 50 3.94 1.57 10.62
N MET A 51 3.04 0.67 10.99
CA MET A 51 3.42 -0.70 11.31
C MET A 51 4.27 -1.32 10.21
N MET A 52 3.95 -0.97 8.97
CA MET A 52 4.68 -1.50 7.82
C MET A 52 6.04 -0.80 7.68
N GLU A 53 6.06 0.51 7.92
CA GLU A 53 7.29 1.28 7.83
C GLU A 53 8.42 0.61 8.60
N GLU A 54 8.09 0.12 9.80
CA GLU A 54 9.08 -0.56 10.64
C GLU A 54 9.23 -2.02 10.26
N LYS A 55 8.09 -2.68 10.04
CA LYS A 55 8.08 -4.09 9.67
C LYS A 55 8.94 -4.33 8.43
N PHE A 56 8.53 -3.74 7.31
CA PHE A 56 9.25 -3.89 6.05
C PHE A 56 9.93 -2.58 5.67
N PRO A 57 11.13 -2.36 6.22
CA PRO A 57 11.91 -1.15 5.94
C PRO A 57 12.46 -1.12 4.52
N ALA A 58 12.23 -2.20 3.78
CA ALA A 58 12.68 -2.30 2.40
C ALA A 58 11.79 -1.48 1.47
N ASP A 59 10.50 -1.76 1.51
CA ASP A 59 9.54 -1.06 0.66
C ASP A 59 8.56 -0.25 1.50
N SER A 60 8.61 -0.46 2.82
CA SER A 60 7.72 0.24 3.74
C SER A 60 6.26 -0.12 3.46
N GLY A 61 6.04 -1.32 2.94
CA GLY A 61 4.70 -1.76 2.64
C GLY A 61 4.25 -1.37 1.25
N LEU A 62 5.18 -0.84 0.46
CA LEU A 62 4.88 -0.42 -0.91
C LEU A 62 4.71 -1.63 -1.82
N GLY A 63 5.61 -2.60 -1.68
CA GLY A 63 5.54 -3.80 -2.50
C GLY A 63 4.33 -4.66 -2.17
N LYS A 64 4.17 -4.97 -0.89
CA LYS A 64 3.05 -5.80 -0.44
C LYS A 64 1.73 -5.24 -0.94
N LEU A 65 1.65 -3.91 -1.07
CA LEU A 65 0.45 -3.26 -1.55
C LEU A 65 0.27 -3.45 -3.05
N ILE A 66 1.32 -3.15 -3.80
CA ILE A 66 1.28 -3.30 -5.26
C ILE A 66 0.66 -4.63 -5.66
N GLU A 67 1.26 -5.72 -5.18
CA GLU A 67 0.76 -7.05 -5.49
C GLU A 67 -0.74 -7.16 -5.22
N PHE A 68 -1.16 -6.65 -4.07
CA PHE A 68 -2.57 -6.68 -3.69
C PHE A 68 -3.43 -6.00 -4.76
N CYS A 69 -2.87 -5.01 -5.43
CA CYS A 69 -3.58 -4.28 -6.47
C CYS A 69 -3.65 -5.10 -7.76
N GLU A 70 -2.67 -5.97 -7.95
CA GLU A 70 -2.61 -6.81 -9.14
C GLU A 70 -3.79 -7.78 -9.18
N GLU A 71 -3.96 -8.54 -8.10
CA GLU A 71 -5.06 -9.51 -8.01
C GLU A 71 -6.36 -8.90 -8.50
N VAL A 72 -6.53 -7.60 -8.25
CA VAL A 72 -7.74 -6.90 -8.68
C VAL A 72 -7.50 -6.09 -9.94
N PRO A 73 -8.33 -6.32 -10.96
CA PRO A 73 -8.22 -5.62 -12.24
C PRO A 73 -8.60 -4.14 -12.14
N ALA A 74 -9.47 -3.83 -11.17
CA ALA A 74 -9.90 -2.45 -10.96
C ALA A 74 -8.85 -1.65 -10.20
N LEU A 75 -7.85 -2.34 -9.66
CA LEU A 75 -6.78 -1.70 -8.92
C LEU A 75 -5.47 -1.75 -9.70
N ARG A 76 -5.44 -2.56 -10.75
CA ARG A 76 -4.25 -2.69 -11.58
C ARG A 76 -3.87 -1.35 -12.22
N LYS A 77 -4.80 -0.41 -12.17
CA LYS A 77 -4.57 0.91 -12.75
C LYS A 77 -3.65 1.74 -11.86
N ARG A 78 -3.64 1.43 -10.56
CA ARG A 78 -2.80 2.14 -9.61
C ARG A 78 -1.45 1.44 -9.46
N ALA A 79 -1.47 0.13 -9.36
CA ALA A 79 -0.25 -0.66 -9.21
C ALA A 79 0.83 -0.18 -10.18
N GLU A 80 0.45 0.00 -11.44
CA GLU A 80 1.38 0.44 -12.47
C GLU A 80 1.91 1.84 -12.14
N ILE A 81 1.07 2.65 -11.53
CA ILE A 81 1.46 4.01 -11.16
C ILE A 81 2.45 4.01 -10.00
N LEU A 82 2.18 3.16 -9.01
CA LEU A 82 3.05 3.06 -7.84
C LEU A 82 4.38 2.39 -8.20
N LYS A 83 4.29 1.26 -8.91
CA LYS A 83 5.48 0.53 -9.33
C LYS A 83 6.43 1.43 -10.09
N LYS A 84 5.97 1.95 -11.21
CA LYS A 84 6.78 2.84 -12.05
C LYS A 84 7.68 3.72 -11.18
N GLU A 85 7.07 4.47 -10.27
CA GLU A 85 7.81 5.35 -9.38
C GLU A 85 8.84 4.57 -8.58
N ARG A 86 8.41 3.47 -7.97
CA ARG A 86 9.29 2.63 -7.17
C ARG A 86 10.67 2.50 -7.83
N SER A 87 10.68 1.99 -9.06
CA SER A 87 11.92 1.81 -9.79
C SER A 87 12.40 3.13 -10.38
N GLU A 88 13.70 3.39 -10.25
CA GLU A 88 14.29 4.62 -10.77
C GLU A 88 15.44 4.31 -11.73
N SER A 89 16.26 3.35 -11.35
CA SER A 89 17.41 2.96 -12.19
C SER A 89 17.09 1.72 -13.01
N GLY A 90 15.84 1.27 -12.92
CA GLY A 90 15.42 0.10 -13.67
C GLY A 90 15.37 -1.15 -12.80
N PRO A 91 15.44 -2.32 -13.44
CA PRO A 91 15.39 -3.62 -12.74
C PRO A 91 16.66 -3.88 -11.94
N SER A 92 16.49 -4.22 -10.67
CA SER A 92 17.62 -4.49 -9.78
C SER A 92 17.49 -5.87 -9.14
N SER A 93 18.63 -6.50 -8.91
CA SER A 93 18.64 -7.84 -8.31
C SER A 93 19.68 -7.91 -7.18
N GLY A 94 19.29 -8.52 -6.07
CA GLY A 94 20.19 -8.64 -4.95
C GLY A 94 20.35 -10.08 -4.48
N GLY A 1 -13.97 13.94 -5.56
CA GLY A 1 -12.61 14.38 -5.82
C GLY A 1 -12.47 15.89 -5.80
N SER A 2 -12.74 16.50 -4.65
CA SER A 2 -12.65 17.95 -4.53
C SER A 2 -11.31 18.45 -5.04
N SER A 3 -11.31 18.97 -6.27
CA SER A 3 -10.10 19.49 -6.88
C SER A 3 -9.45 20.55 -6.00
N GLY A 4 -8.15 20.78 -6.20
CA GLY A 4 -7.44 21.76 -5.41
C GLY A 4 -6.02 21.33 -5.09
N SER A 5 -5.79 20.95 -3.84
CA SER A 5 -4.47 20.51 -3.41
C SER A 5 -4.15 19.12 -3.93
N SER A 6 -2.88 18.89 -4.26
CA SER A 6 -2.45 17.60 -4.77
C SER A 6 -1.64 16.84 -3.74
N GLY A 7 -2.05 16.94 -2.48
CA GLY A 7 -1.35 16.26 -1.40
C GLY A 7 -1.40 14.76 -1.54
N ILE A 8 -0.45 14.20 -2.29
CA ILE A 8 -0.40 12.76 -2.50
C ILE A 8 1.02 12.23 -2.31
N VAL A 9 1.15 11.15 -1.54
CA VAL A 9 2.45 10.54 -1.28
C VAL A 9 2.42 9.04 -1.52
N LEU A 10 3.59 8.45 -1.70
CA LEU A 10 3.69 7.02 -1.93
C LEU A 10 2.90 6.23 -0.90
N LEU A 11 2.69 6.84 0.26
CA LEU A 11 1.93 6.21 1.34
C LEU A 11 0.44 6.15 1.00
N ARG A 12 -0.03 7.17 0.28
CA ARG A 12 -1.43 7.23 -0.09
C ARG A 12 -1.87 5.95 -0.78
N GLY A 13 -0.90 5.14 -1.22
CA GLY A 13 -1.20 3.89 -1.88
C GLY A 13 -2.22 3.06 -1.13
N LEU A 14 -2.40 3.39 0.15
CA LEU A 14 -3.35 2.66 0.98
C LEU A 14 -4.73 3.32 0.97
N GLU A 15 -4.75 4.61 1.31
CA GLU A 15 -6.00 5.36 1.34
C GLU A 15 -6.65 5.38 -0.04
N CYS A 16 -5.84 5.55 -1.07
CA CYS A 16 -6.33 5.59 -2.44
C CYS A 16 -7.47 4.59 -2.63
N ILE A 17 -7.15 3.31 -2.47
CA ILE A 17 -8.14 2.25 -2.62
C ILE A 17 -9.29 2.43 -1.64
N ASN A 18 -10.51 2.24 -2.11
CA ASN A 18 -11.70 2.38 -1.27
C ASN A 18 -11.61 1.45 -0.06
N LYS A 19 -12.11 1.93 1.08
CA LYS A 19 -12.09 1.15 2.30
C LYS A 19 -12.39 -0.32 2.03
N HIS A 20 -13.18 -0.56 0.98
CA HIS A 20 -13.55 -1.93 0.61
C HIS A 20 -12.31 -2.80 0.44
N TYR A 21 -11.39 -2.35 -0.41
CA TYR A 21 -10.16 -3.09 -0.65
C TYR A 21 -9.20 -2.97 0.52
N PHE A 22 -9.01 -1.75 1.01
CA PHE A 22 -8.12 -1.50 2.14
C PHE A 22 -8.28 -2.58 3.21
N SER A 23 -9.53 -2.90 3.53
CA SER A 23 -9.82 -3.92 4.55
C SER A 23 -9.12 -5.23 4.21
N LEU A 24 -9.24 -5.65 2.96
CA LEU A 24 -8.61 -6.90 2.52
C LEU A 24 -7.11 -6.89 2.79
N PHE A 25 -6.44 -5.82 2.37
CA PHE A 25 -5.01 -5.68 2.58
C PHE A 25 -4.63 -5.99 4.02
N LYS A 26 -5.40 -5.44 4.96
CA LYS A 26 -5.15 -5.66 6.37
C LYS A 26 -5.29 -7.14 6.73
N SER A 27 -6.23 -7.81 6.08
CA SER A 27 -6.47 -9.23 6.33
C SER A 27 -5.28 -10.07 5.88
N LEU A 28 -4.74 -9.74 4.71
CA LEU A 28 -3.58 -10.46 4.16
C LEU A 28 -2.34 -10.20 5.00
N LEU A 29 -2.19 -8.97 5.48
CA LEU A 29 -1.04 -8.60 6.30
C LEU A 29 -1.27 -8.97 7.76
N ALA A 30 -2.54 -9.08 8.14
CA ALA A 30 -2.90 -9.43 9.51
C ALA A 30 -1.87 -10.38 10.12
N ARG A 31 -1.58 -11.46 9.41
CA ARG A 31 -0.61 -12.45 9.88
C ARG A 31 0.69 -11.78 10.29
N ASP A 32 1.35 -11.13 9.33
CA ASP A 32 2.61 -10.46 9.58
C ASP A 32 2.42 -9.31 10.57
N LEU A 33 1.63 -8.32 10.15
CA LEU A 33 1.36 -7.15 11.00
C LEU A 33 0.74 -7.58 12.33
N ASN A 34 0.34 -8.84 12.41
CA ASN A 34 -0.27 -9.37 13.63
C ASN A 34 -1.49 -8.54 14.04
N LEU A 35 -2.26 -8.10 13.05
CA LEU A 35 -3.45 -7.29 13.30
C LEU A 35 -4.53 -8.12 13.99
N GLU A 36 -5.67 -7.50 14.24
CA GLU A 36 -6.79 -8.18 14.89
C GLU A 36 -7.48 -9.13 13.91
N ARG A 37 -7.60 -10.39 14.32
CA ARG A 37 -8.24 -11.41 13.48
C ARG A 37 -9.35 -10.80 12.65
N ASP A 38 -10.26 -10.08 13.30
CA ASP A 38 -11.38 -9.44 12.62
C ASP A 38 -11.48 -7.97 12.99
N ASN A 39 -10.99 -7.63 14.18
CA ASN A 39 -11.03 -6.25 14.66
C ASN A 39 -9.95 -5.42 13.99
N GLN A 40 -9.81 -5.57 12.68
CA GLN A 40 -8.81 -4.83 11.93
C GLN A 40 -9.28 -3.42 11.62
N GLU A 41 -10.60 -3.25 11.50
CA GLU A 41 -11.18 -1.96 11.21
C GLU A 41 -10.66 -0.89 12.18
N GLN A 42 -10.53 -1.28 13.44
CA GLN A 42 -10.05 -0.36 14.47
C GLN A 42 -8.79 0.37 14.01
N TYR A 43 -7.99 -0.31 13.18
CA TYR A 43 -6.75 0.26 12.67
C TYR A 43 -7.04 1.25 11.54
N THR A 44 -6.13 2.19 11.34
CA THR A 44 -6.29 3.20 10.30
C THR A 44 -5.14 3.13 9.30
N THR A 45 -5.42 3.49 8.05
CA THR A 45 -4.41 3.47 7.00
C THR A 45 -3.05 3.88 7.54
N ILE A 46 -3.06 4.81 8.49
CA ILE A 46 -1.82 5.29 9.09
C ILE A 46 -1.13 4.18 9.89
N GLN A 47 -1.77 3.76 10.98
CA GLN A 47 -1.21 2.72 11.83
C GLN A 47 -0.67 1.57 10.98
N ILE A 48 -1.41 1.21 9.94
CA ILE A 48 -1.00 0.12 9.06
C ILE A 48 0.21 0.51 8.22
N ALA A 49 0.34 1.81 7.96
CA ALA A 49 1.47 2.31 7.18
C ALA A 49 2.74 2.39 8.03
N ASN A 50 2.61 2.97 9.22
CA ASN A 50 3.75 3.10 10.12
C ASN A 50 4.29 1.74 10.52
N MET A 51 3.39 0.80 10.82
CA MET A 51 3.78 -0.55 11.22
C MET A 51 4.58 -1.22 10.11
N MET A 52 4.10 -1.12 8.87
CA MET A 52 4.77 -1.72 7.73
C MET A 52 6.11 -1.04 7.46
N GLU A 53 6.11 0.29 7.53
CA GLU A 53 7.32 1.06 7.29
C GLU A 53 8.53 0.39 7.95
N GLU A 54 8.32 -0.15 9.13
CA GLU A 54 9.39 -0.82 9.87
C GLU A 54 9.38 -2.32 9.61
N LYS A 55 8.19 -2.92 9.68
CA LYS A 55 8.04 -4.36 9.45
C LYS A 55 8.87 -4.79 8.24
N PHE A 56 8.66 -4.12 7.12
CA PHE A 56 9.39 -4.44 5.88
C PHE A 56 10.23 -3.26 5.43
N PRO A 57 11.47 -3.17 5.93
CA PRO A 57 12.40 -2.09 5.58
C PRO A 57 12.88 -2.19 4.14
N ALA A 58 12.46 -3.24 3.44
CA ALA A 58 12.86 -3.45 2.06
C ALA A 58 12.01 -2.60 1.12
N ASP A 59 10.70 -2.79 1.18
CA ASP A 59 9.78 -2.03 0.32
C ASP A 59 8.73 -1.31 1.17
N SER A 60 9.08 -1.02 2.42
CA SER A 60 8.17 -0.34 3.33
C SER A 60 6.74 -0.86 3.14
N GLY A 61 6.61 -2.12 2.77
CA GLY A 61 5.30 -2.71 2.56
C GLY A 61 4.75 -2.43 1.18
N LEU A 62 5.19 -1.33 0.58
CA LEU A 62 4.74 -0.95 -0.75
C LEU A 62 4.58 -2.17 -1.65
N GLY A 63 5.60 -3.02 -1.67
CA GLY A 63 5.55 -4.22 -2.48
C GLY A 63 4.33 -5.07 -2.20
N LYS A 64 4.15 -5.43 -0.93
CA LYS A 64 3.01 -6.25 -0.52
C LYS A 64 1.70 -5.63 -1.00
N LEU A 65 1.66 -4.30 -1.04
CA LEU A 65 0.47 -3.58 -1.48
C LEU A 65 0.28 -3.69 -2.99
N ILE A 66 1.35 -3.39 -3.72
CA ILE A 66 1.31 -3.46 -5.18
C ILE A 66 0.73 -4.79 -5.66
N GLU A 67 1.25 -5.88 -5.12
CA GLU A 67 0.79 -7.21 -5.48
C GLU A 67 -0.72 -7.35 -5.23
N PHE A 68 -1.16 -6.87 -4.08
CA PHE A 68 -2.57 -6.93 -3.71
C PHE A 68 -3.44 -6.31 -4.79
N CYS A 69 -2.91 -5.29 -5.47
CA CYS A 69 -3.65 -4.61 -6.53
C CYS A 69 -3.65 -5.45 -7.81
N GLU A 70 -2.53 -6.09 -8.10
CA GLU A 70 -2.40 -6.92 -9.30
C GLU A 70 -3.54 -7.93 -9.37
N GLU A 71 -3.71 -8.70 -8.31
CA GLU A 71 -4.77 -9.71 -8.26
C GLU A 71 -6.11 -9.12 -8.67
N VAL A 72 -6.24 -7.80 -8.52
CA VAL A 72 -7.47 -7.11 -8.88
C VAL A 72 -7.28 -6.25 -10.13
N PRO A 73 -8.19 -6.42 -11.10
CA PRO A 73 -8.15 -5.68 -12.36
C PRO A 73 -8.46 -4.19 -12.17
N ALA A 74 -9.27 -3.89 -11.16
CA ALA A 74 -9.64 -2.51 -10.88
C ALA A 74 -8.53 -1.79 -10.12
N LEU A 75 -7.58 -2.56 -9.60
CA LEU A 75 -6.47 -1.98 -8.85
C LEU A 75 -5.17 -2.03 -9.67
N ARG A 76 -5.15 -2.92 -10.66
CA ARG A 76 -3.98 -3.06 -11.52
C ARG A 76 -3.51 -1.70 -12.03
N LYS A 77 -4.44 -0.94 -12.60
CA LYS A 77 -4.14 0.38 -13.13
C LYS A 77 -3.49 1.26 -12.06
N ARG A 78 -3.73 0.92 -10.80
CA ARG A 78 -3.17 1.69 -9.69
C ARG A 78 -1.78 1.17 -9.33
N ALA A 79 -1.64 -0.15 -9.30
CA ALA A 79 -0.36 -0.77 -8.96
C ALA A 79 0.78 -0.17 -9.78
N GLU A 80 0.72 -0.36 -11.09
CA GLU A 80 1.74 0.16 -11.99
C GLU A 80 2.14 1.58 -11.58
N ILE A 81 1.14 2.42 -11.36
CA ILE A 81 1.40 3.81 -10.97
C ILE A 81 2.32 3.88 -9.76
N LEU A 82 2.05 3.04 -8.77
CA LEU A 82 2.86 3.00 -7.56
C LEU A 82 4.24 2.40 -7.83
N LYS A 83 4.36 1.71 -8.96
CA LYS A 83 5.63 1.10 -9.35
C LYS A 83 6.53 2.11 -10.04
N LYS A 84 5.95 2.96 -10.87
CA LYS A 84 6.71 3.98 -11.58
C LYS A 84 7.53 4.83 -10.61
N GLU A 85 6.86 5.41 -9.63
CA GLU A 85 7.52 6.24 -8.64
C GLU A 85 8.46 5.42 -7.77
N ARG A 86 7.97 4.25 -7.34
CA ARG A 86 8.76 3.36 -6.49
C ARG A 86 10.24 3.41 -6.88
N SER A 87 10.52 3.07 -8.14
CA SER A 87 11.89 3.07 -8.63
C SER A 87 12.24 4.40 -9.29
N GLU A 88 13.46 4.87 -9.07
CA GLU A 88 13.91 6.13 -9.63
C GLU A 88 15.02 5.90 -10.65
N SER A 89 14.63 5.59 -11.88
CA SER A 89 15.60 5.35 -12.94
C SER A 89 16.70 4.42 -12.47
N GLY A 90 16.32 3.38 -11.75
CA GLY A 90 17.30 2.43 -11.25
C GLY A 90 18.33 2.05 -12.28
N PRO A 91 19.57 1.79 -11.83
CA PRO A 91 20.67 1.42 -12.72
C PRO A 91 20.50 0.02 -13.30
N SER A 92 20.41 -0.05 -14.63
CA SER A 92 20.23 -1.32 -15.31
C SER A 92 21.31 -1.52 -16.38
N SER A 93 22.18 -2.49 -16.16
CA SER A 93 23.26 -2.77 -17.11
C SER A 93 23.06 -4.13 -17.77
N GLY A 94 22.85 -4.12 -19.08
CA GLY A 94 22.65 -5.35 -19.81
C GLY A 94 21.18 -5.67 -20.01
#